data_8JU5
#
_entry.id   8JU5
#
_cell.length_a   1.00
_cell.length_b   1.00
_cell.length_c   1.00
_cell.angle_alpha   90.00
_cell.angle_beta   90.00
_cell.angle_gamma   90.00
#
_symmetry.space_group_name_H-M   'P 1'
#
loop_
_entity.id
_entity.type
_entity.pdbx_description
1 polymer 'Transient receptor potential cation channel subfamily V member 4,3C-GFP'
2 non-polymer 4-[(3~{S},4~{S})-4-(aminomethyl)-1-(5-chloranylpyridin-2-yl)sulfonyl-4-oxidanyl-pyrrolidin-3-yl]oxy-2-fluoranyl-benzenecarbonitrile
#
_entity_poly.entity_id   1
_entity_poly.type   'polypeptide(L)'
_entity_poly.pdbx_seq_one_letter_code
;MADSSEGPRAGPGEVAELPGDESGTPGGEAFPLSSLANLFEGEDGSLSPSPADASRPAGPGDGRPNLRMKFQGAFRKGVP
NPIDLLESTLYESSVVPGPKKAPMDSLFDYGTYRHHSSDNKRWRKKIIEKQPQSPKAPAPQPPPILKVFNRPILFDIVSR
GSTADLDGLLPFLLTHKKRLTDEEFREPSTGKTCLPKALLNLSNGRNDTIPVLLDIAERTGNMREFINSPFRDIYYRGQT
ALHIAIERRCKHYVELLVAQGADVHAQARGRFFQPKDEGGYFYFGELPLSLAACTNQPHIVNYLTENPHKKADMRRQDSR
GNTVLHALVAIADNTRENTKFVTKMYDLLLLKCARLFPDSNLEAVLNNDGLSPLMMAAKTGKIGIFQHIIRREVTDEDTR
HLSRKFKDWAYGPVYSSLYDLSSLDTCGEEASVLEILVYNSKIENRHEMLAVEPINELLRDKWRKFGAVSFYINVVSYLC
AMVIFTLTAYYQPLEGTPPYPYRTTVDYLRLAGEVITLFTGVLFFFTNIKDLFMKKCPGVNSLFIDGSFQLLYFIYSVLV
IVSAALYLAGIEAYLAVMVFALVLGWMNALYFTRGLKLTGTYSIMIQKILFKDLFRFLLVYLLFMIGYASALVSLLNPCA
NMKVCNEDQTNCTVPTYPSCRDSETFSTFLLDLFKLTIGMGDLEMLSSTKYPVVFIILLVTYIILTFVLLLNMLIALMGE
TVGQVSKESKHIWKLQWATTILDIERSFPVFLRKAFRSGEMVTVGKSSDGTPDRRWCFRVDEVNWSHWNQNLGIINEDPG
KNETYQYYGFSHTVGRLRRDRWSSVVPRVVELNKNSNPDEVVVPLDSMGNPRCDGHQQGYPRKWRTDDAPLAAALEVLFQ
GPSKGEELFTGVVPILVELDGDVNGHKFSVRGEGEGDATNGKLTLKFICTTGKLPVPWPTLVTTLTYGVQCFSRYPDHMK
RHDFFKSAMPEGYVQERTISFKDDGTYKTRAEVKFEGDTLVNRIELKGIDFKEDGNILGHKLEYNFNSHNVYITADKQKN
GIKANFKIRHNVEDGSVQLADHYQQNTPIGDGPVLLPDNHYLSTQSVLSKDPNEKRDHMVLLEFVTAAGITHGMDEWSHP
QFEKGGGSGGGSGGSAWSHPQFEK
;
_entity_poly.pdbx_strand_id   A,D,C,B
#
# COMPACT_ATOMS: atom_id res chain seq x y z
N VAL A 148 54.24 7.98 53.37
CA VAL A 148 54.41 6.81 52.52
C VAL A 148 53.14 6.55 51.73
N PHE A 149 52.04 7.16 52.16
CA PHE A 149 50.74 7.04 51.49
C PHE A 149 50.34 8.43 51.02
N ASN A 150 50.73 8.79 49.81
CA ASN A 150 50.41 10.10 49.24
C ASN A 150 49.05 10.03 48.56
N ARG A 151 48.70 11.10 47.81
CA ARG A 151 47.40 11.13 47.14
C ARG A 151 47.30 10.08 46.05
N PRO A 152 48.15 10.08 45.02
CA PRO A 152 47.96 9.11 43.93
C PRO A 152 48.15 7.67 44.34
N ILE A 153 48.88 7.40 45.44
CA ILE A 153 49.17 6.04 45.84
C ILE A 153 47.88 5.32 46.25
N LEU A 154 47.07 5.97 47.09
CA LEU A 154 45.83 5.35 47.54
C LEU A 154 44.84 5.20 46.38
N PHE A 155 44.82 6.16 45.45
CA PHE A 155 43.95 6.04 44.29
C PHE A 155 44.36 4.87 43.41
N ASP A 156 45.66 4.68 43.21
CA ASP A 156 46.12 3.52 42.45
C ASP A 156 45.76 2.23 43.17
N ILE A 157 45.93 2.19 44.50
CA ILE A 157 45.62 0.99 45.26
C ILE A 157 44.15 0.64 45.14
N VAL A 158 43.27 1.63 45.28
CA VAL A 158 41.85 1.38 45.16
C VAL A 158 41.46 1.11 43.71
N SER A 159 42.28 1.55 42.75
CA SER A 159 42.03 1.21 41.35
C SER A 159 42.30 -0.26 41.08
N ARG A 160 43.42 -0.79 41.56
CA ARG A 160 43.68 -2.21 41.36
C ARG A 160 42.76 -3.06 42.22
N GLY A 161 42.34 -2.55 43.38
CA GLY A 161 41.40 -3.26 44.23
C GLY A 161 41.93 -4.56 44.82
N SER A 162 43.02 -4.46 45.56
CA SER A 162 43.62 -5.62 46.22
C SER A 162 43.95 -5.26 47.65
N THR A 163 43.49 -6.08 48.60
CA THR A 163 43.73 -5.82 50.02
C THR A 163 45.06 -6.41 50.48
N ALA A 164 46.12 -6.09 49.76
CA ALA A 164 47.48 -6.50 50.13
C ALA A 164 48.43 -5.33 50.32
N ASP A 165 48.48 -4.41 49.36
CA ASP A 165 49.33 -3.23 49.49
C ASP A 165 48.73 -2.20 50.43
N LEU A 166 47.40 -2.08 50.45
CA LEU A 166 46.75 -1.10 51.32
C LEU A 166 46.93 -1.43 52.80
N ASP A 167 47.21 -2.68 53.14
CA ASP A 167 47.41 -3.05 54.54
C ASP A 167 48.58 -2.24 55.12
N GLY A 168 48.35 -1.66 56.29
CA GLY A 168 49.34 -0.84 56.96
C GLY A 168 49.11 0.65 56.87
N LEU A 169 48.15 1.11 56.06
CA LEU A 169 47.87 2.54 56.00
C LEU A 169 47.13 3.03 57.24
N LEU A 170 46.41 2.15 57.93
CA LEU A 170 45.69 2.56 59.14
C LEU A 170 46.62 3.08 60.23
N PRO A 171 47.69 2.38 60.63
CA PRO A 171 48.60 2.98 61.62
C PRO A 171 49.25 4.25 61.13
N PHE A 172 49.57 4.33 59.84
CA PHE A 172 50.18 5.54 59.30
C PHE A 172 49.26 6.73 59.41
N LEU A 173 47.96 6.54 59.12
CA LEU A 173 47.02 7.64 59.19
C LEU A 173 46.67 8.00 60.63
N LEU A 174 46.51 7.00 61.50
CA LEU A 174 46.15 7.29 62.89
C LEU A 174 47.30 7.94 63.64
N THR A 175 48.53 7.48 63.43
CA THR A 175 49.67 8.07 64.12
C THR A 175 49.91 9.51 63.68
N HIS A 176 49.73 9.78 62.38
CA HIS A 176 49.93 11.12 61.83
C HIS A 176 48.68 11.99 61.92
N LYS A 177 47.72 11.62 62.77
CA LYS A 177 46.45 12.33 62.98
C LYS A 177 45.85 12.83 61.67
N LYS A 178 45.65 11.89 60.74
CA LYS A 178 45.07 12.19 59.45
C LYS A 178 43.82 11.34 59.24
N ARG A 179 42.79 11.97 58.68
CA ARG A 179 41.51 11.33 58.42
C ARG A 179 41.24 11.33 56.92
N LEU A 180 40.60 10.27 56.44
CA LEU A 180 40.41 10.08 55.00
C LEU A 180 39.53 11.15 54.38
N THR A 181 38.79 11.91 55.18
CA THR A 181 37.95 12.99 54.68
C THR A 181 38.70 14.31 54.52
N ASP A 182 40.00 14.32 54.75
CA ASP A 182 40.78 15.55 54.65
C ASP A 182 40.84 16.05 53.21
N GLU A 183 41.09 17.35 53.08
CA GLU A 183 41.10 17.98 51.76
C GLU A 183 42.23 17.44 50.89
N GLU A 184 43.41 17.23 51.47
CA GLU A 184 44.60 16.90 50.69
C GLU A 184 44.68 15.43 50.29
N PHE A 185 43.64 14.65 50.50
CA PHE A 185 43.58 13.28 50.02
C PHE A 185 42.59 13.07 48.89
N ARG A 186 41.41 13.69 48.95
CA ARG A 186 40.46 13.58 47.86
C ARG A 186 40.91 14.42 46.67
N GLU A 187 40.42 14.06 45.49
CA GLU A 187 40.82 14.74 44.27
C GLU A 187 40.39 16.20 44.32
N PRO A 188 41.30 17.16 44.10
CA PRO A 188 40.90 18.57 44.12
C PRO A 188 40.00 18.97 42.97
N SER A 189 39.98 18.21 41.88
CA SER A 189 39.14 18.55 40.74
C SER A 189 37.70 18.12 40.97
N THR A 190 37.50 16.90 41.46
CA THR A 190 36.16 16.33 41.61
C THR A 190 35.67 16.36 43.05
N GLY A 191 36.58 16.13 44.01
CA GLY A 191 36.20 15.90 45.38
C GLY A 191 35.95 14.45 45.72
N LYS A 192 36.06 13.56 44.72
CA LYS A 192 35.87 12.13 44.96
C LYS A 192 36.93 11.60 45.91
N THR A 193 36.51 10.71 46.80
CA THR A 193 37.39 10.06 47.74
C THR A 193 37.60 8.60 47.33
N CYS A 194 38.29 7.84 48.17
CA CYS A 194 38.64 6.47 47.83
C CYS A 194 37.41 5.58 47.70
N LEU A 195 36.41 5.79 48.56
CA LEU A 195 35.23 4.93 48.54
C LEU A 195 34.45 5.00 47.22
N PRO A 196 34.11 6.19 46.69
CA PRO A 196 33.49 6.20 45.35
C PRO A 196 34.38 5.58 44.29
N LYS A 197 35.70 5.75 44.40
CA LYS A 197 36.60 5.08 43.46
C LYS A 197 36.44 3.58 43.53
N ALA A 198 36.28 3.04 44.75
CA ALA A 198 36.05 1.60 44.90
C ALA A 198 34.71 1.18 44.30
N LEU A 199 33.70 2.06 44.40
CA LEU A 199 32.39 1.69 43.85
C LEU A 199 32.37 1.74 42.32
N LEU A 200 33.02 2.73 41.71
CA LEU A 200 33.00 2.84 40.25
C LEU A 200 33.67 1.65 39.57
N ASN A 201 34.80 1.19 40.11
CA ASN A 201 35.59 0.15 39.44
C ASN A 201 35.20 -1.25 39.88
N LEU A 202 33.93 -1.47 40.23
CA LEU A 202 33.46 -2.79 40.60
C LEU A 202 33.68 -3.77 39.45
N SER A 203 34.20 -4.95 39.78
CA SER A 203 34.45 -5.99 38.80
C SER A 203 34.11 -7.34 39.40
N ASN A 204 33.65 -8.26 38.55
CA ASN A 204 33.30 -9.63 38.90
C ASN A 204 32.15 -9.71 39.90
N GLY A 205 31.53 -8.58 40.24
CA GLY A 205 30.44 -8.54 41.18
C GLY A 205 30.86 -8.48 42.64
N ARG A 206 32.15 -8.56 42.93
CA ARG A 206 32.64 -8.53 44.29
C ARG A 206 34.05 -7.98 44.31
N ASN A 207 34.35 -7.17 45.33
CA ASN A 207 35.69 -6.63 45.54
C ASN A 207 35.92 -6.51 47.04
N ASP A 208 37.00 -7.12 47.52
CA ASP A 208 37.27 -7.20 48.95
C ASP A 208 37.93 -5.95 49.51
N THR A 209 38.23 -4.95 48.68
CA THR A 209 38.84 -3.72 49.19
C THR A 209 37.83 -2.85 49.92
N ILE A 210 36.55 -2.92 49.55
CA ILE A 210 35.54 -2.11 50.22
C ILE A 210 35.37 -2.46 51.70
N PRO A 211 35.23 -3.74 52.08
CA PRO A 211 35.11 -4.04 53.52
C PRO A 211 36.30 -3.58 54.33
N VAL A 212 37.51 -3.75 53.80
CA VAL A 212 38.70 -3.32 54.54
C VAL A 212 38.76 -1.80 54.63
N LEU A 213 38.36 -1.11 53.56
CA LEU A 213 38.34 0.35 53.59
C LEU A 213 37.36 0.86 54.65
N LEU A 214 36.17 0.26 54.71
CA LEU A 214 35.21 0.64 55.75
C LEU A 214 35.75 0.30 57.15
N ASP A 215 36.42 -0.84 57.28
CA ASP A 215 36.99 -1.24 58.57
C ASP A 215 38.03 -0.22 59.05
N ILE A 216 38.87 0.26 58.14
CA ILE A 216 39.78 1.35 58.47
C ILE A 216 38.98 2.62 58.78
N ALA A 217 37.84 2.80 58.11
CA ALA A 217 37.05 4.02 58.28
C ALA A 217 36.55 4.17 59.71
N GLU A 218 36.02 3.10 60.31
CA GLU A 218 35.53 3.33 61.68
C GLU A 218 36.69 3.58 62.64
N ARG A 219 37.84 2.94 62.40
CA ARG A 219 39.00 3.14 63.27
C ARG A 219 39.50 4.57 63.18
N THR A 220 39.44 5.17 61.99
CA THR A 220 39.89 6.54 61.81
C THR A 220 39.01 7.56 62.54
N GLY A 221 37.85 7.15 63.05
CA GLY A 221 36.97 8.06 63.76
C GLY A 221 36.35 9.14 62.89
N ASN A 222 35.91 8.79 61.68
CA ASN A 222 35.28 9.73 60.77
C ASN A 222 34.09 9.10 60.04
N MET A 223 33.39 8.17 60.68
CA MET A 223 32.39 7.35 60.01
C MET A 223 31.29 8.21 59.38
N ARG A 224 30.77 9.18 60.13
CA ARG A 224 29.68 10.00 59.62
C ARG A 224 30.14 10.88 58.45
N GLU A 225 31.37 11.37 58.52
CA GLU A 225 31.89 12.25 57.48
C GLU A 225 32.57 11.50 56.34
N PHE A 226 33.12 10.31 56.61
CA PHE A 226 33.84 9.58 55.58
C PHE A 226 32.93 9.23 54.40
N ILE A 227 31.75 8.69 54.69
CA ILE A 227 30.79 8.36 53.63
C ILE A 227 29.92 9.59 53.44
N ASN A 228 30.47 10.58 52.72
CA ASN A 228 29.73 11.73 52.23
C ASN A 228 30.55 12.38 51.14
N SER A 229 30.07 12.32 49.90
CA SER A 229 30.84 12.78 48.75
C SER A 229 30.00 13.72 47.90
N PRO A 230 29.80 14.94 48.35
CA PRO A 230 29.08 15.93 47.51
C PRO A 230 29.99 16.42 46.39
N PHE A 231 30.03 15.64 45.31
CA PHE A 231 30.86 15.95 44.14
C PHE A 231 30.64 17.38 43.69
N ARG A 232 31.71 18.17 43.73
CA ARG A 232 31.67 19.58 43.36
C ARG A 232 31.86 19.81 41.86
N ASP A 233 31.94 18.74 41.07
CA ASP A 233 31.99 18.89 39.63
C ASP A 233 30.70 19.52 39.12
N ILE A 234 30.81 20.27 38.02
CA ILE A 234 29.65 20.89 37.41
C ILE A 234 28.68 19.83 36.89
N TYR A 235 29.17 18.64 36.57
CA TYR A 235 28.34 17.58 36.00
C TYR A 235 27.83 16.59 37.03
N TYR A 236 28.26 16.71 38.30
CA TYR A 236 27.89 15.73 39.31
C TYR A 236 27.53 16.39 40.64
N ARG A 237 26.80 17.50 40.59
CA ARG A 237 26.48 18.27 41.80
C ARG A 237 25.45 17.49 42.62
N GLY A 238 25.96 16.57 43.45
CA GLY A 238 25.11 15.87 44.39
C GLY A 238 25.31 14.37 44.46
N GLN A 239 25.91 13.76 43.44
CA GLN A 239 26.11 12.33 43.45
C GLN A 239 27.03 11.92 44.60
N THR A 240 26.55 11.02 45.44
CA THR A 240 27.27 10.54 46.61
C THR A 240 27.55 9.05 46.48
N ALA A 241 28.05 8.46 47.57
CA ALA A 241 28.37 7.04 47.55
C ALA A 241 27.12 6.18 47.37
N LEU A 242 26.00 6.56 48.00
CA LEU A 242 24.79 5.78 47.87
C LEU A 242 24.27 5.77 46.44
N HIS A 243 24.30 6.93 45.78
CA HIS A 243 23.85 7.00 44.38
C HIS A 243 24.68 6.09 43.49
N ILE A 244 26.00 6.12 43.66
CA ILE A 244 26.88 5.29 42.85
C ILE A 244 26.63 3.82 43.14
N ALA A 245 26.49 3.46 44.41
CA ALA A 245 26.26 2.07 44.77
C ALA A 245 24.95 1.55 44.20
N ILE A 246 23.89 2.37 44.25
CA ILE A 246 22.60 1.94 43.73
C ILE A 246 22.64 1.82 42.21
N GLU A 247 23.24 2.81 41.54
CA GLU A 247 23.24 2.82 40.09
C GLU A 247 24.09 1.68 39.51
N ARG A 248 25.02 1.13 40.28
CA ARG A 248 25.80 -0.02 39.84
C ARG A 248 25.06 -1.34 40.03
N ARG A 249 23.86 -1.31 40.61
CA ARG A 249 23.01 -2.50 40.73
C ARG A 249 23.69 -3.63 41.50
N CYS A 250 24.40 -3.27 42.57
CA CYS A 250 25.05 -4.26 43.44
C CYS A 250 24.31 -4.25 44.78
N LYS A 251 23.68 -5.39 45.10
CA LYS A 251 22.87 -5.47 46.31
C LYS A 251 23.72 -5.43 47.57
N HIS A 252 24.79 -6.24 47.62
CA HIS A 252 25.53 -6.40 48.87
C HIS A 252 26.16 -5.09 49.32
N TYR A 253 26.75 -4.34 48.38
CA TYR A 253 27.43 -3.11 48.76
C TYR A 253 26.45 -2.06 49.29
N VAL A 254 25.29 -1.91 48.64
CA VAL A 254 24.34 -0.94 49.15
C VAL A 254 23.75 -1.41 50.49
N GLU A 255 23.55 -2.72 50.66
CA GLU A 255 23.13 -3.24 51.96
C GLU A 255 24.12 -2.83 53.05
N LEU A 256 25.41 -3.10 52.83
CA LEU A 256 26.42 -2.76 53.82
C LEU A 256 26.50 -1.26 54.03
N LEU A 257 26.34 -0.47 52.95
CA LEU A 257 26.47 0.97 53.04
C LEU A 257 25.36 1.59 53.88
N VAL A 258 24.11 1.20 53.62
CA VAL A 258 22.99 1.75 54.37
C VAL A 258 22.83 1.06 55.72
N ALA A 259 23.55 -0.03 55.96
CA ALA A 259 23.52 -0.68 57.27
C ALA A 259 23.95 0.30 58.37
N GLN A 260 24.99 1.08 58.11
CA GLN A 260 25.37 2.17 59.01
C GLN A 260 24.63 3.46 58.72
N GLY A 261 23.89 3.53 57.60
CA GLY A 261 23.06 4.68 57.30
C GLY A 261 23.78 6.01 57.20
N ALA A 262 24.62 6.15 56.17
CA ALA A 262 25.35 7.41 55.98
C ALA A 262 24.41 8.53 55.56
N ASP A 263 23.76 8.38 54.41
CA ASP A 263 22.82 9.37 53.90
C ASP A 263 21.96 8.71 52.84
N VAL A 264 20.66 9.00 52.87
CA VAL A 264 19.71 8.35 51.97
C VAL A 264 18.81 9.40 51.36
N HIS A 265 19.21 10.67 51.46
CA HIS A 265 18.42 11.77 50.91
C HIS A 265 19.26 12.75 50.10
N ALA A 266 20.30 12.27 49.42
CA ALA A 266 21.09 13.14 48.57
C ALA A 266 20.32 13.50 47.30
N GLN A 267 20.57 14.69 46.77
CA GLN A 267 19.93 15.17 45.54
C GLN A 267 20.94 15.15 44.41
N ALA A 268 20.65 14.38 43.36
CA ALA A 268 21.50 14.32 42.17
C ALA A 268 21.18 15.51 41.28
N ARG A 269 21.58 16.69 41.72
CA ARG A 269 21.27 17.94 41.07
C ARG A 269 22.25 18.30 39.96
N GLY A 270 23.21 17.43 39.66
CA GLY A 270 24.22 17.74 38.67
C GLY A 270 23.67 17.81 37.26
N ARG A 271 24.51 18.34 36.37
CA ARG A 271 24.12 18.53 34.98
C ARG A 271 23.94 17.20 34.25
N PHE A 272 24.75 16.19 34.59
CA PHE A 272 24.61 14.89 33.95
C PHE A 272 23.26 14.25 34.25
N PHE A 273 22.79 14.37 35.49
CA PHE A 273 21.52 13.79 35.90
C PHE A 273 20.35 14.74 35.60
N GLN A 274 20.20 15.06 34.33
CA GLN A 274 19.12 15.91 33.83
C GLN A 274 18.54 15.29 32.57
N PRO A 275 17.28 15.58 32.26
CA PRO A 275 16.67 15.02 31.05
C PRO A 275 17.33 15.54 29.78
N LYS A 276 16.99 14.89 28.67
CA LYS A 276 17.58 15.24 27.39
C LYS A 276 17.28 16.68 27.00
N ASP A 277 16.12 17.20 27.41
CA ASP A 277 15.77 18.58 27.08
C ASP A 277 16.74 19.58 27.69
N GLU A 278 17.13 19.37 28.95
CA GLU A 278 18.06 20.26 29.63
C GLU A 278 19.51 20.08 29.19
N GLY A 279 19.81 19.03 28.44
CA GLY A 279 21.17 18.77 28.01
C GLY A 279 21.87 17.75 28.88
N GLY A 280 21.18 16.66 29.21
CA GLY A 280 21.74 15.60 30.01
C GLY A 280 21.68 14.28 29.27
N TYR A 281 22.02 13.22 30.00
CA TYR A 281 22.05 11.87 29.45
C TYR A 281 21.09 10.90 30.14
N PHE A 282 20.82 11.08 31.44
CA PHE A 282 19.92 10.19 32.16
C PHE A 282 19.29 10.96 33.31
N TYR A 283 17.95 11.01 33.31
CA TYR A 283 17.19 11.64 34.38
C TYR A 283 16.33 10.61 35.09
N PHE A 284 16.40 10.60 36.41
CA PHE A 284 15.60 9.68 37.23
C PHE A 284 15.03 10.37 38.45
N GLY A 285 15.00 11.70 38.45
CA GLY A 285 14.77 12.44 39.68
C GLY A 285 16.09 12.72 40.35
N GLU A 286 16.06 13.16 41.61
CA GLU A 286 17.29 13.43 42.33
C GLU A 286 17.46 12.59 43.58
N LEU A 287 16.48 11.75 43.93
CA LEU A 287 16.60 10.98 45.15
C LEU A 287 17.13 9.58 44.86
N PRO A 288 17.92 9.01 45.78
CA PRO A 288 18.38 7.63 45.58
C PRO A 288 17.24 6.62 45.52
N LEU A 289 16.16 6.86 46.26
CA LEU A 289 14.97 6.02 46.12
C LEU A 289 14.41 6.10 44.71
N SER A 290 14.36 7.31 44.15
CA SER A 290 13.92 7.47 42.77
C SER A 290 14.87 6.74 41.81
N LEU A 291 16.17 6.78 42.08
CA LEU A 291 17.13 6.05 41.25
C LEU A 291 16.88 4.56 41.30
N ALA A 292 16.66 4.02 42.51
CA ALA A 292 16.43 2.58 42.65
C ALA A 292 15.14 2.16 41.98
N ALA A 293 14.08 2.97 42.09
CA ALA A 293 12.82 2.63 41.46
C ALA A 293 12.89 2.77 39.94
N CYS A 294 13.68 3.73 39.44
CA CYS A 294 13.76 3.95 38.00
C CYS A 294 14.57 2.86 37.32
N THR A 295 15.64 2.39 37.96
CA THR A 295 16.56 1.44 37.35
C THR A 295 16.14 -0.02 37.54
N ASN A 296 14.84 -0.27 37.76
CA ASN A 296 14.30 -1.61 37.91
C ASN A 296 15.01 -2.37 39.03
N GLN A 297 14.87 -1.84 40.25
CA GLN A 297 15.46 -2.45 41.44
C GLN A 297 14.39 -2.56 42.52
N PRO A 298 13.43 -3.47 42.34
CA PRO A 298 12.42 -3.67 43.40
C PRO A 298 13.03 -4.08 44.73
N HIS A 299 14.08 -4.92 44.70
CA HIS A 299 14.72 -5.34 45.94
C HIS A 299 15.38 -4.15 46.65
N ILE A 300 16.05 -3.28 45.88
CA ILE A 300 16.74 -2.15 46.49
C ILE A 300 15.72 -1.20 47.11
N VAL A 301 14.62 -0.91 46.41
CA VAL A 301 13.59 -0.03 46.96
C VAL A 301 12.98 -0.65 48.20
N ASN A 302 12.65 -1.95 48.12
CA ASN A 302 12.01 -2.61 49.25
C ASN A 302 12.90 -2.56 50.48
N TYR A 303 14.19 -2.87 50.32
CA TYR A 303 15.11 -2.83 51.45
C TYR A 303 15.31 -1.41 51.96
N LEU A 304 15.43 -0.44 51.06
CA LEU A 304 15.63 0.94 51.46
C LEU A 304 14.42 1.52 52.18
N THR A 305 13.23 0.95 51.97
CA THR A 305 12.04 1.44 52.64
C THR A 305 11.85 0.78 54.01
N GLU A 306 11.88 -0.54 54.08
CA GLU A 306 11.77 -1.25 55.34
C GLU A 306 13.14 -1.77 55.77
N ASN A 307 13.91 -0.86 56.38
CA ASN A 307 15.23 -1.20 56.90
C ASN A 307 15.32 -0.82 58.37
N PRO A 308 16.13 -1.54 59.16
CA PRO A 308 16.20 -1.23 60.59
C PRO A 308 16.83 0.13 60.90
N HIS A 309 17.94 0.46 60.26
CA HIS A 309 18.68 1.67 60.60
C HIS A 309 17.88 2.95 60.33
N LYS A 310 17.58 3.21 59.06
CA LYS A 310 16.92 4.45 58.68
C LYS A 310 16.37 4.33 57.27
N LYS A 311 15.15 4.84 57.08
CA LYS A 311 14.47 4.78 55.79
C LYS A 311 14.29 6.17 55.22
N ALA A 312 14.16 6.24 53.90
CA ALA A 312 13.97 7.51 53.20
C ALA A 312 12.47 7.77 53.01
N ASP A 313 12.08 9.04 53.13
CA ASP A 313 10.69 9.42 52.94
C ASP A 313 10.29 9.22 51.48
N MET A 314 9.27 8.39 51.27
CA MET A 314 8.79 8.11 49.92
C MET A 314 7.99 9.25 49.32
N ARG A 315 7.41 10.10 50.17
CA ARG A 315 6.62 11.25 49.71
C ARG A 315 7.48 12.46 49.37
N ARG A 316 8.79 12.38 49.58
CA ARG A 316 9.66 13.52 49.34
C ARG A 316 9.69 13.90 47.87
N GLN A 317 9.70 15.19 47.60
CA GLN A 317 9.82 15.73 46.25
C GLN A 317 11.28 16.08 45.97
N ASP A 318 11.66 15.99 44.70
CA ASP A 318 13.04 16.27 44.29
C ASP A 318 13.24 17.77 44.18
N SER A 319 14.38 18.18 43.63
CA SER A 319 14.64 19.61 43.43
C SER A 319 13.67 20.25 42.46
N ARG A 320 13.07 19.46 41.57
CA ARG A 320 12.11 19.97 40.60
C ARG A 320 10.67 19.70 41.01
N GLY A 321 10.45 19.26 42.25
CA GLY A 321 9.12 18.99 42.75
C GLY A 321 8.57 17.61 42.43
N ASN A 322 9.18 16.90 41.48
CA ASN A 322 8.72 15.56 41.13
C ASN A 322 8.99 14.58 42.26
N THR A 323 8.04 13.69 42.51
CA THR A 323 8.28 12.56 43.39
C THR A 323 8.73 11.37 42.55
N VAL A 324 8.83 10.19 43.17
CA VAL A 324 9.34 9.02 42.45
C VAL A 324 8.41 8.64 41.31
N LEU A 325 7.10 8.81 41.51
CA LEU A 325 6.14 8.41 40.49
C LEU A 325 6.28 9.26 39.23
N HIS A 326 6.53 10.56 39.38
CA HIS A 326 6.75 11.40 38.21
C HIS A 326 8.00 10.97 37.44
N ALA A 327 9.07 10.61 38.16
CA ALA A 327 10.26 10.11 37.49
C ALA A 327 9.97 8.81 36.75
N LEU A 328 9.22 7.91 37.38
CA LEU A 328 8.85 6.66 36.72
C LEU A 328 8.06 6.91 35.45
N VAL A 329 7.13 7.86 35.49
CA VAL A 329 6.37 8.20 34.30
C VAL A 329 7.27 8.82 33.24
N ALA A 330 8.22 9.68 33.66
CA ALA A 330 9.08 10.37 32.70
C ALA A 330 10.02 9.41 31.98
N ILE A 331 10.56 8.41 32.68
CA ILE A 331 11.51 7.51 32.05
C ILE A 331 10.84 6.48 31.16
N ALA A 332 9.57 6.15 31.43
CA ALA A 332 8.92 5.02 30.79
C ALA A 332 8.52 5.31 29.34
N ASP A 333 9.41 5.03 28.40
CA ASP A 333 9.06 5.17 27.00
C ASP A 333 8.07 4.08 26.59
N ASN A 334 7.42 4.29 25.44
CA ASN A 334 6.36 3.40 25.01
C ASN A 334 6.92 2.12 24.38
N THR A 335 7.73 1.39 25.12
CA THR A 335 8.25 0.09 24.70
C THR A 335 7.78 -0.97 25.68
N ARG A 336 7.49 -2.17 25.17
CA ARG A 336 6.88 -3.21 25.98
C ARG A 336 7.79 -3.60 27.15
N GLU A 337 9.07 -3.80 26.88
CA GLU A 337 10.00 -4.23 27.92
C GLU A 337 10.11 -3.19 29.03
N ASN A 338 10.20 -1.91 28.65
CA ASN A 338 10.28 -0.85 29.66
C ASN A 338 8.96 -0.73 30.42
N THR A 339 7.84 -0.76 29.70
CA THR A 339 6.55 -0.58 30.33
C THR A 339 6.24 -1.68 31.33
N LYS A 340 6.71 -2.90 31.07
CA LYS A 340 6.43 -4.00 31.99
C LYS A 340 6.97 -3.71 33.39
N PHE A 341 8.27 -3.48 33.50
CA PHE A 341 8.79 -3.27 34.85
C PHE A 341 8.45 -1.89 35.38
N VAL A 342 8.21 -0.90 34.53
CA VAL A 342 7.82 0.40 35.07
C VAL A 342 6.43 0.32 35.70
N THR A 343 5.51 -0.43 35.08
CA THR A 343 4.19 -0.56 35.70
C THR A 343 4.24 -1.47 36.92
N LYS A 344 5.09 -2.50 36.89
CA LYS A 344 5.28 -3.31 38.09
C LYS A 344 5.77 -2.44 39.25
N MET A 345 6.83 -1.65 39.02
CA MET A 345 7.34 -0.75 40.04
C MET A 345 6.29 0.27 40.46
N TYR A 346 5.54 0.81 39.50
CA TYR A 346 4.59 1.87 39.82
C TYR A 346 3.47 1.37 40.71
N ASP A 347 2.81 0.28 40.33
CA ASP A 347 1.67 -0.16 41.14
C ASP A 347 2.16 -0.76 42.45
N LEU A 348 3.32 -1.42 42.45
CA LEU A 348 3.90 -1.87 43.72
C LEU A 348 4.14 -0.70 44.66
N LEU A 349 4.73 0.38 44.13
CA LEU A 349 5.06 1.53 44.96
C LEU A 349 3.81 2.24 45.45
N LEU A 350 2.79 2.33 44.59
CA LEU A 350 1.54 2.97 45.00
C LEU A 350 0.85 2.16 46.10
N LEU A 351 0.78 0.83 45.93
CA LEU A 351 0.21 0.01 46.99
C LEU A 351 1.02 0.11 48.28
N LYS A 352 2.35 0.22 48.17
CA LYS A 352 3.17 0.27 49.37
C LYS A 352 3.01 1.60 50.10
N CYS A 353 3.00 2.71 49.36
CA CYS A 353 2.74 4.01 49.99
C CYS A 353 1.30 4.15 50.46
N ALA A 354 0.41 3.28 49.98
CA ALA A 354 -0.91 3.17 50.60
C ALA A 354 -0.85 2.40 51.91
N ARG A 355 -0.07 1.32 51.95
CA ARG A 355 0.07 0.51 53.16
C ARG A 355 0.70 1.33 54.27
N LEU A 356 1.96 1.74 54.07
CA LEU A 356 2.60 2.65 55.00
C LEU A 356 2.02 4.04 54.85
N PHE A 357 1.90 4.74 55.97
CA PHE A 357 1.29 6.07 56.01
C PHE A 357 -0.12 6.02 55.44
N PRO A 358 -1.08 5.43 56.15
CA PRO A 358 -2.45 5.35 55.62
C PRO A 358 -3.15 6.69 55.57
N ASP A 359 -2.85 7.48 54.55
CA ASP A 359 -3.41 8.81 54.41
C ASP A 359 -3.52 9.12 52.92
N SER A 360 -3.58 10.41 52.58
CA SER A 360 -3.69 10.85 51.19
C SER A 360 -2.65 10.17 50.31
N ASN A 361 -3.10 9.71 49.14
CA ASN A 361 -2.27 8.91 48.26
C ASN A 361 -1.17 9.75 47.63
N LEU A 362 -0.10 9.06 47.21
CA LEU A 362 1.03 9.72 46.57
C LEU A 362 0.73 10.13 45.14
N GLU A 363 -0.26 9.49 44.50
CA GLU A 363 -0.58 9.84 43.12
C GLU A 363 -1.14 11.26 43.02
N ALA A 364 -1.76 11.75 44.09
CA ALA A 364 -2.43 13.05 44.07
C ALA A 364 -1.49 14.23 44.25
N VAL A 365 -0.25 14.02 44.72
CA VAL A 365 0.65 15.13 44.95
C VAL A 365 1.15 15.66 43.62
N LEU A 366 1.39 16.97 43.56
CA LEU A 366 1.81 17.63 42.34
C LEU A 366 3.23 18.18 42.47
N ASN A 367 3.88 18.31 41.31
CA ASN A 367 5.23 18.85 41.23
C ASN A 367 5.17 20.38 41.23
N ASN A 368 6.29 21.02 40.87
CA ASN A 368 6.40 22.47 40.91
C ASN A 368 5.49 23.16 39.90
N ASP A 369 4.91 22.44 38.94
CA ASP A 369 3.98 23.07 38.00
C ASP A 369 2.62 22.39 38.00
N GLY A 370 2.28 21.62 39.03
CA GLY A 370 0.94 21.13 39.22
C GLY A 370 0.57 19.87 38.46
N LEU A 371 1.54 19.17 37.87
CA LEU A 371 1.22 18.02 37.04
C LEU A 371 1.32 16.72 37.84
N SER A 372 0.24 15.96 37.86
CA SER A 372 0.22 14.65 38.49
C SER A 372 0.79 13.61 37.53
N PRO A 373 1.17 12.43 38.03
CA PRO A 373 1.76 11.41 37.14
C PRO A 373 0.85 11.02 35.98
N LEU A 374 -0.47 10.95 36.20
CA LEU A 374 -1.38 10.61 35.12
C LEU A 374 -1.38 11.71 34.05
N MET A 375 -1.53 12.95 34.48
CA MET A 375 -1.52 14.07 33.54
C MET A 375 -0.13 14.26 32.94
N MET A 376 0.92 13.90 33.68
CA MET A 376 2.27 13.93 33.09
C MET A 376 2.42 12.90 31.98
N ALA A 377 1.87 11.69 32.19
CA ALA A 377 1.89 10.69 31.13
C ALA A 377 1.07 11.14 29.93
N ALA A 378 -0.07 11.77 30.17
CA ALA A 378 -0.87 12.30 29.07
C ALA A 378 -0.11 13.37 28.30
N LYS A 379 0.60 14.25 29.01
CA LYS A 379 1.35 15.32 28.36
C LYS A 379 2.51 14.77 27.55
N THR A 380 3.33 13.90 28.14
CA THR A 380 4.58 13.48 27.54
C THR A 380 4.42 12.33 26.56
N GLY A 381 3.33 11.58 26.62
CA GLY A 381 3.07 10.54 25.64
C GLY A 381 3.65 9.17 25.95
N LYS A 382 3.30 8.62 27.11
CA LYS A 382 3.68 7.26 27.47
C LYS A 382 2.40 6.44 27.61
N ILE A 383 2.10 5.64 26.59
CA ILE A 383 0.81 4.94 26.52
C ILE A 383 0.71 3.87 27.62
N GLY A 384 1.82 3.18 27.90
CA GLY A 384 1.75 2.05 28.82
C GLY A 384 1.32 2.46 30.22
N ILE A 385 2.08 3.37 30.83
CA ILE A 385 1.74 3.82 32.18
C ILE A 385 0.39 4.53 32.19
N PHE A 386 0.06 5.23 31.10
CA PHE A 386 -1.20 5.96 31.03
C PHE A 386 -2.39 5.01 31.09
N GLN A 387 -2.40 3.99 30.24
CA GLN A 387 -3.47 3.01 30.25
C GLN A 387 -3.43 2.14 31.49
N HIS A 388 -2.28 1.98 32.13
CA HIS A 388 -2.25 1.27 33.40
C HIS A 388 -2.93 2.07 34.50
N ILE A 389 -2.62 3.37 34.59
CA ILE A 389 -3.22 4.21 35.62
C ILE A 389 -4.72 4.32 35.41
N ILE A 390 -5.16 4.52 34.17
CA ILE A 390 -6.60 4.57 33.91
C ILE A 390 -7.25 3.23 34.21
N ARG A 391 -6.65 2.15 33.73
CA ARG A 391 -7.18 0.80 33.92
C ARG A 391 -6.50 0.15 35.12
N ARG A 392 -6.66 0.77 36.29
CA ARG A 392 -6.02 0.31 37.51
C ARG A 392 -7.09 -0.15 38.50
N GLU A 393 -7.12 -1.46 38.76
CA GLU A 393 -7.95 -2.04 39.80
C GLU A 393 -7.09 -2.88 40.74
N VAL A 394 -7.24 -2.66 42.04
CA VAL A 394 -6.59 -3.45 43.07
C VAL A 394 -7.69 -4.09 43.91
N THR A 395 -7.64 -5.42 44.04
CA THR A 395 -8.72 -6.17 44.67
C THR A 395 -8.60 -6.26 46.19
N ASP A 396 -7.49 -5.79 46.76
CA ASP A 396 -7.34 -5.83 48.20
C ASP A 396 -8.37 -4.94 48.88
N GLU A 397 -8.97 -5.47 49.95
CA GLU A 397 -10.05 -4.76 50.62
C GLU A 397 -9.56 -3.49 51.31
N ASP A 398 -8.38 -3.53 51.91
CA ASP A 398 -7.88 -2.39 52.66
C ASP A 398 -7.57 -1.21 51.76
N THR A 399 -6.67 -1.40 50.80
CA THR A 399 -6.31 -0.34 49.86
C THR A 399 -7.07 -0.52 48.54
N ARG A 400 -8.38 -0.25 48.63
CA ARG A 400 -9.23 -0.35 47.45
C ARG A 400 -9.68 1.00 46.91
N HIS A 401 -9.54 2.07 47.69
CA HIS A 401 -9.94 3.40 47.23
C HIS A 401 -9.08 3.94 46.10
N LEU A 402 -7.88 3.38 45.90
CA LEU A 402 -6.99 3.84 44.85
C LEU A 402 -7.44 3.42 43.46
N SER A 403 -8.17 2.32 43.35
CA SER A 403 -8.50 1.75 42.06
C SER A 403 -9.47 2.64 41.29
N ARG A 404 -9.48 2.47 39.96
CA ARG A 404 -10.28 3.31 39.08
C ARG A 404 -11.10 2.51 38.07
N LYS A 405 -11.23 1.20 38.24
CA LYS A 405 -12.01 0.37 37.31
C LYS A 405 -12.81 -0.63 38.14
N PHE A 406 -14.00 -0.22 38.57
CA PHE A 406 -14.82 -1.03 39.45
C PHE A 406 -15.72 -1.97 38.65
N LYS A 407 -16.34 -2.91 39.36
CA LYS A 407 -17.07 -4.02 38.75
C LYS A 407 -18.43 -4.20 39.43
N ASP A 408 -19.17 -3.09 39.55
CA ASP A 408 -20.43 -3.02 40.29
C ASP A 408 -21.37 -4.20 40.01
N TRP A 409 -21.82 -4.35 38.77
CA TRP A 409 -22.84 -5.34 38.45
C TRP A 409 -22.41 -6.18 37.25
N ALA A 410 -22.66 -7.48 37.33
CA ALA A 410 -22.44 -8.41 36.24
C ALA A 410 -23.62 -9.35 36.15
N TYR A 411 -24.04 -9.66 34.91
CA TYR A 411 -25.19 -10.54 34.69
C TYR A 411 -24.96 -11.28 33.37
N GLY A 412 -24.44 -12.50 33.48
CA GLY A 412 -24.12 -13.29 32.31
C GLY A 412 -23.02 -12.65 31.49
N PRO A 413 -23.15 -12.70 30.16
CA PRO A 413 -22.12 -12.17 29.26
C PRO A 413 -22.24 -10.66 29.02
N VAL A 414 -22.48 -9.90 30.08
CA VAL A 414 -22.42 -8.43 30.03
C VAL A 414 -21.86 -7.95 31.36
N TYR A 415 -20.82 -7.12 31.31
CA TYR A 415 -20.13 -6.65 32.49
C TYR A 415 -20.24 -5.13 32.57
N SER A 416 -20.67 -4.64 33.73
CA SER A 416 -20.74 -3.20 33.96
C SER A 416 -19.53 -2.76 34.76
N SER A 417 -18.76 -1.82 34.20
CA SER A 417 -17.55 -1.32 34.84
C SER A 417 -17.70 0.17 35.10
N LEU A 418 -17.36 0.60 36.31
CA LEU A 418 -17.52 1.98 36.76
C LEU A 418 -16.14 2.62 36.85
N TYR A 419 -15.67 3.17 35.74
CA TYR A 419 -14.39 3.86 35.73
C TYR A 419 -14.50 5.19 36.46
N ASP A 420 -13.40 5.59 37.10
CA ASP A 420 -13.37 6.83 37.86
C ASP A 420 -13.06 8.01 36.95
N LEU A 421 -13.71 9.14 37.22
CA LEU A 421 -13.51 10.38 36.49
C LEU A 421 -13.01 11.50 37.40
N SER A 422 -12.29 11.15 38.47
CA SER A 422 -11.79 12.15 39.40
C SER A 422 -10.77 13.10 38.75
N SER A 423 -10.19 12.70 37.62
CA SER A 423 -9.24 13.53 36.90
C SER A 423 -9.53 13.66 35.43
N LEU A 424 -10.30 12.74 34.83
CA LEU A 424 -10.57 12.80 33.41
C LEU A 424 -11.58 13.87 33.04
N ASP A 425 -12.34 14.38 34.00
CA ASP A 425 -13.34 15.42 33.73
C ASP A 425 -13.56 16.20 35.03
N THR A 426 -13.24 17.49 34.99
CA THR A 426 -13.28 18.34 36.18
C THR A 426 -14.12 19.57 35.89
N CYS A 427 -14.86 20.03 36.91
CA CYS A 427 -15.74 21.20 36.77
C CYS A 427 -14.94 22.45 37.10
N GLY A 428 -13.99 22.77 36.24
CA GLY A 428 -13.28 24.04 36.31
C GLY A 428 -12.15 24.23 37.31
N GLU A 429 -12.44 24.10 38.61
CA GLU A 429 -11.47 24.52 39.62
C GLU A 429 -10.45 23.42 39.93
N GLU A 430 -9.90 22.81 38.88
CA GLU A 430 -8.73 21.93 38.90
C GLU A 430 -8.51 21.48 37.47
N ALA A 431 -7.31 20.96 37.20
CA ALA A 431 -6.96 20.50 35.87
C ALA A 431 -7.61 19.15 35.59
N SER A 432 -7.92 18.91 34.31
CA SER A 432 -8.47 17.64 33.86
C SER A 432 -7.58 17.04 32.79
N VAL A 433 -7.68 15.73 32.63
CA VAL A 433 -6.80 15.00 31.73
C VAL A 433 -7.04 15.41 30.28
N LEU A 434 -8.31 15.58 29.90
CA LEU A 434 -8.63 15.87 28.51
C LEU A 434 -8.04 17.20 28.05
N GLU A 435 -8.05 18.22 28.93
CA GLU A 435 -7.58 19.54 28.52
C GLU A 435 -6.10 19.53 28.16
N ILE A 436 -5.28 18.86 28.97
CA ILE A 436 -3.88 18.66 28.60
C ILE A 436 -3.78 17.72 27.41
N LEU A 437 -4.70 16.78 27.29
CA LEU A 437 -4.74 15.92 26.11
C LEU A 437 -5.28 16.74 24.95
N VAL A 438 -5.48 16.11 23.79
CA VAL A 438 -5.70 16.72 22.47
C VAL A 438 -6.03 18.22 22.42
N TYR A 439 -5.40 19.01 23.29
CA TYR A 439 -5.47 20.46 23.17
C TYR A 439 -4.14 21.10 23.55
N ASN A 440 -3.19 20.29 24.03
CA ASN A 440 -1.91 20.81 24.48
C ASN A 440 -0.75 19.97 23.96
N SER A 441 -1.01 18.72 23.60
CA SER A 441 0.03 17.80 23.17
C SER A 441 0.27 17.93 21.68
N LYS A 442 1.51 17.71 21.26
CA LYS A 442 1.88 17.83 19.85
C LYS A 442 2.64 16.59 19.37
N ILE A 443 2.28 15.41 19.87
CA ILE A 443 2.94 14.18 19.48
C ILE A 443 1.91 13.11 19.11
N GLU A 444 2.38 11.89 18.85
CA GLU A 444 1.55 10.78 18.41
C GLU A 444 0.47 10.38 19.42
N ASN A 445 0.59 10.81 20.69
CA ASN A 445 -0.35 10.40 21.72
C ASN A 445 -1.79 10.80 21.40
N ARG A 446 -2.00 11.81 20.58
CA ARG A 446 -3.34 12.28 20.24
C ARG A 446 -4.12 11.30 19.38
N HIS A 447 -3.54 10.14 19.05
CA HIS A 447 -4.24 9.15 18.25
C HIS A 447 -4.37 7.78 18.90
N GLU A 448 -3.42 7.35 19.73
CA GLU A 448 -3.49 6.05 20.37
C GLU A 448 -4.13 6.14 21.75
N MET A 449 -3.86 7.24 22.49
CA MET A 449 -4.48 7.43 23.79
C MET A 449 -5.96 7.74 23.71
N LEU A 450 -6.50 7.96 22.52
CA LEU A 450 -7.95 8.09 22.39
C LEU A 450 -8.62 6.73 22.47
N ALA A 451 -8.18 5.80 21.63
CA ALA A 451 -8.77 4.46 21.61
C ALA A 451 -8.34 3.67 22.84
N VAL A 452 -8.89 4.03 23.99
CA VAL A 452 -8.51 3.45 25.28
C VAL A 452 -9.77 3.38 26.12
N GLU A 453 -9.63 2.96 27.38
CA GLU A 453 -10.70 2.95 28.38
C GLU A 453 -11.31 4.34 28.47
N PRO A 454 -12.48 4.55 29.15
CA PRO A 454 -13.43 5.54 28.63
C PRO A 454 -12.91 6.96 28.58
N ILE A 455 -12.09 7.22 27.57
CA ILE A 455 -11.81 8.58 27.11
C ILE A 455 -12.53 8.76 25.78
N ASN A 456 -12.38 7.78 24.88
CA ASN A 456 -13.09 7.81 23.60
C ASN A 456 -14.59 7.58 23.75
N GLU A 457 -14.99 6.57 24.52
CA GLU A 457 -16.41 6.34 24.74
C GLU A 457 -17.02 7.39 25.66
N LEU A 458 -16.20 7.99 26.53
CA LEU A 458 -16.66 9.15 27.29
C LEU A 458 -17.01 10.29 26.35
N LEU A 459 -16.19 10.52 25.32
CA LEU A 459 -16.51 11.52 24.32
C LEU A 459 -17.78 11.17 23.57
N ARG A 460 -17.98 9.90 23.22
CA ARG A 460 -19.20 9.50 22.53
C ARG A 460 -20.43 9.76 23.39
N ASP A 461 -20.35 9.43 24.69
CA ASP A 461 -21.48 9.67 25.58
C ASP A 461 -21.74 11.16 25.76
N LYS A 462 -20.69 11.94 25.98
CA LYS A 462 -20.85 13.39 26.16
C LYS A 462 -21.37 14.04 24.87
N TRP A 463 -21.05 13.45 23.73
CA TRP A 463 -21.64 13.91 22.47
C TRP A 463 -23.13 13.57 22.42
N ARG A 464 -23.47 12.29 22.48
CA ARG A 464 -24.86 11.86 22.34
C ARG A 464 -25.80 12.45 23.39
N LYS A 465 -25.27 12.87 24.55
CA LYS A 465 -26.15 13.48 25.55
C LYS A 465 -26.77 14.77 25.05
N PHE A 466 -25.97 15.82 24.91
CA PHE A 466 -26.49 17.10 24.41
C PHE A 466 -25.56 17.74 23.41
N GLY A 467 -24.34 17.21 23.25
CA GLY A 467 -23.35 17.88 22.43
C GLY A 467 -23.70 17.87 20.96
N ALA A 468 -24.26 16.75 20.47
CA ALA A 468 -24.69 16.68 19.08
C ALA A 468 -25.79 17.69 18.80
N VAL A 469 -26.78 17.78 19.69
CA VAL A 469 -27.86 18.75 19.51
C VAL A 469 -27.32 20.17 19.53
N SER A 470 -26.40 20.45 20.47
CA SER A 470 -25.82 21.79 20.55
C SER A 470 -25.03 22.14 19.30
N PHE A 471 -24.23 21.20 18.79
CA PHE A 471 -23.45 21.47 17.58
C PHE A 471 -24.35 21.70 16.38
N TYR A 472 -25.40 20.87 16.24
CA TYR A 472 -26.32 21.05 15.12
C TYR A 472 -27.06 22.38 15.21
N ILE A 473 -27.52 22.75 16.42
CA ILE A 473 -28.18 24.04 16.59
C ILE A 473 -27.23 25.18 16.25
N ASN A 474 -25.98 25.08 16.72
CA ASN A 474 -25.00 26.12 16.43
C ASN A 474 -24.74 26.26 14.94
N VAL A 475 -24.52 25.15 14.24
CA VAL A 475 -24.20 25.25 12.81
C VAL A 475 -25.39 25.76 12.02
N VAL A 476 -26.60 25.28 12.33
CA VAL A 476 -27.78 25.74 11.60
C VAL A 476 -28.03 27.22 11.87
N SER A 477 -27.92 27.64 13.14
CA SER A 477 -28.14 29.04 13.47
C SER A 477 -27.09 29.94 12.83
N TYR A 478 -25.83 29.50 12.80
CA TYR A 478 -24.79 30.33 12.19
C TYR A 478 -24.97 30.42 10.68
N LEU A 479 -25.36 29.32 10.04
CA LEU A 479 -25.65 29.39 8.61
C LEU A 479 -26.82 30.31 8.32
N CYS A 480 -27.88 30.24 9.13
CA CYS A 480 -29.02 31.13 8.93
C CYS A 480 -28.62 32.58 9.15
N ALA A 481 -27.81 32.85 10.17
CA ALA A 481 -27.35 34.22 10.41
C ALA A 481 -26.49 34.73 9.26
N MET A 482 -25.63 33.87 8.70
CA MET A 482 -24.81 34.28 7.57
C MET A 482 -25.66 34.54 6.34
N VAL A 483 -26.68 33.72 6.10
CA VAL A 483 -27.58 33.95 4.97
C VAL A 483 -28.34 35.27 5.17
N ILE A 484 -28.81 35.53 6.39
CA ILE A 484 -29.49 36.78 6.67
C ILE A 484 -28.56 37.97 6.47
N PHE A 485 -27.30 37.85 6.89
CA PHE A 485 -26.35 38.94 6.71
C PHE A 485 -26.07 39.20 5.24
N THR A 486 -25.92 38.12 4.44
CA THR A 486 -25.74 38.29 3.01
C THR A 486 -26.94 38.98 2.36
N LEU A 487 -28.16 38.56 2.74
CA LEU A 487 -29.35 39.17 2.17
C LEU A 487 -29.49 40.63 2.57
N THR A 488 -29.20 40.96 3.83
CA THR A 488 -29.35 42.33 4.28
C THR A 488 -28.20 43.20 3.81
N ALA A 489 -27.11 42.59 3.33
CA ALA A 489 -26.07 43.38 2.69
C ALA A 489 -26.38 43.63 1.22
N TYR A 490 -26.86 42.62 0.50
CA TYR A 490 -27.19 42.80 -0.90
C TYR A 490 -28.44 43.65 -1.06
N TYR A 491 -29.43 43.47 -0.19
CA TYR A 491 -30.66 44.25 -0.21
C TYR A 491 -30.60 45.51 0.64
N GLN A 492 -29.42 45.85 1.16
CA GLN A 492 -29.30 47.08 1.93
C GLN A 492 -29.61 48.28 1.03
N PRO A 493 -30.35 49.28 1.54
CA PRO A 493 -30.76 50.41 0.71
C PRO A 493 -29.62 51.05 -0.08
N LEU A 494 -29.69 50.94 -1.41
CA LEU A 494 -28.65 51.41 -2.30
C LEU A 494 -28.60 52.94 -2.31
N GLU A 495 -29.70 53.56 -2.72
CA GLU A 495 -29.75 55.01 -2.82
C GLU A 495 -30.05 55.64 -1.47
N GLY A 496 -29.99 56.96 -1.42
CA GLY A 496 -30.32 57.70 -0.22
C GLY A 496 -29.16 57.85 0.74
N THR A 497 -29.45 58.52 1.85
CA THR A 497 -28.46 58.75 2.88
C THR A 497 -28.05 57.41 3.53
N PRO A 498 -26.80 57.29 3.98
CA PRO A 498 -26.32 56.01 4.53
C PRO A 498 -27.16 55.51 5.70
N PRO A 499 -27.64 56.38 6.63
CA PRO A 499 -28.51 55.85 7.68
C PRO A 499 -29.84 55.33 7.14
N TYR A 500 -30.54 56.16 6.36
CA TYR A 500 -31.81 55.84 5.70
C TYR A 500 -32.94 55.61 6.71
N PRO A 501 -34.19 55.89 6.33
CA PRO A 501 -35.30 55.65 7.26
C PRO A 501 -35.82 54.22 7.19
N TYR A 502 -36.77 53.89 8.05
CA TYR A 502 -37.40 52.57 8.07
C TYR A 502 -38.87 52.73 8.38
N ARG A 503 -39.70 52.73 7.33
CA ARG A 503 -41.15 52.81 7.50
C ARG A 503 -41.83 51.67 6.76
N THR A 504 -41.22 51.23 5.66
CA THR A 504 -41.76 50.12 4.90
C THR A 504 -41.48 48.80 5.62
N THR A 505 -42.44 47.86 5.51
CA THR A 505 -42.27 46.56 6.15
C THR A 505 -41.09 45.80 5.59
N VAL A 506 -40.81 45.96 4.28
CA VAL A 506 -39.62 45.34 3.70
C VAL A 506 -38.36 45.92 4.33
N ASP A 507 -38.33 47.25 4.50
CA ASP A 507 -37.19 47.88 5.19
C ASP A 507 -37.14 47.47 6.65
N TYR A 508 -38.30 47.28 7.30
CA TYR A 508 -38.31 46.83 8.68
C TYR A 508 -37.71 45.45 8.82
N LEU A 509 -38.00 44.56 7.87
CA LEU A 509 -37.41 43.22 7.90
C LEU A 509 -35.89 43.28 7.76
N ARG A 510 -35.39 44.13 6.85
CA ARG A 510 -33.95 44.28 6.70
C ARG A 510 -33.32 44.87 7.96
N LEU A 511 -33.99 45.83 8.59
CA LEU A 511 -33.49 46.41 9.84
C LEU A 511 -33.44 45.35 10.94
N ALA A 512 -34.46 44.49 11.01
CA ALA A 512 -34.42 43.39 11.97
C ALA A 512 -33.27 42.43 11.66
N GLY A 513 -32.99 42.19 10.39
CA GLY A 513 -31.82 41.41 10.02
C GLY A 513 -30.53 42.04 10.50
N GLU A 514 -30.41 43.35 10.35
CA GLU A 514 -29.24 44.05 10.85
C GLU A 514 -29.14 43.94 12.36
N VAL A 515 -30.27 44.04 13.07
CA VAL A 515 -30.24 43.92 14.53
C VAL A 515 -29.78 42.54 14.95
N ILE A 516 -30.32 41.49 14.31
CA ILE A 516 -29.95 40.14 14.74
C ILE A 516 -28.50 39.84 14.39
N THR A 517 -28.01 40.33 13.25
CA THR A 517 -26.61 40.07 12.93
C THR A 517 -25.68 40.91 13.81
N LEU A 518 -26.13 42.09 14.26
CA LEU A 518 -25.34 42.86 15.22
C LEU A 518 -25.27 42.13 16.57
N PHE A 519 -26.39 41.56 17.01
CA PHE A 519 -26.36 40.76 18.23
C PHE A 519 -25.44 39.55 18.07
N THR A 520 -25.47 38.91 16.91
CA THR A 520 -24.56 37.79 16.66
C THR A 520 -23.11 38.26 16.74
N GLY A 521 -22.81 39.41 16.14
CA GLY A 521 -21.45 39.92 16.17
C GLY A 521 -20.97 40.26 17.56
N VAL A 522 -21.83 40.90 18.37
CA VAL A 522 -21.42 41.26 19.72
C VAL A 522 -21.35 40.04 20.63
N LEU A 523 -22.10 38.97 20.31
CA LEU A 523 -22.03 37.76 21.13
C LEU A 523 -20.63 37.16 21.10
N PHE A 524 -20.05 37.00 19.91
CA PHE A 524 -18.70 36.47 19.82
C PHE A 524 -17.68 37.41 20.43
N PHE A 525 -17.88 38.72 20.29
CA PHE A 525 -16.96 39.68 20.93
C PHE A 525 -16.95 39.49 22.44
N PHE A 526 -18.13 39.43 23.06
CA PHE A 526 -18.21 39.24 24.50
C PHE A 526 -17.64 37.88 24.91
N THR A 527 -17.93 36.83 24.13
CA THR A 527 -17.43 35.51 24.47
C THR A 527 -15.90 35.45 24.42
N ASN A 528 -15.29 36.08 23.41
CA ASN A 528 -13.84 36.06 23.32
C ASN A 528 -13.21 36.96 24.36
N ILE A 529 -13.85 38.08 24.69
CA ILE A 529 -13.33 38.94 25.75
C ILE A 529 -13.39 38.23 27.10
N LYS A 530 -14.41 37.41 27.32
CA LYS A 530 -14.50 36.64 28.56
C LYS A 530 -13.29 35.72 28.73
N ASP A 531 -12.78 35.16 27.63
CA ASP A 531 -11.58 34.34 27.71
C ASP A 531 -10.35 35.19 27.96
N LEU A 532 -10.30 36.40 27.38
CA LEU A 532 -9.16 37.28 27.58
C LEU A 532 -9.07 37.75 29.03
N PHE A 533 -10.20 38.02 29.66
CA PHE A 533 -10.24 38.49 31.04
C PHE A 533 -10.05 37.36 32.05
N MET A 534 -10.03 36.10 31.58
CA MET A 534 -9.83 34.97 32.47
C MET A 534 -8.64 34.13 32.03
N PHE A 549 -8.84 30.13 14.21
CA PHE A 549 -9.29 29.75 15.54
C PHE A 549 -10.13 30.85 16.17
N GLN A 550 -9.93 31.07 17.47
CA GLN A 550 -10.67 32.13 18.17
C GLN A 550 -10.32 33.52 17.65
N LEU A 551 -9.14 33.69 17.05
CA LEU A 551 -8.78 34.99 16.48
C LEU A 551 -9.71 35.38 15.34
N LEU A 552 -10.09 34.41 14.49
CA LEU A 552 -11.02 34.71 13.40
C LEU A 552 -12.36 35.17 13.95
N TYR A 553 -12.86 34.52 14.99
CA TYR A 553 -14.10 34.95 15.61
C TYR A 553 -13.97 36.35 16.21
N PHE A 554 -12.84 36.64 16.86
CA PHE A 554 -12.63 37.98 17.39
C PHE A 554 -12.53 39.01 16.28
N ILE A 555 -11.82 38.67 15.20
CA ILE A 555 -11.68 39.59 14.08
C ILE A 555 -13.03 39.87 13.43
N TYR A 556 -13.84 38.83 13.23
CA TYR A 556 -15.17 39.03 12.66
C TYR A 556 -16.07 39.84 13.59
N SER A 557 -15.90 39.69 14.91
CA SER A 557 -16.76 40.39 15.86
C SER A 557 -16.56 41.89 15.81
N VAL A 558 -15.30 42.35 15.80
CA VAL A 558 -15.04 43.78 15.83
C VAL A 558 -15.48 44.46 14.54
N LEU A 559 -15.34 43.78 13.40
CA LEU A 559 -15.69 44.39 12.13
C LEU A 559 -17.17 44.73 12.06
N VAL A 560 -18.04 43.85 12.56
CA VAL A 560 -19.47 44.16 12.60
C VAL A 560 -19.73 45.34 13.51
N ILE A 561 -19.04 45.40 14.66
CA ILE A 561 -19.23 46.52 15.59
C ILE A 561 -18.81 47.83 14.94
N VAL A 562 -17.66 47.83 14.26
CA VAL A 562 -17.19 49.04 13.60
C VAL A 562 -18.17 49.47 12.51
N SER A 563 -18.67 48.51 11.72
CA SER A 563 -19.60 48.85 10.64
C SER A 563 -20.88 49.48 11.19
N ALA A 564 -21.42 48.91 12.28
CA ALA A 564 -22.59 49.50 12.90
C ALA A 564 -22.30 50.87 13.49
N ALA A 565 -21.13 51.02 14.13
CA ALA A 565 -20.76 52.33 14.67
C ALA A 565 -20.61 53.36 13.55
N LEU A 566 -19.98 52.96 12.44
CA LEU A 566 -19.88 53.86 11.29
C LEU A 566 -21.24 54.12 10.67
N TYR A 567 -22.13 53.14 10.70
CA TYR A 567 -23.48 53.32 10.18
C TYR A 567 -24.26 54.37 10.98
N LEU A 568 -24.14 54.36 12.30
CA LEU A 568 -24.84 55.32 13.14
C LEU A 568 -24.16 56.69 13.18
N ALA A 569 -22.91 56.78 12.72
CA ALA A 569 -22.21 58.06 12.74
C ALA A 569 -22.54 58.91 11.52
N GLY A 570 -22.47 58.30 10.33
CA GLY A 570 -22.75 59.02 9.10
C GLY A 570 -21.74 58.73 8.01
N ILE A 571 -20.65 58.05 8.36
CA ILE A 571 -19.62 57.71 7.38
C ILE A 571 -20.13 56.60 6.49
N GLU A 572 -20.00 56.80 5.17
CA GLU A 572 -20.48 55.84 4.19
C GLU A 572 -19.49 54.71 3.93
N ALA A 573 -18.29 54.77 4.52
CA ALA A 573 -17.26 53.76 4.29
C ALA A 573 -17.48 52.50 5.11
N TYR A 574 -18.64 52.35 5.73
CA TYR A 574 -18.96 51.15 6.51
C TYR A 574 -19.26 49.95 5.64
N LEU A 575 -19.71 50.17 4.41
CA LEU A 575 -20.11 49.06 3.54
C LEU A 575 -18.93 48.15 3.22
N ALA A 576 -17.75 48.72 2.95
CA ALA A 576 -16.58 47.91 2.63
C ALA A 576 -16.18 47.02 3.80
N VAL A 577 -16.19 47.58 5.02
CA VAL A 577 -15.89 46.77 6.19
C VAL A 577 -17.00 45.76 6.45
N MET A 578 -18.26 46.14 6.21
CA MET A 578 -19.38 45.23 6.42
C MET A 578 -19.26 44.01 5.51
N VAL A 579 -18.91 44.20 4.24
CA VAL A 579 -18.78 43.08 3.32
C VAL A 579 -17.58 42.20 3.71
N PHE A 580 -16.48 42.81 4.15
CA PHE A 580 -15.33 42.03 4.57
C PHE A 580 -15.69 41.17 5.78
N ALA A 581 -16.45 41.73 6.73
CA ALA A 581 -16.97 40.93 7.82
C ALA A 581 -17.87 39.81 7.29
N LEU A 582 -18.65 40.08 6.26
CA LEU A 582 -19.48 39.06 5.64
C LEU A 582 -18.64 37.93 5.07
N VAL A 583 -17.66 38.27 4.24
CA VAL A 583 -16.87 37.23 3.58
C VAL A 583 -16.04 36.46 4.59
N LEU A 584 -15.35 37.17 5.49
CA LEU A 584 -14.55 36.48 6.51
C LEU A 584 -15.42 35.60 7.40
N GLY A 585 -16.71 35.92 7.52
CA GLY A 585 -17.62 35.04 8.23
C GLY A 585 -17.78 33.69 7.58
N TRP A 586 -17.68 33.61 6.25
CA TRP A 586 -17.89 32.33 5.57
C TRP A 586 -16.69 31.42 5.73
N MET A 587 -15.47 31.96 5.65
CA MET A 587 -14.31 31.15 6.04
C MET A 587 -14.32 30.85 7.53
N ASN A 588 -14.94 31.71 8.35
CA ASN A 588 -15.14 31.39 9.75
C ASN A 588 -16.04 30.17 9.89
N ALA A 589 -17.00 30.01 8.97
CA ALA A 589 -17.90 28.87 8.99
C ALA A 589 -17.23 27.54 8.64
N LEU A 590 -16.02 27.57 8.07
CA LEU A 590 -15.35 26.31 7.73
C LEU A 590 -14.98 25.52 8.98
N TYR A 591 -14.96 26.17 10.14
CA TYR A 591 -14.64 25.46 11.38
C TYR A 591 -15.72 24.47 11.78
N PHE A 592 -16.89 24.51 11.14
CA PHE A 592 -17.97 23.59 11.46
C PHE A 592 -17.90 22.28 10.70
N THR A 593 -16.96 22.15 9.76
CA THR A 593 -16.81 20.89 9.04
C THR A 593 -16.21 19.78 9.91
N ARG A 594 -15.74 20.11 11.11
CA ARG A 594 -15.18 19.13 12.02
C ARG A 594 -16.19 18.05 12.39
N GLN A 607 -7.97 21.41 5.72
CA GLN A 607 -8.44 22.67 6.28
C GLN A 607 -8.18 22.71 7.79
N LYS A 608 -8.01 23.92 8.33
CA LYS A 608 -7.72 24.15 9.75
C LYS A 608 -6.45 23.43 10.18
N ILE A 609 -5.44 23.43 9.32
CA ILE A 609 -4.15 22.81 9.62
C ILE A 609 -3.04 23.82 9.38
N LEU A 610 -3.35 24.87 8.63
CA LEU A 610 -2.38 25.92 8.32
C LEU A 610 -2.56 27.09 9.28
N PHE A 611 -1.47 27.48 9.95
CA PHE A 611 -1.51 28.61 10.87
C PHE A 611 -0.60 29.73 10.39
N LYS A 612 0.68 29.46 10.15
CA LYS A 612 1.62 30.47 9.66
C LYS A 612 2.25 30.08 8.34
N ASP A 613 1.95 28.89 7.81
CA ASP A 613 2.48 28.49 6.51
C ASP A 613 1.95 29.35 5.36
N LEU A 614 0.84 30.06 5.57
CA LEU A 614 0.33 30.94 4.52
C LEU A 614 1.33 32.06 4.23
N PHE A 615 1.77 32.77 5.26
CA PHE A 615 2.76 33.81 5.06
C PHE A 615 4.10 33.24 4.61
N ARG A 616 4.43 32.03 5.07
CA ARG A 616 5.69 31.40 4.66
C ARG A 616 5.71 31.16 3.16
N PHE A 617 4.60 30.69 2.59
CA PHE A 617 4.57 30.45 1.15
C PHE A 617 4.51 31.74 0.35
N LEU A 618 3.74 32.73 0.81
CA LEU A 618 3.68 33.99 0.08
C LEU A 618 5.03 34.69 0.08
N LEU A 619 5.77 34.63 1.20
CA LEU A 619 7.07 35.27 1.27
C LEU A 619 8.04 34.72 0.22
N VAL A 620 8.04 33.41 0.02
CA VAL A 620 8.93 32.79 -0.95
C VAL A 620 8.40 32.90 -2.38
N TYR A 621 7.08 32.81 -2.58
CA TYR A 621 6.53 32.95 -3.93
C TYR A 621 6.75 34.36 -4.47
N LEU A 622 6.56 35.38 -3.62
CA LEU A 622 6.79 36.74 -4.06
C LEU A 622 8.25 36.97 -4.42
N LEU A 623 9.18 36.44 -3.61
CA LEU A 623 10.60 36.56 -3.95
C LEU A 623 10.92 35.84 -5.25
N PHE A 624 10.39 34.63 -5.43
CA PHE A 624 10.58 33.91 -6.68
C PHE A 624 10.10 34.71 -7.88
N MET A 625 8.89 35.24 -7.83
CA MET A 625 8.33 36.02 -8.93
C MET A 625 9.09 37.33 -9.17
N ILE A 626 9.46 38.05 -8.10
CA ILE A 626 10.14 39.33 -8.28
C ILE A 626 11.54 39.10 -8.85
N GLY A 627 12.19 38.01 -8.47
CA GLY A 627 13.50 37.70 -9.02
C GLY A 627 13.44 37.18 -10.43
N TYR A 628 12.37 36.45 -10.76
CA TYR A 628 12.25 35.88 -12.10
C TYR A 628 11.85 36.95 -13.12
N ALA A 629 10.97 37.87 -12.74
CA ALA A 629 10.57 38.94 -13.66
C ALA A 629 11.73 39.85 -14.00
N SER A 630 12.68 40.04 -13.08
CA SER A 630 13.86 40.85 -13.36
C SER A 630 14.73 40.23 -14.44
N ALA A 631 14.76 38.89 -14.54
CA ALA A 631 15.48 38.22 -15.61
C ALA A 631 14.84 38.47 -16.96
N LEU A 632 13.51 38.35 -17.05
CA LEU A 632 12.83 38.47 -18.33
C LEU A 632 12.75 39.92 -18.80
N VAL A 633 12.63 40.88 -17.86
CA VAL A 633 12.55 42.27 -18.28
C VAL A 633 13.85 42.74 -18.91
N SER A 634 14.96 42.06 -18.63
CA SER A 634 16.25 42.42 -19.21
C SER A 634 16.37 42.06 -20.67
N LEU A 635 15.51 41.19 -21.19
CA LEU A 635 15.54 40.77 -22.58
C LEU A 635 14.76 41.69 -23.51
N LEU A 636 14.07 42.69 -22.97
CA LEU A 636 13.25 43.57 -23.78
C LEU A 636 14.11 44.49 -24.63
N ASN A 637 13.48 45.11 -25.63
CA ASN A 637 14.19 46.00 -26.54
C ASN A 637 14.67 47.23 -25.78
N PRO A 638 15.79 47.84 -26.19
CA PRO A 638 16.26 49.05 -25.50
C PRO A 638 15.27 50.19 -25.64
N CYS A 639 15.47 51.20 -24.80
CA CYS A 639 14.60 52.37 -24.79
C CYS A 639 14.70 53.13 -26.12
N ALA A 640 15.93 53.38 -26.58
CA ALA A 640 16.12 54.08 -27.85
C ALA A 640 16.06 53.11 -29.02
N ASN A 641 14.85 52.74 -29.42
CA ASN A 641 14.63 51.81 -30.53
C ASN A 641 15.39 50.50 -30.33
N PRO A 655 7.19 53.84 -27.72
CA PRO A 655 7.85 52.88 -26.84
C PRO A 655 6.96 52.49 -25.68
N THR A 656 7.36 52.90 -24.48
CA THR A 656 6.60 52.69 -23.24
C THR A 656 6.49 51.20 -22.98
N TYR A 657 5.33 50.68 -22.57
CA TYR A 657 5.19 49.31 -22.09
C TYR A 657 5.14 48.27 -23.22
N PRO A 658 4.24 48.40 -24.21
CA PRO A 658 4.10 47.31 -25.19
C PRO A 658 5.32 47.14 -26.07
N SER A 659 5.93 48.23 -26.53
CA SER A 659 7.10 48.18 -27.41
C SER A 659 8.30 48.72 -26.65
N CYS A 660 9.42 48.00 -26.72
CA CYS A 660 10.65 48.36 -26.02
C CYS A 660 10.40 48.43 -24.52
N ARG A 661 11.26 49.15 -23.79
CA ARG A 661 11.06 49.29 -22.36
C ARG A 661 11.66 50.60 -21.86
N ASP A 662 11.63 50.82 -20.55
CA ASP A 662 12.17 52.01 -19.93
C ASP A 662 12.69 51.63 -18.54
N SER A 663 13.09 52.64 -17.77
CA SER A 663 13.61 52.38 -16.43
C SER A 663 12.51 52.12 -15.41
N GLU A 664 11.25 52.39 -15.76
CA GLU A 664 10.14 52.23 -14.82
C GLU A 664 9.07 51.27 -15.33
N THR A 665 9.35 50.53 -16.41
CA THR A 665 8.38 49.57 -16.93
C THR A 665 8.32 48.29 -16.11
N PHE A 666 9.30 48.05 -15.24
CA PHE A 666 9.34 46.80 -14.49
C PHE A 666 8.20 46.70 -13.49
N SER A 667 7.65 47.84 -13.06
CA SER A 667 6.51 47.82 -12.16
C SER A 667 5.28 47.21 -12.83
N THR A 668 5.06 47.55 -14.11
CA THR A 668 3.93 47.01 -14.84
C THR A 668 4.23 45.64 -15.43
N PHE A 669 5.51 45.35 -15.71
CA PHE A 669 5.86 44.00 -16.13
C PHE A 669 5.53 42.99 -15.03
N LEU A 670 5.70 43.37 -13.77
CA LEU A 670 5.31 42.51 -12.66
C LEU A 670 3.81 42.20 -12.70
N LEU A 671 2.98 43.22 -12.93
CA LEU A 671 1.54 43.00 -12.98
C LEU A 671 1.15 42.16 -14.18
N ASP A 672 1.81 42.38 -15.33
CA ASP A 672 1.54 41.55 -16.50
C ASP A 672 1.88 40.09 -16.23
N LEU A 673 3.03 39.84 -15.58
CA LEU A 673 3.42 38.48 -15.28
C LEU A 673 2.51 37.86 -14.23
N PHE A 674 1.96 38.66 -13.33
CA PHE A 674 1.01 38.15 -12.35
C PHE A 674 -0.31 37.79 -13.02
N LYS A 675 -0.81 38.63 -13.92
CA LYS A 675 -2.01 38.31 -14.68
C LYS A 675 -1.82 37.13 -15.60
N LEU A 676 -0.59 36.87 -16.05
CA LEU A 676 -0.32 35.69 -16.86
C LEU A 676 -0.63 34.41 -16.11
N THR A 677 -0.46 34.41 -14.78
CA THR A 677 -0.74 33.21 -13.99
C THR A 677 -2.21 32.81 -14.08
N ILE A 678 -3.11 33.80 -14.11
CA ILE A 678 -4.54 33.52 -14.24
C ILE A 678 -4.90 33.52 -15.71
N GLY A 679 -4.13 34.25 -16.51
CA GLY A 679 -4.39 34.38 -17.94
C GLY A 679 -5.19 35.60 -18.33
N MET A 680 -5.52 36.48 -17.39
CA MET A 680 -6.31 37.67 -17.69
C MET A 680 -5.54 38.64 -18.58
N GLY A 681 -4.26 38.87 -18.26
CA GLY A 681 -3.50 39.86 -19.00
C GLY A 681 -3.19 39.40 -20.41
N ASP A 682 -3.04 40.38 -21.30
CA ASP A 682 -2.76 40.11 -22.70
C ASP A 682 -1.26 40.04 -22.92
N LEU A 683 -0.82 39.05 -23.70
CA LEU A 683 0.60 38.78 -23.91
C LEU A 683 1.16 39.47 -25.15
N GLU A 684 1.05 40.79 -25.25
CA GLU A 684 1.65 41.52 -26.34
C GLU A 684 3.09 41.91 -26.09
N MET A 685 3.64 41.59 -24.92
CA MET A 685 5.01 41.98 -24.60
C MET A 685 6.04 41.13 -25.33
N LEU A 686 5.68 39.90 -25.73
CA LEU A 686 6.64 39.05 -26.42
C LEU A 686 6.94 39.53 -27.84
N SER A 687 6.15 40.47 -28.36
CA SER A 687 6.44 41.05 -29.67
C SER A 687 7.52 42.14 -29.59
N SER A 688 7.91 42.56 -28.40
CA SER A 688 8.90 43.60 -28.22
C SER A 688 10.31 43.08 -27.97
N THR A 689 10.45 41.85 -27.47
CA THR A 689 11.76 41.31 -27.17
C THR A 689 12.58 41.14 -28.45
N LYS A 690 13.88 41.42 -28.36
CA LYS A 690 14.76 41.27 -29.52
C LYS A 690 15.06 39.82 -29.82
N TYR A 691 14.85 38.92 -28.86
CA TYR A 691 15.14 37.49 -29.02
C TYR A 691 13.91 36.68 -28.61
N PRO A 692 12.90 36.62 -29.48
CA PRO A 692 11.71 35.83 -29.13
C PRO A 692 11.97 34.34 -29.00
N VAL A 693 13.07 33.84 -29.58
CA VAL A 693 13.35 32.42 -29.53
C VAL A 693 13.71 31.97 -28.11
N VAL A 694 14.43 32.80 -27.36
CA VAL A 694 14.82 32.46 -25.99
C VAL A 694 13.84 33.02 -24.97
N PHE A 695 13.17 34.14 -25.26
CA PHE A 695 12.16 34.67 -24.35
C PHE A 695 11.02 33.68 -24.17
N ILE A 696 10.59 33.04 -25.26
CA ILE A 696 9.50 32.07 -25.17
C ILE A 696 9.92 30.85 -24.36
N ILE A 697 11.17 30.41 -24.52
CA ILE A 697 11.67 29.29 -23.73
C ILE A 697 11.72 29.66 -22.25
N LEU A 698 12.18 30.87 -21.94
CA LEU A 698 12.26 31.29 -20.55
C LEU A 698 10.88 31.58 -19.96
N LEU A 699 9.87 31.80 -20.80
CA LEU A 699 8.51 32.01 -20.29
C LEU A 699 7.75 30.69 -20.10
N VAL A 700 7.98 29.70 -20.96
CA VAL A 700 7.34 28.40 -20.77
C VAL A 700 7.80 27.77 -19.47
N THR A 701 9.10 27.80 -19.20
CA THR A 701 9.60 27.29 -17.93
C THR A 701 9.09 28.12 -16.76
N TYR A 702 8.85 29.42 -16.97
CA TYR A 702 8.24 30.22 -15.92
C TYR A 702 6.85 29.71 -15.56
N ILE A 703 6.03 29.43 -16.58
CA ILE A 703 4.68 28.94 -16.31
C ILE A 703 4.73 27.59 -15.64
N ILE A 704 5.59 26.69 -16.11
CA ILE A 704 5.66 25.36 -15.50
C ILE A 704 6.14 25.45 -14.06
N LEU A 705 7.18 26.26 -13.80
CA LEU A 705 7.68 26.42 -12.44
C LEU A 705 6.62 27.02 -11.52
N THR A 706 5.92 28.06 -12.00
CA THR A 706 4.89 28.69 -11.18
C THR A 706 3.77 27.72 -10.86
N PHE A 707 3.32 26.96 -11.87
CA PHE A 707 2.23 26.00 -11.63
C PHE A 707 2.65 24.92 -10.66
N VAL A 708 3.86 24.37 -10.82
CA VAL A 708 4.32 23.33 -9.90
C VAL A 708 4.47 23.88 -8.49
N LEU A 709 5.04 25.08 -8.36
CA LEU A 709 5.30 25.67 -7.05
C LEU A 709 3.99 26.03 -6.35
N LEU A 710 2.96 26.40 -7.12
CA LEU A 710 1.65 26.67 -6.54
C LEU A 710 0.92 25.38 -6.17
N LEU A 711 1.06 24.34 -6.99
CA LEU A 711 0.38 23.08 -6.71
C LEU A 711 0.98 22.38 -5.50
N ASN A 712 2.29 22.51 -5.30
CA ASN A 712 2.95 21.85 -4.18
C ASN A 712 2.45 22.34 -2.83
N MET A 713 2.29 23.65 -2.65
CA MET A 713 1.81 24.16 -1.37
C MET A 713 0.37 23.74 -1.12
N LEU A 714 -0.45 23.69 -2.17
CA LEU A 714 -1.81 23.22 -2.01
C LEU A 714 -1.85 21.76 -1.57
N ILE A 715 -1.10 20.89 -2.26
CA ILE A 715 -1.13 19.48 -1.90
C ILE A 715 -0.47 19.25 -0.55
N ALA A 716 0.37 20.19 -0.09
CA ALA A 716 1.00 20.06 1.22
C ALA A 716 0.13 20.57 2.36
N LEU A 717 -0.70 21.59 2.13
CA LEU A 717 -1.52 22.17 3.18
C LEU A 717 -2.97 21.69 3.15
N MET A 718 -3.67 21.87 2.03
CA MET A 718 -5.09 21.56 2.00
C MET A 718 -5.35 20.07 2.08
N GLY A 719 -4.43 19.26 1.56
CA GLY A 719 -4.56 17.82 1.65
C GLY A 719 -4.29 17.32 3.06
N GLU A 720 -3.05 17.47 3.51
CA GLU A 720 -2.68 17.10 4.87
C GLU A 720 -1.64 18.06 5.43
N GLU A 728 -3.86 8.26 10.39
CA GLU A 728 -3.70 9.07 9.19
C GLU A 728 -5.02 9.21 8.44
N SER A 729 -5.62 8.07 8.11
CA SER A 729 -6.89 8.06 7.39
C SER A 729 -8.00 8.70 8.21
N LYS A 730 -8.31 8.12 9.37
CA LYS A 730 -9.34 8.64 10.26
C LYS A 730 -8.77 9.45 11.42
N HIS A 731 -7.46 9.73 11.41
CA HIS A 731 -6.87 10.54 12.46
C HIS A 731 -7.53 11.92 12.54
N ILE A 732 -7.70 12.58 11.39
CA ILE A 732 -8.34 13.89 11.38
C ILE A 732 -9.80 13.78 11.80
N TRP A 733 -10.54 12.83 11.24
CA TRP A 733 -11.95 12.67 11.57
C TRP A 733 -12.17 12.34 13.04
N LYS A 734 -11.18 11.74 13.70
CA LYS A 734 -11.28 11.52 15.13
C LYS A 734 -10.90 12.76 15.95
N LEU A 735 -9.70 13.30 15.73
CA LEU A 735 -9.19 14.38 16.56
C LEU A 735 -9.98 15.66 16.37
N GLN A 736 -10.19 16.09 15.12
CA GLN A 736 -10.86 17.36 14.87
C GLN A 736 -12.31 17.31 15.31
N TRP A 737 -12.94 16.14 15.23
CA TRP A 737 -14.31 16.01 15.70
C TRP A 737 -14.38 15.96 17.22
N ALA A 738 -13.41 15.29 17.87
CA ALA A 738 -13.40 15.26 19.33
C ALA A 738 -13.08 16.62 19.93
N THR A 739 -12.38 17.46 19.17
CA THR A 739 -12.09 18.81 19.65
C THR A 739 -13.37 19.62 19.85
N THR A 740 -14.35 19.46 18.96
CA THR A 740 -15.59 20.22 19.05
C THR A 740 -16.36 19.91 20.32
N ILE A 741 -16.38 18.64 20.75
CA ILE A 741 -17.11 18.29 21.96
C ILE A 741 -16.53 19.02 23.17
N LEU A 742 -15.20 19.04 23.30
CA LEU A 742 -14.58 19.78 24.39
C LEU A 742 -14.81 21.28 24.25
N ASP A 743 -14.73 21.81 23.02
CA ASP A 743 -14.91 23.25 22.82
C ASP A 743 -16.31 23.69 23.22
N ILE A 744 -17.33 22.87 22.92
CA ILE A 744 -18.69 23.20 23.34
C ILE A 744 -18.79 23.19 24.85
N GLU A 745 -18.18 22.21 25.53
CA GLU A 745 -18.26 22.13 26.98
C GLU A 745 -17.54 23.28 27.65
N ARG A 746 -16.45 23.78 27.05
CA ARG A 746 -15.74 24.92 27.64
C ARG A 746 -16.51 26.23 27.53
N SER A 747 -17.62 26.19 26.80
CA SER A 747 -18.46 27.39 26.58
C SER A 747 -19.76 27.30 27.40
N PHE A 748 -20.13 26.09 27.83
CA PHE A 748 -21.35 25.92 28.65
C PHE A 748 -21.18 26.70 29.95
N PRO A 749 -22.23 27.37 30.47
CA PRO A 749 -22.11 28.13 31.72
C PRO A 749 -21.90 27.17 32.89
N VAL A 750 -21.19 27.62 33.94
CA VAL A 750 -20.91 26.77 35.13
C VAL A 750 -22.24 26.38 35.80
N PHE A 751 -23.21 27.30 35.85
CA PHE A 751 -24.54 27.01 36.44
C PHE A 751 -25.19 25.87 35.63
N LEU A 752 -25.09 25.94 34.30
CA LEU A 752 -25.44 24.80 33.40
C LEU A 752 -24.50 23.61 33.60
N ARG A 753 -23.22 23.87 33.89
CA ARG A 753 -22.20 22.79 34.02
C ARG A 753 -22.54 21.83 35.17
N LYS A 754 -23.05 22.33 36.30
CA LYS A 754 -23.37 21.35 37.36
C LYS A 754 -24.48 20.42 36.83
N ALA A 755 -25.51 21.00 36.18
CA ALA A 755 -26.63 20.25 35.60
C ALA A 755 -26.15 19.38 34.43
N PHE A 756 -25.28 19.93 33.58
CA PHE A 756 -24.81 19.17 32.39
C PHE A 756 -23.37 18.68 32.56
N ARG A 757 -23.21 17.41 32.91
CA ARG A 757 -21.88 16.78 33.09
C ARG A 757 -22.04 15.28 32.83
N SER A 758 -20.96 14.58 32.48
CA SER A 758 -21.17 13.16 32.23
C SER A 758 -20.93 12.36 33.52
N GLY A 759 -21.41 11.12 33.50
CA GLY A 759 -21.29 10.25 34.66
C GLY A 759 -22.34 10.55 35.72
N GLU A 760 -22.19 9.89 36.85
CA GLU A 760 -23.13 10.01 37.96
C GLU A 760 -22.44 9.65 39.26
N MET A 761 -22.98 10.18 40.36
CA MET A 761 -22.52 9.77 41.68
C MET A 761 -22.89 8.32 41.94
N VAL A 762 -21.90 7.53 42.35
CA VAL A 762 -22.10 6.12 42.66
C VAL A 762 -21.34 5.80 43.94
N THR A 763 -21.73 4.69 44.57
CA THR A 763 -21.04 4.15 45.74
C THR A 763 -20.39 2.85 45.29
N VAL A 764 -19.12 2.94 44.90
CA VAL A 764 -18.43 1.79 44.32
C VAL A 764 -18.20 0.72 45.38
N GLY A 765 -18.02 1.11 46.63
CA GLY A 765 -17.80 0.14 47.69
C GLY A 765 -17.52 0.85 49.00
N LYS A 766 -17.21 0.03 50.00
CA LYS A 766 -16.92 0.54 51.33
C LYS A 766 -15.49 1.09 51.40
N SER A 767 -15.24 1.87 52.44
CA SER A 767 -13.93 2.49 52.66
C SER A 767 -13.63 2.41 54.15
N SER A 768 -12.65 3.20 54.60
CA SER A 768 -12.27 3.22 56.00
C SER A 768 -13.47 3.59 56.87
N ASP A 769 -13.66 2.82 57.95
CA ASP A 769 -14.79 3.00 58.86
C ASP A 769 -16.13 2.85 58.16
N GLY A 770 -16.16 2.07 57.08
CA GLY A 770 -17.39 1.87 56.34
C GLY A 770 -17.90 3.08 55.61
N THR A 771 -17.06 4.06 55.37
CA THR A 771 -17.49 5.28 54.71
C THR A 771 -17.84 4.98 53.25
N PRO A 772 -19.00 5.42 52.77
CA PRO A 772 -19.33 5.22 51.35
C PRO A 772 -18.39 6.02 50.46
N ASP A 773 -18.15 5.48 49.26
CA ASP A 773 -17.27 6.12 48.28
C ASP A 773 -18.10 7.10 47.45
N ARG A 774 -17.74 8.38 47.52
CA ARG A 774 -18.45 9.43 46.81
C ARG A 774 -17.54 9.96 45.71
N ARG A 775 -17.59 9.32 44.54
CA ARG A 775 -16.80 9.70 43.39
C ARG A 775 -17.69 9.83 42.16
N TRP A 776 -17.40 10.83 41.33
CA TRP A 776 -18.04 10.93 40.02
C TRP A 776 -17.42 9.87 39.11
N CYS A 777 -18.04 8.69 39.06
CA CYS A 777 -17.55 7.60 38.25
C CYS A 777 -18.46 7.43 37.04
N PHE A 778 -17.92 6.80 36.00
CA PHE A 778 -18.62 6.63 34.73
C PHE A 778 -18.86 5.14 34.49
N ARG A 779 -20.11 4.79 34.22
CA ARG A 779 -20.45 3.40 33.93
C ARG A 779 -20.27 3.11 32.45
N VAL A 780 -19.52 2.05 32.15
CA VAL A 780 -19.34 1.62 30.77
C VAL A 780 -20.02 0.26 30.57
N ASP A 781 -21.03 0.22 29.70
CA ASP A 781 -21.74 -1.01 29.41
C ASP A 781 -20.95 -1.83 28.40
N GLU A 782 -20.18 -2.81 28.87
CA GLU A 782 -19.38 -3.67 28.02
C GLU A 782 -20.29 -4.70 27.38
N VAL A 783 -20.40 -4.66 26.06
CA VAL A 783 -21.33 -5.51 25.31
C VAL A 783 -20.50 -6.42 24.42
N ASN A 784 -20.38 -7.69 24.83
CA ASN A 784 -19.74 -8.71 24.02
C ASN A 784 -20.19 -10.06 24.55
N TRP A 785 -20.93 -10.80 23.75
CA TRP A 785 -21.50 -12.08 24.18
C TRP A 785 -20.49 -13.22 24.02
N SER A 786 -19.30 -13.04 24.57
CA SER A 786 -18.22 -14.01 24.47
C SER A 786 -17.49 -14.27 25.78
N HIS A 787 -17.44 -13.30 26.69
CA HIS A 787 -16.65 -13.40 27.91
C HIS A 787 -17.51 -14.04 29.00
N TRP A 788 -17.43 -15.36 29.09
CA TRP A 788 -18.16 -16.10 30.11
C TRP A 788 -17.20 -16.69 31.14
N VAL B 148 -40.39 -10.60 65.72
CA VAL B 148 -39.07 -11.22 65.84
C VAL B 148 -38.31 -11.09 64.53
N PHE B 149 -38.93 -11.54 63.44
CA PHE B 149 -38.33 -11.49 62.12
C PHE B 149 -39.10 -10.49 61.25
N ASN B 150 -38.37 -9.54 60.68
CA ASN B 150 -38.94 -8.56 59.77
C ASN B 150 -38.33 -8.74 58.38
N ARG B 151 -38.69 -7.86 57.45
CA ARG B 151 -38.18 -7.95 56.09
C ARG B 151 -36.66 -7.80 56.01
N PRO B 152 -36.03 -6.79 56.62
CA PRO B 152 -34.58 -6.63 56.38
C PRO B 152 -33.72 -7.65 57.10
N ILE B 153 -34.09 -8.05 58.31
CA ILE B 153 -33.21 -8.93 59.09
C ILE B 153 -33.12 -10.31 58.44
N LEU B 154 -34.25 -10.89 58.02
CA LEU B 154 -34.22 -12.19 57.37
C LEU B 154 -33.46 -12.13 56.06
N PHE B 155 -33.63 -11.04 55.29
CA PHE B 155 -32.91 -10.88 54.05
C PHE B 155 -31.41 -10.81 54.30
N ASP B 156 -30.98 -10.07 55.32
CA ASP B 156 -29.56 -10.00 55.65
C ASP B 156 -29.02 -11.36 56.07
N ILE B 157 -29.78 -12.09 56.89
CA ILE B 157 -29.32 -13.39 57.37
C ILE B 157 -29.17 -14.36 56.20
N VAL B 158 -30.16 -14.39 55.30
CA VAL B 158 -30.09 -15.31 54.17
C VAL B 158 -28.98 -14.89 53.20
N SER B 159 -28.72 -13.58 53.09
CA SER B 159 -27.59 -13.13 52.29
C SER B 159 -26.27 -13.54 52.91
N ARG B 160 -26.21 -13.64 54.24
CA ARG B 160 -24.99 -14.10 54.91
C ARG B 160 -24.63 -15.53 54.55
N GLY B 161 -25.59 -16.31 54.06
CA GLY B 161 -25.34 -17.70 53.73
C GLY B 161 -25.04 -18.55 54.93
N SER B 162 -25.82 -18.36 56.01
CA SER B 162 -25.64 -19.13 57.23
C SER B 162 -27.01 -19.62 57.68
N THR B 163 -27.21 -20.93 57.67
CA THR B 163 -28.49 -21.53 58.06
C THR B 163 -28.53 -21.88 59.55
N ALA B 164 -28.18 -20.91 60.38
CA ALA B 164 -28.22 -21.10 61.83
C ALA B 164 -29.09 -20.06 62.53
N ASP B 165 -29.03 -18.80 62.12
CA ASP B 165 -29.86 -17.78 62.73
C ASP B 165 -31.31 -17.89 62.27
N LEU B 166 -31.52 -18.23 60.99
CA LEU B 166 -32.87 -18.36 60.47
C LEU B 166 -33.61 -19.57 61.03
N ASP B 167 -32.87 -20.57 61.53
CA ASP B 167 -33.52 -21.74 62.11
C ASP B 167 -34.31 -21.34 63.36
N GLY B 168 -35.54 -21.85 63.45
CA GLY B 168 -36.41 -21.59 64.58
C GLY B 168 -37.52 -20.59 64.31
N LEU B 169 -37.58 -19.98 63.12
CA LEU B 169 -38.66 -19.05 62.82
C LEU B 169 -39.95 -19.75 62.40
N LEU B 170 -39.92 -21.09 62.25
CA LEU B 170 -41.13 -21.81 61.84
C LEU B 170 -42.30 -21.63 62.80
N PRO B 171 -42.15 -21.83 64.12
CA PRO B 171 -43.32 -21.62 65.00
C PRO B 171 -43.83 -20.20 64.99
N PHE B 172 -42.93 -19.21 64.99
CA PHE B 172 -43.36 -17.81 64.96
C PHE B 172 -44.11 -17.50 63.68
N LEU B 173 -43.65 -18.04 62.55
CA LEU B 173 -44.31 -17.77 61.28
C LEU B 173 -45.66 -18.47 61.18
N LEU B 174 -45.75 -19.71 61.67
CA LEU B 174 -47.00 -20.45 61.53
C LEU B 174 -48.06 -19.99 62.52
N THR B 175 -47.67 -19.61 63.74
CA THR B 175 -48.65 -19.18 64.72
C THR B 175 -49.24 -17.81 64.40
N HIS B 176 -48.49 -16.95 63.72
CA HIS B 176 -48.95 -15.62 63.37
C HIS B 176 -49.76 -15.60 62.07
N LYS B 177 -49.90 -16.74 61.41
CA LYS B 177 -50.65 -16.86 60.16
C LYS B 177 -50.09 -15.91 59.09
N LYS B 178 -48.84 -16.14 58.73
CA LYS B 178 -48.14 -15.35 57.74
C LYS B 178 -47.56 -16.26 56.67
N ARG B 179 -47.22 -15.66 55.53
CA ARG B 179 -46.61 -16.38 54.42
C ARG B 179 -45.38 -15.61 53.95
N LEU B 180 -44.44 -16.36 53.36
CA LEU B 180 -43.18 -15.76 52.93
C LEU B 180 -43.36 -14.81 51.75
N THR B 181 -44.52 -14.83 51.10
CA THR B 181 -44.82 -13.94 49.99
C THR B 181 -45.77 -12.81 50.38
N ASP B 182 -45.86 -12.50 51.68
CA ASP B 182 -46.77 -11.46 52.14
C ASP B 182 -46.34 -10.08 51.62
N GLU B 183 -47.32 -9.19 51.48
CA GLU B 183 -47.04 -7.85 50.96
C GLU B 183 -46.11 -7.08 51.89
N GLU B 184 -46.33 -7.17 53.20
CA GLU B 184 -45.52 -6.45 54.17
C GLU B 184 -44.21 -7.17 54.50
N PHE B 185 -44.02 -8.40 54.01
CA PHE B 185 -42.80 -9.14 54.24
C PHE B 185 -41.85 -9.10 53.05
N ARG B 186 -42.26 -8.55 51.92
CA ARG B 186 -41.42 -8.39 50.75
C ARG B 186 -41.01 -6.93 50.59
N GLU B 187 -39.94 -6.72 49.83
CA GLU B 187 -39.43 -5.37 49.64
C GLU B 187 -40.44 -4.51 48.90
N PRO B 188 -40.81 -3.35 49.46
CA PRO B 188 -41.81 -2.50 48.78
C PRO B 188 -41.36 -2.01 47.42
N SER B 189 -40.07 -1.80 47.22
CA SER B 189 -39.59 -1.30 45.93
C SER B 189 -39.49 -2.43 44.90
N THR B 190 -38.74 -3.48 45.22
CA THR B 190 -38.51 -4.56 44.27
C THR B 190 -39.61 -5.61 44.31
N GLY B 191 -39.96 -6.06 45.51
CA GLY B 191 -40.83 -7.21 45.68
C GLY B 191 -40.10 -8.53 45.80
N LYS B 192 -38.77 -8.50 45.90
CA LYS B 192 -37.98 -9.72 45.97
C LYS B 192 -38.23 -10.45 47.30
N THR B 193 -38.16 -11.77 47.26
CA THR B 193 -38.32 -12.61 48.44
C THR B 193 -36.97 -13.16 48.87
N CYS B 194 -36.99 -14.01 49.90
CA CYS B 194 -35.75 -14.52 50.48
C CYS B 194 -34.98 -15.39 49.49
N LEU B 195 -35.68 -16.20 48.71
CA LEU B 195 -35.00 -17.13 47.81
C LEU B 195 -34.14 -16.42 46.76
N PRO B 196 -34.64 -15.43 46.02
CA PRO B 196 -33.73 -14.72 45.10
C PRO B 196 -32.59 -14.01 45.81
N LYS B 197 -32.82 -13.52 47.03
CA LYS B 197 -31.72 -12.92 47.78
C LYS B 197 -30.64 -13.96 48.07
N ALA B 198 -31.03 -15.19 48.40
CA ALA B 198 -30.05 -16.26 48.56
C ALA B 198 -29.34 -16.55 47.26
N LEU B 199 -30.08 -16.57 46.14
CA LEU B 199 -29.49 -16.98 44.88
C LEU B 199 -28.50 -15.94 44.32
N LEU B 200 -28.86 -14.65 44.33
CA LEU B 200 -27.90 -13.64 43.88
C LEU B 200 -26.70 -13.56 44.80
N ASN B 201 -26.90 -13.73 46.10
CA ASN B 201 -25.81 -13.71 47.06
C ASN B 201 -25.17 -15.08 47.24
N LEU B 202 -25.24 -15.94 46.23
CA LEU B 202 -24.62 -17.25 46.28
C LEU B 202 -23.10 -17.11 46.34
N SER B 203 -22.47 -17.93 47.17
CA SER B 203 -21.02 -17.91 47.34
C SER B 203 -20.46 -19.31 47.30
N ASN B 204 -19.24 -19.44 46.80
CA ASN B 204 -18.48 -20.69 46.72
C ASN B 204 -19.18 -21.76 45.88
N GLY B 205 -20.22 -21.40 45.13
CA GLY B 205 -20.91 -22.33 44.27
C GLY B 205 -22.00 -23.13 44.94
N ARG B 206 -22.16 -23.00 46.26
CA ARG B 206 -23.15 -23.79 46.98
C ARG B 206 -23.52 -23.07 48.27
N ASN B 207 -24.81 -23.15 48.62
CA ASN B 207 -25.31 -22.57 49.87
C ASN B 207 -26.45 -23.44 50.38
N ASP B 208 -26.32 -23.91 51.63
CA ASP B 208 -27.29 -24.82 52.22
C ASP B 208 -28.54 -24.12 52.74
N THR B 209 -28.61 -22.79 52.68
CA THR B 209 -29.78 -22.09 53.18
C THR B 209 -31.01 -22.32 52.29
N ILE B 210 -30.78 -22.48 50.98
CA ILE B 210 -31.90 -22.66 50.05
C ILE B 210 -32.68 -23.95 50.31
N PRO B 211 -32.05 -25.10 50.57
CA PRO B 211 -32.85 -26.27 50.96
C PRO B 211 -33.72 -26.02 52.19
N VAL B 212 -33.20 -25.29 53.18
CA VAL B 212 -34.00 -24.97 54.35
C VAL B 212 -35.15 -24.04 53.97
N LEU B 213 -34.90 -23.09 53.06
CA LEU B 213 -35.95 -22.18 52.63
C LEU B 213 -37.07 -22.92 51.94
N LEU B 214 -36.73 -23.86 51.04
CA LEU B 214 -37.78 -24.62 50.37
C LEU B 214 -38.48 -25.57 51.33
N ASP B 215 -37.75 -26.09 52.33
CA ASP B 215 -38.40 -26.90 53.36
C ASP B 215 -39.43 -26.07 54.13
N ILE B 216 -39.08 -24.83 54.47
CA ILE B 216 -40.05 -23.92 55.09
C ILE B 216 -41.23 -23.67 54.15
N ALA B 217 -40.93 -23.49 52.87
CA ALA B 217 -41.98 -23.19 51.89
C ALA B 217 -43.01 -24.30 51.81
N GLU B 218 -42.54 -25.55 51.80
CA GLU B 218 -43.49 -26.67 51.68
C GLU B 218 -44.37 -26.80 52.92
N ARG B 219 -43.88 -26.39 54.09
CA ARG B 219 -44.74 -26.37 55.27
C ARG B 219 -45.71 -25.20 55.25
N THR B 220 -45.29 -24.06 54.70
CA THR B 220 -46.15 -22.88 54.69
C THR B 220 -47.33 -23.00 53.73
N GLY B 221 -47.36 -24.03 52.89
CA GLY B 221 -48.45 -24.18 51.94
C GLY B 221 -48.49 -23.11 50.87
N ASN B 222 -47.33 -22.64 50.41
CA ASN B 222 -47.23 -21.66 49.34
C ASN B 222 -46.14 -22.04 48.34
N MET B 223 -45.95 -23.34 48.12
CA MET B 223 -44.83 -23.81 47.30
C MET B 223 -44.91 -23.26 45.88
N ARG B 224 -46.10 -23.28 45.29
CA ARG B 224 -46.27 -22.71 43.95
C ARG B 224 -45.99 -21.21 43.96
N GLU B 225 -46.44 -20.51 45.00
CA GLU B 225 -46.19 -19.08 45.10
C GLU B 225 -44.82 -18.76 45.67
N PHE B 226 -44.14 -19.73 46.26
CA PHE B 226 -42.80 -19.47 46.81
C PHE B 226 -41.79 -19.26 45.69
N ILE B 227 -41.60 -20.26 44.84
CA ILE B 227 -40.70 -20.12 43.69
C ILE B 227 -41.53 -19.52 42.57
N ASN B 228 -41.75 -18.21 42.68
CA ASN B 228 -42.43 -17.37 41.70
C ASN B 228 -42.26 -15.94 42.18
N SER B 229 -41.78 -15.04 41.32
CA SER B 229 -41.41 -13.70 41.77
C SER B 229 -41.65 -12.70 40.64
N PRO B 230 -42.90 -12.32 40.40
CA PRO B 230 -43.16 -11.22 39.45
C PRO B 230 -42.78 -9.86 40.06
N PHE B 231 -41.49 -9.55 40.02
CA PHE B 231 -41.00 -8.28 40.52
C PHE B 231 -41.75 -7.12 39.88
N ARG B 232 -42.39 -6.30 40.71
CA ARG B 232 -43.11 -5.13 40.23
C ARG B 232 -42.18 -3.95 39.93
N ASP B 233 -40.88 -4.20 39.85
CA ASP B 233 -39.96 -3.17 39.39
C ASP B 233 -40.24 -2.81 37.94
N ILE B 234 -39.93 -1.58 37.57
CA ILE B 234 -40.08 -1.13 36.19
C ILE B 234 -38.91 -1.66 35.37
N TYR B 235 -38.00 -2.39 36.01
CA TYR B 235 -36.81 -2.92 35.35
C TYR B 235 -36.74 -4.44 35.33
N TYR B 236 -37.51 -5.13 36.18
CA TYR B 236 -37.39 -6.57 36.34
C TYR B 236 -38.77 -7.22 36.34
N ARG B 237 -39.59 -6.87 35.36
CA ARG B 237 -40.99 -7.30 35.32
C ARG B 237 -41.06 -8.78 34.95
N GLY B 238 -40.94 -9.64 35.96
CA GLY B 238 -41.20 -11.05 35.78
C GLY B 238 -40.03 -11.97 36.04
N GLN B 239 -38.87 -11.43 36.39
CA GLN B 239 -37.71 -12.26 36.67
C GLN B 239 -37.96 -13.13 37.89
N THR B 240 -37.93 -14.45 37.69
CA THR B 240 -38.24 -15.41 38.74
C THR B 240 -36.94 -16.01 39.28
N ALA B 241 -37.09 -16.85 40.30
CA ALA B 241 -35.93 -17.50 40.90
C ALA B 241 -35.24 -18.43 39.93
N LEU B 242 -36.00 -19.06 39.02
CA LEU B 242 -35.38 -19.96 38.05
C LEU B 242 -34.49 -19.20 37.07
N HIS B 243 -34.86 -17.95 36.75
CA HIS B 243 -34.00 -17.15 35.87
C HIS B 243 -32.63 -16.93 36.51
N ILE B 244 -32.61 -16.60 37.80
CA ILE B 244 -31.34 -16.44 38.51
C ILE B 244 -30.60 -17.76 38.58
N ALA B 245 -31.32 -18.85 38.88
CA ALA B 245 -30.67 -20.16 38.99
C ALA B 245 -30.00 -20.55 37.68
N ILE B 246 -30.66 -20.31 36.55
CA ILE B 246 -30.05 -20.57 35.25
C ILE B 246 -28.86 -19.64 35.04
N GLU B 247 -29.01 -18.36 35.40
CA GLU B 247 -27.97 -17.37 35.13
C GLU B 247 -26.68 -17.69 35.87
N ARG B 248 -26.77 -18.09 37.14
CA ARG B 248 -25.56 -18.30 37.94
C ARG B 248 -24.83 -19.59 37.59
N ARG B 249 -25.20 -20.28 36.51
CA ARG B 249 -24.48 -21.46 36.03
C ARG B 249 -24.41 -22.56 37.08
N CYS B 250 -25.49 -22.75 37.85
CA CYS B 250 -25.54 -23.74 38.90
C CYS B 250 -26.55 -24.81 38.50
N LYS B 251 -26.06 -25.92 37.93
CA LYS B 251 -26.95 -26.98 37.45
C LYS B 251 -27.71 -27.63 38.60
N HIS B 252 -27.05 -27.85 39.73
CA HIS B 252 -27.68 -28.52 40.86
C HIS B 252 -28.89 -27.72 41.36
N TYR B 253 -28.76 -26.40 41.41
CA TYR B 253 -29.89 -25.58 41.82
C TYR B 253 -31.01 -25.60 40.79
N VAL B 254 -30.66 -25.68 39.50
CA VAL B 254 -31.69 -25.85 38.48
C VAL B 254 -32.48 -27.12 38.74
N GLU B 255 -31.78 -28.22 39.01
CA GLU B 255 -32.44 -29.48 39.32
C GLU B 255 -33.30 -29.36 40.57
N LEU B 256 -32.78 -28.68 41.59
CA LEU B 256 -33.51 -28.55 42.86
C LEU B 256 -34.80 -27.79 42.68
N LEU B 257 -34.73 -26.61 42.05
CA LEU B 257 -35.94 -25.81 41.85
C LEU B 257 -36.93 -26.50 40.90
N VAL B 258 -36.44 -27.15 39.84
CA VAL B 258 -37.37 -27.82 38.95
C VAL B 258 -37.96 -29.08 39.60
N ALA B 259 -37.33 -29.57 40.68
CA ALA B 259 -37.84 -30.77 41.33
C ALA B 259 -39.25 -30.58 41.88
N GLN B 260 -39.53 -29.42 42.48
CA GLN B 260 -40.87 -29.13 42.96
C GLN B 260 -41.82 -28.67 41.86
N GLY B 261 -41.31 -28.41 40.67
CA GLY B 261 -42.15 -28.01 39.55
C GLY B 261 -42.86 -26.69 39.76
N ALA B 262 -42.09 -25.61 39.81
CA ALA B 262 -42.67 -24.28 40.00
C ALA B 262 -43.09 -23.67 38.66
N ASP B 263 -42.13 -23.47 37.76
CA ASP B 263 -42.40 -22.94 36.43
C ASP B 263 -41.14 -23.04 35.55
N VAL B 264 -41.34 -23.23 34.25
CA VAL B 264 -40.25 -23.15 33.28
C VAL B 264 -40.69 -22.24 32.14
N HIS B 265 -41.66 -21.38 32.41
CA HIS B 265 -42.22 -20.50 31.39
C HIS B 265 -42.43 -19.08 31.89
N ALA B 266 -41.58 -18.59 32.78
CA ALA B 266 -41.72 -17.24 33.28
C ALA B 266 -41.28 -16.23 32.21
N GLN B 267 -42.14 -15.24 31.96
CA GLN B 267 -41.80 -14.15 31.04
C GLN B 267 -41.07 -13.05 31.81
N ALA B 268 -39.81 -12.79 31.43
CA ALA B 268 -39.01 -11.74 32.04
C ALA B 268 -39.02 -10.53 31.10
N ARG B 269 -40.08 -9.73 31.24
CA ARG B 269 -40.36 -8.63 30.33
C ARG B 269 -39.90 -7.28 30.88
N GLY B 270 -39.03 -7.26 31.87
CA GLY B 270 -38.57 -6.01 32.44
C GLY B 270 -37.71 -5.21 31.49
N ARG B 271 -37.51 -3.94 31.85
CA ARG B 271 -36.72 -3.06 31.00
C ARG B 271 -35.24 -3.42 30.99
N PHE B 272 -34.78 -4.17 31.98
CA PHE B 272 -33.41 -4.66 31.94
C PHE B 272 -33.25 -5.79 30.93
N PHE B 273 -34.31 -6.56 30.70
CA PHE B 273 -34.31 -7.68 29.76
C PHE B 273 -34.88 -7.28 28.41
N GLN B 274 -34.27 -6.27 27.78
CA GLN B 274 -34.67 -5.79 26.48
C GLN B 274 -33.45 -5.63 25.59
N PRO B 275 -33.62 -5.70 24.27
CA PRO B 275 -32.50 -5.46 23.36
C PRO B 275 -31.97 -4.05 23.50
N LYS B 276 -30.70 -3.87 23.12
CA LYS B 276 -30.04 -2.57 23.23
C LYS B 276 -30.77 -1.48 22.46
N ASP B 277 -31.50 -1.85 21.40
CA ASP B 277 -32.24 -0.84 20.64
C ASP B 277 -33.38 -0.24 21.45
N GLU B 278 -34.01 -1.03 22.32
CA GLU B 278 -35.13 -0.57 23.12
C GLU B 278 -34.73 -0.08 24.51
N GLY B 279 -33.43 0.02 24.77
CA GLY B 279 -32.97 0.50 26.06
C GLY B 279 -32.86 -0.59 27.11
N GLY B 280 -32.08 -1.63 26.80
CA GLY B 280 -31.87 -2.72 27.73
C GLY B 280 -30.40 -3.03 27.95
N TYR B 281 -30.11 -4.19 28.52
CA TYR B 281 -28.72 -4.57 28.79
C TYR B 281 -28.41 -5.95 28.23
N PHE B 282 -29.41 -6.83 28.21
CA PHE B 282 -29.20 -8.22 27.78
C PHE B 282 -30.55 -8.82 27.41
N TYR B 283 -30.70 -9.20 26.14
CA TYR B 283 -31.90 -9.84 25.64
C TYR B 283 -31.58 -11.28 25.24
N PHE B 284 -32.36 -12.22 25.79
CA PHE B 284 -32.12 -13.64 25.58
C PHE B 284 -33.41 -14.37 25.26
N GLY B 285 -34.40 -13.67 24.73
CA GLY B 285 -35.76 -14.15 24.78
C GLY B 285 -36.34 -13.89 26.16
N GLU B 286 -37.45 -14.57 26.45
CA GLU B 286 -38.10 -14.43 27.75
C GLU B 286 -38.49 -15.79 28.31
N LEU B 287 -37.58 -16.75 28.22
CA LEU B 287 -37.82 -18.09 28.74
C LEU B 287 -36.57 -18.60 29.45
N PRO B 288 -36.72 -19.38 30.52
CA PRO B 288 -35.55 -20.00 31.14
C PRO B 288 -34.79 -20.90 30.19
N LEU B 289 -35.51 -21.65 29.35
CA LEU B 289 -34.85 -22.46 28.34
C LEU B 289 -34.07 -21.59 27.36
N SER B 290 -34.68 -20.48 26.93
CA SER B 290 -33.99 -19.56 26.02
C SER B 290 -32.77 -18.95 26.70
N LEU B 291 -32.88 -18.60 27.98
CA LEU B 291 -31.73 -18.04 28.69
C LEU B 291 -30.61 -19.07 28.80
N ALA B 292 -30.95 -20.33 29.09
CA ALA B 292 -29.93 -21.37 29.17
C ALA B 292 -29.26 -21.59 27.83
N ALA B 293 -30.05 -21.59 26.75
CA ALA B 293 -29.47 -21.78 25.42
C ALA B 293 -28.58 -20.60 25.04
N CYS B 294 -28.99 -19.38 25.37
CA CYS B 294 -28.22 -18.19 25.01
C CYS B 294 -26.88 -18.14 25.74
N THR B 295 -26.88 -18.49 27.02
CA THR B 295 -25.68 -18.36 27.85
C THR B 295 -24.75 -19.56 27.76
N ASN B 296 -24.84 -20.36 26.70
CA ASN B 296 -23.96 -21.51 26.46
C ASN B 296 -24.02 -22.48 27.64
N GLN B 297 -25.20 -23.07 27.83
CA GLN B 297 -25.44 -24.03 28.90
C GLN B 297 -26.09 -25.27 28.30
N PRO B 298 -25.33 -26.06 27.52
CA PRO B 298 -25.93 -27.23 26.87
C PRO B 298 -26.50 -28.25 27.85
N HIS B 299 -25.83 -28.46 28.98
CA HIS B 299 -26.32 -29.41 29.97
C HIS B 299 -27.66 -28.96 30.54
N ILE B 300 -27.81 -27.67 30.79
CA ILE B 300 -29.07 -27.15 31.32
C ILE B 300 -30.18 -27.29 30.30
N VAL B 301 -29.88 -27.02 29.02
CA VAL B 301 -30.89 -27.19 27.97
C VAL B 301 -31.32 -28.64 27.88
N ASN B 302 -30.36 -29.57 27.88
CA ASN B 302 -30.69 -30.99 27.81
C ASN B 302 -31.52 -31.42 29.01
N TYR B 303 -31.16 -30.96 30.21
CA TYR B 303 -31.92 -31.31 31.40
C TYR B 303 -33.34 -30.75 31.34
N LEU B 304 -33.48 -29.50 30.89
CA LEU B 304 -34.80 -28.90 30.81
C LEU B 304 -35.67 -29.54 29.75
N THR B 305 -35.07 -30.13 28.71
CA THR B 305 -35.87 -30.79 27.68
C THR B 305 -36.35 -32.17 28.13
N GLU B 306 -35.41 -33.06 28.43
CA GLU B 306 -35.76 -34.43 28.83
C GLU B 306 -35.74 -34.58 30.34
N ASN B 307 -36.72 -33.99 31.00
CA ASN B 307 -36.87 -34.15 32.44
C ASN B 307 -38.27 -34.69 32.77
N PRO B 308 -38.40 -35.48 33.83
CA PRO B 308 -39.72 -36.04 34.15
C PRO B 308 -40.66 -35.03 34.77
N HIS B 309 -40.15 -34.11 35.58
CA HIS B 309 -41.01 -33.18 36.33
C HIS B 309 -41.82 -32.28 35.41
N LYS B 310 -41.13 -31.43 34.65
CA LYS B 310 -41.82 -30.49 33.75
C LYS B 310 -40.82 -29.99 32.71
N LYS B 311 -41.19 -30.10 31.45
CA LYS B 311 -40.34 -29.70 30.33
C LYS B 311 -40.95 -28.51 29.61
N ALA B 312 -40.10 -27.57 29.22
CA ALA B 312 -40.53 -26.39 28.50
C ALA B 312 -40.48 -26.67 27.01
N ASP B 313 -41.62 -26.53 26.33
CA ASP B 313 -41.66 -26.77 24.90
C ASP B 313 -40.81 -25.74 24.15
N MET B 314 -39.99 -26.23 23.23
CA MET B 314 -39.10 -25.37 22.47
C MET B 314 -39.84 -24.48 21.48
N ARG B 315 -41.12 -24.74 21.23
CA ARG B 315 -41.93 -23.91 20.35
C ARG B 315 -42.55 -22.72 21.06
N ARG B 316 -42.38 -22.60 22.38
CA ARG B 316 -42.98 -21.51 23.12
C ARG B 316 -42.42 -20.17 22.67
N GLN B 317 -43.28 -19.15 22.65
CA GLN B 317 -42.92 -17.83 22.17
C GLN B 317 -42.99 -16.82 23.31
N ASP B 318 -42.09 -15.83 23.27
CA ASP B 318 -42.04 -14.79 24.28
C ASP B 318 -43.10 -13.73 23.99
N SER B 319 -42.98 -12.57 24.65
CA SER B 319 -43.92 -11.48 24.42
C SER B 319 -43.86 -10.96 22.99
N ARG B 320 -42.68 -10.93 22.38
CA ARG B 320 -42.52 -10.51 21.00
C ARG B 320 -42.78 -11.65 20.02
N GLY B 321 -43.12 -12.84 20.50
CA GLY B 321 -43.28 -14.00 19.66
C GLY B 321 -42.00 -14.72 19.30
N ASN B 322 -40.86 -14.22 19.75
CA ASN B 322 -39.58 -14.84 19.43
C ASN B 322 -39.44 -16.18 20.14
N THR B 323 -38.88 -17.16 19.43
CA THR B 323 -38.60 -18.46 20.00
C THR B 323 -37.13 -18.52 20.43
N VAL B 324 -36.69 -19.71 20.86
CA VAL B 324 -35.32 -19.85 21.33
C VAL B 324 -34.33 -19.64 20.19
N LEU B 325 -34.69 -20.07 18.98
CA LEU B 325 -33.83 -19.83 17.83
C LEU B 325 -33.73 -18.33 17.54
N HIS B 326 -34.84 -17.60 17.67
CA HIS B 326 -34.80 -16.16 17.50
C HIS B 326 -33.88 -15.51 18.52
N ALA B 327 -33.94 -15.99 19.77
CA ALA B 327 -33.04 -15.45 20.80
C ALA B 327 -31.58 -15.73 20.48
N LEU B 328 -31.29 -16.95 20.01
CA LEU B 328 -29.93 -17.29 19.63
C LEU B 328 -29.44 -16.39 18.50
N VAL B 329 -30.31 -16.12 17.53
CA VAL B 329 -29.95 -15.18 16.47
C VAL B 329 -29.70 -13.80 17.03
N ALA B 330 -30.54 -13.36 17.97
CA ALA B 330 -30.42 -12.01 18.52
C ALA B 330 -29.17 -11.81 19.35
N ILE B 331 -28.69 -12.84 20.04
CA ILE B 331 -27.52 -12.67 20.90
C ILE B 331 -26.19 -12.75 20.15
N ALA B 332 -26.15 -13.44 19.01
CA ALA B 332 -24.89 -13.68 18.33
C ALA B 332 -24.33 -12.39 17.73
N ASP B 333 -23.01 -12.28 17.74
CA ASP B 333 -22.30 -11.20 17.07
C ASP B 333 -21.21 -11.80 16.19
N ASN B 334 -20.73 -11.00 15.24
CA ASN B 334 -19.79 -11.51 14.25
C ASN B 334 -18.40 -11.71 14.83
N THR B 335 -18.26 -12.67 15.74
CA THR B 335 -16.98 -13.07 16.29
C THR B 335 -16.88 -14.59 16.27
N ARG B 336 -15.67 -15.09 16.08
CA ARG B 336 -15.48 -16.52 15.81
C ARG B 336 -15.91 -17.38 17.00
N GLU B 337 -15.40 -17.08 18.19
CA GLU B 337 -15.66 -17.95 19.33
C GLU B 337 -17.09 -17.84 19.82
N ASN B 338 -17.74 -16.70 19.59
CA ASN B 338 -19.17 -16.59 19.91
C ASN B 338 -20.01 -17.39 18.93
N THR B 339 -19.82 -17.13 17.63
CA THR B 339 -20.59 -17.84 16.61
C THR B 339 -20.37 -19.34 16.67
N LYS B 340 -19.22 -19.79 17.17
CA LYS B 340 -18.98 -21.22 17.34
C LYS B 340 -20.08 -21.85 18.18
N PHE B 341 -20.19 -21.46 19.44
CA PHE B 341 -21.20 -22.06 20.30
C PHE B 341 -22.60 -21.61 19.95
N VAL B 342 -22.77 -20.45 19.30
CA VAL B 342 -24.09 -20.08 18.81
C VAL B 342 -24.58 -21.09 17.79
N THR B 343 -23.73 -21.44 16.82
CA THR B 343 -24.10 -22.44 15.82
C THR B 343 -24.28 -23.82 16.46
N LYS B 344 -23.42 -24.16 17.42
CA LYS B 344 -23.56 -25.44 18.11
C LYS B 344 -24.93 -25.54 18.78
N MET B 345 -25.30 -24.52 19.56
CA MET B 345 -26.59 -24.54 20.25
C MET B 345 -27.75 -24.51 19.26
N TYR B 346 -27.62 -23.73 18.20
CA TYR B 346 -28.67 -23.64 17.19
C TYR B 346 -28.94 -25.00 16.56
N ASP B 347 -27.86 -25.68 16.12
CA ASP B 347 -28.03 -26.98 15.50
C ASP B 347 -28.52 -28.02 16.50
N LEU B 348 -28.04 -27.97 17.75
CA LEU B 348 -28.51 -28.91 18.76
C LEU B 348 -29.99 -28.76 19.01
N LEU B 349 -30.46 -27.50 19.17
CA LEU B 349 -31.87 -27.27 19.40
C LEU B 349 -32.71 -27.66 18.20
N LEU B 350 -32.24 -27.37 16.99
CA LEU B 350 -32.99 -27.74 15.80
C LEU B 350 -33.10 -29.25 15.66
N LEU B 351 -32.02 -29.97 15.93
CA LEU B 351 -32.06 -31.43 15.86
C LEU B 351 -32.97 -32.01 16.94
N LYS B 352 -32.93 -31.42 18.14
CA LYS B 352 -33.81 -31.90 19.21
C LYS B 352 -35.27 -31.66 18.87
N CYS B 353 -35.58 -30.50 18.27
CA CYS B 353 -36.95 -30.24 17.81
C CYS B 353 -37.33 -31.11 16.63
N ALA B 354 -36.36 -31.61 15.87
CA ALA B 354 -36.66 -32.57 14.81
C ALA B 354 -37.00 -33.94 15.40
N ARG B 355 -36.22 -34.40 16.37
CA ARG B 355 -36.45 -35.71 16.96
C ARG B 355 -37.82 -35.77 17.65
N LEU B 356 -37.98 -34.98 18.71
CA LEU B 356 -39.28 -34.90 19.37
C LEU B 356 -40.25 -34.08 18.52
N PHE B 357 -41.53 -34.46 18.56
CA PHE B 357 -42.58 -33.77 17.81
C PHE B 357 -42.24 -33.76 16.32
N PRO B 358 -42.35 -34.90 15.63
CA PRO B 358 -41.93 -34.97 14.22
C PRO B 358 -42.87 -34.21 13.31
N ASP B 359 -42.68 -32.89 13.23
CA ASP B 359 -43.54 -32.01 12.44
C ASP B 359 -42.65 -30.92 11.84
N SER B 360 -43.27 -29.80 11.46
CA SER B 360 -42.54 -28.70 10.85
C SER B 360 -41.44 -28.21 11.77
N ASN B 361 -40.29 -27.86 11.18
CA ASN B 361 -39.13 -27.45 11.94
C ASN B 361 -39.40 -26.15 12.70
N LEU B 362 -38.61 -25.93 13.75
CA LEU B 362 -38.78 -24.74 14.58
C LEU B 362 -38.44 -23.47 13.80
N GLU B 363 -37.63 -23.58 12.76
CA GLU B 363 -37.27 -22.41 11.96
C GLU B 363 -38.47 -21.82 11.22
N ALA B 364 -39.55 -22.57 11.08
CA ALA B 364 -40.75 -22.09 10.41
C ALA B 364 -41.75 -21.46 11.38
N VAL B 365 -41.38 -21.33 12.65
CA VAL B 365 -42.26 -20.72 13.65
C VAL B 365 -42.04 -19.22 13.60
N LEU B 366 -42.93 -18.51 12.92
CA LEU B 366 -42.81 -17.07 12.78
C LEU B 366 -43.19 -16.37 14.08
N ASN B 367 -42.58 -15.22 14.32
CA ASN B 367 -42.85 -14.41 15.50
C ASN B 367 -43.96 -13.40 15.19
N ASN B 368 -44.15 -12.43 16.08
CA ASN B 368 -45.26 -11.49 15.95
C ASN B 368 -45.13 -10.57 14.74
N ASP B 369 -43.94 -10.42 14.16
CA ASP B 369 -43.77 -9.60 12.97
C ASP B 369 -43.33 -10.43 11.77
N GLY B 370 -43.50 -11.75 11.82
CA GLY B 370 -43.28 -12.60 10.67
C GLY B 370 -41.84 -12.99 10.41
N LEU B 371 -40.90 -12.60 11.26
CA LEU B 371 -39.49 -12.84 10.99
C LEU B 371 -39.09 -14.25 11.43
N SER B 372 -38.73 -15.08 10.46
CA SER B 372 -38.12 -16.37 10.75
C SER B 372 -36.71 -16.15 11.30
N PRO B 373 -36.15 -17.13 12.02
CA PRO B 373 -34.77 -16.97 12.50
C PRO B 373 -33.76 -16.64 11.41
N LEU B 374 -33.90 -17.26 10.24
CA LEU B 374 -33.07 -16.87 9.11
C LEU B 374 -33.39 -15.44 8.67
N MET B 375 -34.68 -15.10 8.64
CA MET B 375 -35.09 -13.75 8.25
C MET B 375 -34.52 -12.72 9.22
N MET B 376 -34.62 -13.00 10.52
CA MET B 376 -34.08 -12.09 11.53
C MET B 376 -32.57 -12.03 11.49
N ALA B 377 -31.90 -13.14 11.18
CA ALA B 377 -30.45 -13.11 11.02
C ALA B 377 -30.05 -12.21 9.86
N ALA B 378 -30.78 -12.29 8.75
CA ALA B 378 -30.51 -11.41 7.62
C ALA B 378 -30.77 -9.95 7.97
N LYS B 379 -31.86 -9.68 8.69
CA LYS B 379 -32.23 -8.30 8.99
C LYS B 379 -31.29 -7.66 10.00
N THR B 380 -30.99 -8.36 11.09
CA THR B 380 -30.26 -7.77 12.21
C THR B 380 -28.76 -7.65 11.94
N GLY B 381 -28.24 -8.39 10.95
CA GLY B 381 -26.84 -8.26 10.59
C GLY B 381 -25.91 -9.17 11.36
N LYS B 382 -26.17 -10.47 11.33
CA LYS B 382 -25.31 -11.48 11.97
C LYS B 382 -24.79 -12.39 10.87
N ILE B 383 -23.51 -12.21 10.51
CA ILE B 383 -22.92 -13.03 9.45
C ILE B 383 -22.81 -14.50 9.86
N GLY B 384 -22.52 -14.76 11.15
CA GLY B 384 -22.21 -16.11 11.57
C GLY B 384 -23.39 -17.05 11.47
N ILE B 385 -24.47 -16.76 12.19
CA ILE B 385 -25.62 -17.65 12.23
C ILE B 385 -26.28 -17.72 10.85
N PHE B 386 -26.37 -16.60 10.15
CA PHE B 386 -26.96 -16.58 8.81
C PHE B 386 -26.17 -17.46 7.84
N GLN B 387 -24.86 -17.24 7.76
CA GLN B 387 -24.02 -18.02 6.85
C GLN B 387 -24.03 -19.49 7.21
N HIS B 388 -24.10 -19.82 8.51
CA HIS B 388 -24.17 -21.23 8.89
C HIS B 388 -25.52 -21.84 8.52
N ILE B 389 -26.60 -21.08 8.66
CA ILE B 389 -27.93 -21.58 8.31
C ILE B 389 -28.01 -21.87 6.82
N ILE B 390 -27.33 -21.07 6.00
CA ILE B 390 -27.42 -21.27 4.55
C ILE B 390 -26.92 -22.66 4.15
N ARG B 391 -25.70 -23.02 4.56
CA ARG B 391 -25.20 -24.36 4.21
C ARG B 391 -25.40 -25.35 5.36
N ARG B 392 -26.65 -25.61 5.73
CA ARG B 392 -26.92 -26.55 6.83
C ARG B 392 -26.89 -27.97 6.27
N GLU B 393 -25.95 -28.79 6.78
CA GLU B 393 -25.78 -30.17 6.34
C GLU B 393 -26.01 -31.09 7.54
N VAL B 394 -27.00 -31.97 7.43
CA VAL B 394 -27.24 -33.01 8.43
C VAL B 394 -27.28 -34.35 7.71
N THR B 395 -26.54 -35.33 8.24
CA THR B 395 -26.39 -36.62 7.59
C THR B 395 -27.22 -37.72 8.22
N ASP B 396 -27.87 -37.47 9.35
CA ASP B 396 -28.69 -38.49 9.99
C ASP B 396 -29.88 -38.85 9.11
N GLU B 397 -30.18 -40.14 9.03
CA GLU B 397 -31.25 -40.60 8.15
C GLU B 397 -32.61 -40.09 8.60
N ASP B 398 -32.88 -40.11 9.91
CA ASP B 398 -34.17 -39.68 10.40
C ASP B 398 -34.42 -38.21 10.12
N THR B 399 -33.40 -37.37 10.32
CA THR B 399 -33.53 -35.93 10.11
C THR B 399 -32.69 -35.49 8.91
N ARG B 400 -33.36 -35.40 7.76
CA ARG B 400 -32.76 -34.88 6.54
C ARG B 400 -33.44 -33.63 6.01
N HIS B 401 -34.72 -33.42 6.33
CA HIS B 401 -35.44 -32.25 5.83
C HIS B 401 -34.92 -30.94 6.41
N LEU B 402 -34.12 -30.98 7.47
CA LEU B 402 -33.54 -29.76 8.03
C LEU B 402 -32.39 -29.22 7.19
N SER B 403 -31.79 -30.05 6.33
CA SER B 403 -30.64 -29.63 5.54
C SER B 403 -31.08 -28.75 4.38
N ARG B 404 -30.19 -27.83 4.00
CA ARG B 404 -30.45 -26.91 2.89
C ARG B 404 -29.36 -26.97 1.83
N LYS B 405 -28.41 -27.88 1.95
CA LYS B 405 -27.37 -28.10 0.94
C LYS B 405 -27.23 -29.59 0.72
N PHE B 406 -27.42 -30.03 -0.51
CA PHE B 406 -27.42 -31.46 -0.84
C PHE B 406 -26.25 -31.80 -1.74
N LYS B 407 -26.20 -33.07 -2.14
CA LYS B 407 -25.07 -33.67 -2.86
C LYS B 407 -25.57 -34.43 -4.08
N ASP B 408 -26.37 -33.75 -4.91
CA ASP B 408 -27.05 -34.36 -6.05
C ASP B 408 -26.16 -35.31 -6.86
N TRP B 409 -25.08 -34.79 -7.43
CA TRP B 409 -24.17 -35.63 -8.19
C TRP B 409 -22.79 -34.98 -8.21
N ALA B 410 -21.79 -35.79 -8.52
CA ALA B 410 -20.40 -35.33 -8.59
C ALA B 410 -19.53 -36.45 -9.12
N TYR B 411 -18.40 -36.06 -9.74
CA TYR B 411 -17.36 -37.00 -10.13
C TYR B 411 -16.01 -36.30 -10.00
N GLY B 412 -15.27 -36.65 -8.96
CA GLY B 412 -13.89 -36.23 -8.81
C GLY B 412 -13.69 -34.74 -8.99
N PRO B 413 -13.01 -34.35 -10.07
CA PRO B 413 -12.76 -32.93 -10.31
C PRO B 413 -13.98 -32.19 -10.82
N VAL B 414 -15.14 -32.48 -10.23
CA VAL B 414 -16.32 -31.64 -10.34
C VAL B 414 -17.25 -32.03 -9.20
N TYR B 415 -17.74 -31.05 -8.45
CA TYR B 415 -18.49 -31.30 -7.22
C TYR B 415 -19.71 -30.38 -7.23
N SER B 416 -20.86 -30.92 -7.63
CA SER B 416 -22.08 -30.15 -7.67
C SER B 416 -22.73 -30.15 -6.29
N SER B 417 -23.62 -29.19 -6.07
CA SER B 417 -24.34 -29.07 -4.82
C SER B 417 -25.79 -28.74 -5.14
N LEU B 418 -26.61 -28.63 -4.09
CA LEU B 418 -28.04 -28.34 -4.27
C LEU B 418 -28.49 -27.50 -3.09
N TYR B 419 -28.46 -26.18 -3.26
CA TYR B 419 -28.87 -25.26 -2.21
C TYR B 419 -30.39 -25.08 -2.22
N ASP B 420 -30.95 -24.99 -1.02
CA ASP B 420 -32.38 -24.75 -0.89
C ASP B 420 -32.71 -23.30 -1.20
N LEU B 421 -33.95 -23.07 -1.63
CA LEU B 421 -34.40 -21.73 -2.03
C LEU B 421 -35.79 -21.43 -1.49
N SER B 422 -36.18 -22.10 -0.40
CA SER B 422 -37.52 -21.91 0.16
C SER B 422 -37.71 -20.49 0.67
N SER B 423 -36.69 -19.93 1.33
CA SER B 423 -36.79 -18.60 1.91
C SER B 423 -35.79 -17.59 1.33
N LEU B 424 -34.80 -18.05 0.57
CA LEU B 424 -33.82 -17.12 0.02
C LEU B 424 -34.44 -16.22 -1.04
N ASP B 425 -35.41 -16.74 -1.78
CA ASP B 425 -36.11 -15.97 -2.81
C ASP B 425 -37.48 -16.58 -3.03
N THR B 426 -38.53 -15.78 -2.87
CA THR B 426 -39.91 -16.23 -3.03
C THR B 426 -40.58 -15.35 -4.08
N CYS B 427 -41.40 -15.98 -4.93
CA CYS B 427 -42.07 -15.28 -6.03
C CYS B 427 -43.36 -14.63 -5.53
N GLY B 428 -43.20 -13.64 -4.67
CA GLY B 428 -44.31 -12.81 -4.24
C GLY B 428 -45.03 -13.23 -2.97
N GLU B 429 -45.59 -14.44 -2.96
CA GLU B 429 -46.48 -14.84 -1.86
C GLU B 429 -45.72 -15.39 -0.67
N GLU B 430 -44.69 -14.66 -0.24
CA GLU B 430 -43.89 -14.97 0.95
C GLU B 430 -42.84 -13.88 1.08
N ALA B 431 -42.32 -13.71 2.30
CA ALA B 431 -41.18 -12.83 2.50
C ALA B 431 -39.90 -13.55 2.09
N SER B 432 -38.91 -12.76 1.66
CA SER B 432 -37.68 -13.31 1.12
C SER B 432 -36.48 -12.75 1.86
N VAL B 433 -35.43 -13.57 1.97
CA VAL B 433 -34.19 -13.14 2.61
C VAL B 433 -33.51 -12.07 1.77
N LEU B 434 -33.54 -12.21 0.45
CA LEU B 434 -32.79 -11.31 -0.43
C LEU B 434 -33.30 -9.88 -0.33
N GLU B 435 -34.62 -9.70 -0.30
CA GLU B 435 -35.18 -8.35 -0.27
C GLU B 435 -34.84 -7.64 1.04
N ILE B 436 -34.86 -8.36 2.17
CA ILE B 436 -34.42 -7.75 3.42
C ILE B 436 -32.93 -7.46 3.39
N LEU B 437 -32.13 -8.40 2.87
CA LEU B 437 -30.68 -8.22 2.86
C LEU B 437 -30.27 -7.04 1.98
N VAL B 438 -31.07 -6.71 0.97
CA VAL B 438 -30.73 -5.59 0.10
C VAL B 438 -31.36 -4.28 0.55
N TYR B 439 -32.59 -4.31 1.07
CA TYR B 439 -33.31 -3.08 1.42
C TYR B 439 -33.22 -2.77 2.92
N ASN B 440 -33.67 -3.68 3.77
CA ASN B 440 -33.80 -3.45 5.21
C ASN B 440 -32.76 -4.27 5.96
N SER B 441 -31.56 -3.70 6.11
CA SER B 441 -30.51 -4.33 6.89
C SER B 441 -29.54 -3.25 7.38
N LYS B 442 -28.77 -3.60 8.40
CA LYS B 442 -27.73 -2.69 8.88
C LYS B 442 -26.67 -2.51 7.81
N ILE B 443 -26.45 -1.26 7.41
CA ILE B 443 -25.61 -0.94 6.26
C ILE B 443 -24.16 -1.35 6.46
N GLU B 444 -23.76 -1.66 7.70
CA GLU B 444 -22.35 -1.91 7.98
C GLU B 444 -21.81 -3.11 7.22
N ASN B 445 -22.58 -4.21 7.15
CA ASN B 445 -22.07 -5.44 6.57
C ASN B 445 -23.10 -6.10 5.65
N ARG B 446 -23.70 -5.33 4.75
CA ARG B 446 -24.54 -5.93 3.72
C ARG B 446 -23.69 -6.64 2.67
N HIS B 447 -22.47 -6.17 2.43
CA HIS B 447 -21.66 -6.66 1.32
C HIS B 447 -21.16 -8.07 1.54
N GLU B 448 -20.67 -8.37 2.76
CA GLU B 448 -20.14 -9.70 3.02
C GLU B 448 -21.24 -10.75 2.99
N MET B 449 -22.47 -10.38 3.39
CA MET B 449 -23.56 -11.34 3.39
C MET B 449 -24.00 -11.69 1.98
N LEU B 450 -23.91 -10.75 1.06
CA LEU B 450 -24.21 -11.02 -0.34
C LEU B 450 -23.17 -11.93 -0.99
N ALA B 451 -22.03 -12.14 -0.35
CA ALA B 451 -20.93 -12.93 -0.90
C ALA B 451 -20.93 -14.37 -0.39
N VAL B 452 -22.12 -14.92 -0.15
CA VAL B 452 -22.24 -16.29 0.30
C VAL B 452 -22.52 -17.19 -0.89
N GLU B 453 -22.46 -18.50 -0.68
CA GLU B 453 -22.44 -19.44 -1.79
C GLU B 453 -23.65 -19.35 -2.73
N PRO B 454 -24.91 -19.31 -2.26
CA PRO B 454 -26.02 -19.27 -3.21
C PRO B 454 -26.38 -17.88 -3.70
N ILE B 455 -26.18 -16.86 -2.85
CA ILE B 455 -26.73 -15.53 -3.13
C ILE B 455 -26.07 -14.93 -4.37
N ASN B 456 -24.75 -15.00 -4.47
CA ASN B 456 -24.05 -14.42 -5.61
C ASN B 456 -24.49 -15.09 -6.91
N GLU B 457 -24.49 -16.43 -6.93
CA GLU B 457 -24.92 -17.15 -8.12
C GLU B 457 -26.41 -17.03 -8.36
N LEU B 458 -27.22 -16.88 -7.31
CA LEU B 458 -28.64 -16.61 -7.50
C LEU B 458 -28.85 -15.28 -8.22
N LEU B 459 -28.12 -14.25 -7.79
CA LEU B 459 -28.19 -12.95 -8.47
C LEU B 459 -27.69 -13.05 -9.90
N ARG B 460 -26.62 -13.80 -10.12
CA ARG B 460 -26.09 -13.96 -11.47
C ARG B 460 -27.11 -14.67 -12.37
N ASP B 461 -27.77 -15.69 -11.85
CA ASP B 461 -28.77 -16.41 -12.64
C ASP B 461 -29.98 -15.53 -12.92
N LYS B 462 -30.44 -14.76 -11.93
CA LYS B 462 -31.53 -13.81 -12.19
C LYS B 462 -31.14 -12.81 -13.26
N TRP B 463 -29.90 -12.31 -13.20
CA TRP B 463 -29.39 -11.43 -14.23
C TRP B 463 -29.50 -12.10 -15.60
N ARG B 464 -28.78 -13.21 -15.78
CA ARG B 464 -28.75 -13.89 -17.08
C ARG B 464 -30.15 -14.24 -17.58
N LYS B 465 -31.07 -14.57 -16.67
CA LYS B 465 -32.41 -14.96 -17.09
C LYS B 465 -33.20 -13.76 -17.60
N PHE B 466 -33.42 -12.76 -16.74
CA PHE B 466 -34.23 -11.62 -17.15
C PHE B 466 -33.65 -10.27 -16.80
N GLY B 467 -32.70 -10.19 -15.87
CA GLY B 467 -32.25 -8.89 -15.39
C GLY B 467 -31.51 -8.12 -16.45
N ALA B 468 -30.63 -8.79 -17.18
CA ALA B 468 -29.87 -8.11 -18.24
C ALA B 468 -30.81 -7.60 -19.33
N VAL B 469 -31.76 -8.43 -19.76
CA VAL B 469 -32.68 -8.03 -20.82
C VAL B 469 -33.53 -6.84 -20.37
N SER B 470 -34.07 -6.92 -19.14
CA SER B 470 -34.90 -5.83 -18.65
C SER B 470 -34.10 -4.56 -18.45
N PHE B 471 -32.86 -4.68 -17.96
CA PHE B 471 -32.02 -3.50 -17.77
C PHE B 471 -31.68 -2.85 -19.10
N TYR B 472 -31.36 -3.64 -20.12
CA TYR B 472 -31.08 -3.08 -21.43
C TYR B 472 -32.30 -2.45 -22.07
N ILE B 473 -33.48 -3.08 -21.98
CA ILE B 473 -34.65 -2.44 -22.55
C ILE B 473 -34.99 -1.16 -21.77
N ASN B 474 -34.79 -1.16 -20.45
CA ASN B 474 -35.04 0.05 -19.67
C ASN B 474 -34.10 1.18 -20.08
N VAL B 475 -32.81 0.88 -20.25
CA VAL B 475 -31.86 1.93 -20.58
C VAL B 475 -32.10 2.45 -21.99
N VAL B 476 -32.43 1.56 -22.94
CA VAL B 476 -32.68 2.06 -24.29
C VAL B 476 -33.97 2.87 -24.33
N SER B 477 -35.00 2.48 -23.58
CA SER B 477 -36.22 3.26 -23.52
C SER B 477 -35.97 4.63 -22.88
N TYR B 478 -35.17 4.66 -21.82
CA TYR B 478 -34.84 5.92 -21.17
C TYR B 478 -34.05 6.84 -22.11
N LEU B 479 -33.08 6.28 -22.83
CA LEU B 479 -32.30 7.08 -23.77
C LEU B 479 -33.16 7.60 -24.91
N CYS B 480 -34.08 6.76 -25.42
CA CYS B 480 -34.98 7.23 -26.47
C CYS B 480 -35.90 8.33 -25.95
N ALA B 481 -36.41 8.18 -24.72
CA ALA B 481 -37.29 9.20 -24.14
C ALA B 481 -36.56 10.51 -23.99
N MET B 482 -35.30 10.48 -23.52
CA MET B 482 -34.59 11.74 -23.36
C MET B 482 -34.04 12.29 -24.68
N VAL B 483 -33.84 11.45 -25.70
CA VAL B 483 -33.57 11.97 -27.04
C VAL B 483 -34.78 12.73 -27.55
N ILE B 484 -35.97 12.17 -27.35
CA ILE B 484 -37.20 12.88 -27.70
C ILE B 484 -37.31 14.18 -26.91
N PHE B 485 -36.95 14.14 -25.62
CA PHE B 485 -36.97 15.34 -24.79
C PHE B 485 -36.04 16.41 -25.35
N THR B 486 -34.82 16.01 -25.74
CA THR B 486 -33.88 16.96 -26.32
C THR B 486 -34.41 17.55 -27.63
N LEU B 487 -34.99 16.71 -28.49
CA LEU B 487 -35.54 17.21 -29.74
C LEU B 487 -36.67 18.19 -29.51
N THR B 488 -37.56 17.90 -28.55
CA THR B 488 -38.63 18.84 -28.23
C THR B 488 -38.06 20.13 -27.67
N ALA B 489 -37.11 20.05 -26.75
CA ALA B 489 -36.55 21.25 -26.12
C ALA B 489 -35.87 22.14 -27.14
N TYR B 490 -35.12 21.56 -28.08
CA TYR B 490 -34.47 22.36 -29.11
C TYR B 490 -35.45 22.92 -30.12
N TYR B 491 -36.66 22.37 -30.22
CA TYR B 491 -37.62 22.77 -31.24
C TYR B 491 -38.82 23.53 -30.67
N GLN B 492 -38.72 24.04 -29.45
CA GLN B 492 -39.81 24.84 -28.90
C GLN B 492 -39.61 26.31 -29.27
N PRO B 493 -40.54 26.92 -30.00
CA PRO B 493 -40.43 28.35 -30.30
C PRO B 493 -40.64 29.19 -29.06
N LEU B 494 -40.20 30.45 -29.15
CA LEU B 494 -40.38 31.42 -28.08
C LEU B 494 -40.85 32.75 -28.63
N GLU B 495 -41.87 32.70 -29.49
CA GLU B 495 -42.47 33.91 -30.04
C GLU B 495 -43.74 34.22 -29.25
N GLY B 496 -43.82 35.46 -28.75
CA GLY B 496 -44.96 35.86 -27.94
C GLY B 496 -45.12 34.98 -26.71
N THR B 497 -46.36 34.56 -26.47
CA THR B 497 -46.69 33.63 -25.40
C THR B 497 -46.15 32.25 -25.75
N PRO B 498 -46.20 31.29 -24.82
CA PRO B 498 -45.85 29.91 -25.17
C PRO B 498 -46.63 29.44 -26.39
N PRO B 499 -45.98 28.71 -27.30
CA PRO B 499 -46.62 28.40 -28.58
C PRO B 499 -47.79 27.46 -28.47
N TYR B 500 -48.92 27.97 -27.97
CA TYR B 500 -50.15 27.16 -27.93
C TYR B 500 -50.65 26.75 -29.31
N PRO B 501 -50.74 27.65 -30.31
CA PRO B 501 -51.31 27.24 -31.60
C PRO B 501 -50.36 26.38 -32.41
N TYR B 502 -50.37 25.07 -32.16
CA TYR B 502 -49.55 24.13 -32.91
C TYR B 502 -49.93 24.14 -34.39
N ARG B 503 -51.14 23.65 -34.69
CA ARG B 503 -51.73 23.70 -36.03
C ARG B 503 -50.78 23.21 -37.12
N THR B 504 -49.92 22.24 -36.82
CA THR B 504 -48.96 21.74 -37.78
C THR B 504 -48.56 20.32 -37.41
N THR B 505 -48.35 19.48 -38.42
CA THR B 505 -47.96 18.09 -38.15
C THR B 505 -46.60 18.02 -37.45
N VAL B 506 -45.68 18.92 -37.80
CA VAL B 506 -44.41 18.99 -37.08
C VAL B 506 -44.66 19.45 -35.64
N ASP B 507 -45.51 20.46 -35.47
CA ASP B 507 -45.87 20.89 -34.13
C ASP B 507 -46.68 19.82 -33.40
N TYR B 508 -47.44 19.00 -34.12
CA TYR B 508 -48.11 17.88 -33.49
C TYR B 508 -47.12 16.82 -33.01
N LEU B 509 -46.05 16.59 -33.78
CA LEU B 509 -44.98 15.71 -33.31
C LEU B 509 -44.30 16.29 -32.08
N ARG B 510 -44.09 17.60 -32.06
CA ARG B 510 -43.53 18.25 -30.88
C ARG B 510 -44.45 18.07 -29.67
N LEU B 511 -45.76 18.20 -29.88
CA LEU B 511 -46.72 17.96 -28.81
C LEU B 511 -46.66 16.53 -28.32
N ALA B 512 -46.53 15.58 -29.24
CA ALA B 512 -46.40 14.17 -28.85
C ALA B 512 -45.15 13.95 -28.01
N GLY B 513 -44.04 14.55 -28.41
CA GLY B 513 -42.83 14.45 -27.60
C GLY B 513 -42.99 15.07 -26.23
N GLU B 514 -43.65 16.23 -26.17
CA GLU B 514 -43.88 16.90 -24.89
C GLU B 514 -44.76 16.05 -23.97
N VAL B 515 -45.82 15.46 -24.51
CA VAL B 515 -46.70 14.67 -23.68
C VAL B 515 -46.01 13.37 -23.25
N ILE B 516 -45.12 12.83 -24.10
CA ILE B 516 -44.32 11.68 -23.67
C ILE B 516 -43.41 12.07 -22.51
N THR B 517 -42.78 13.25 -22.59
CA THR B 517 -41.94 13.73 -21.51
C THR B 517 -42.73 13.89 -20.22
N LEU B 518 -43.92 14.49 -20.32
CA LEU B 518 -44.77 14.65 -19.14
C LEU B 518 -45.22 13.30 -18.59
N PHE B 519 -45.49 12.33 -19.47
CA PHE B 519 -45.84 11.00 -19.01
C PHE B 519 -44.69 10.37 -18.22
N THR B 520 -43.46 10.52 -18.73
CA THR B 520 -42.31 10.00 -17.99
C THR B 520 -42.16 10.70 -16.65
N GLY B 521 -42.34 12.02 -16.63
CA GLY B 521 -42.21 12.77 -15.38
C GLY B 521 -43.24 12.36 -14.35
N VAL B 522 -44.51 12.25 -14.76
CA VAL B 522 -45.56 11.88 -13.82
C VAL B 522 -45.40 10.42 -13.40
N LEU B 523 -44.92 9.55 -14.29
CA LEU B 523 -44.66 8.16 -13.91
C LEU B 523 -43.58 8.09 -12.84
N PHE B 524 -42.50 8.85 -13.02
CA PHE B 524 -41.44 8.88 -12.01
C PHE B 524 -41.96 9.45 -10.69
N PHE B 525 -42.76 10.52 -10.76
CA PHE B 525 -43.32 11.11 -9.54
C PHE B 525 -44.20 10.11 -8.81
N PHE B 526 -45.06 9.40 -9.55
CA PHE B 526 -45.98 8.46 -8.93
C PHE B 526 -45.24 7.25 -8.35
N THR B 527 -44.22 6.75 -9.06
CA THR B 527 -43.47 5.63 -8.53
C THR B 527 -42.55 6.03 -7.38
N ASN B 528 -42.25 7.32 -7.24
CA ASN B 528 -41.49 7.77 -6.07
C ASN B 528 -42.42 7.98 -4.87
N ILE B 529 -43.61 8.53 -5.10
CA ILE B 529 -44.55 8.73 -4.00
C ILE B 529 -45.10 7.40 -3.50
N LYS B 530 -45.37 6.47 -4.43
CA LYS B 530 -45.93 5.17 -4.04
C LYS B 530 -44.98 4.40 -3.14
N ASP B 531 -43.68 4.62 -3.27
CA ASP B 531 -42.72 3.95 -2.40
C ASP B 531 -42.91 4.36 -0.94
N LEU B 532 -43.42 5.56 -0.69
CA LEU B 532 -43.70 5.98 0.68
C LEU B 532 -44.70 5.04 1.35
N PHE B 533 -45.66 4.52 0.56
CA PHE B 533 -46.59 3.50 1.03
C PHE B 533 -46.00 2.09 0.89
N MET B 534 -44.67 1.99 0.77
CA MET B 534 -43.98 0.72 0.52
C MET B 534 -42.61 0.83 1.20
N LYS B 535 -41.67 -0.01 0.78
CA LYS B 535 -40.33 0.02 1.35
C LYS B 535 -39.61 1.29 0.91
N LYS B 536 -39.68 2.32 1.74
CA LYS B 536 -38.94 3.56 1.54
C LYS B 536 -38.71 4.21 2.91
N CYS B 537 -38.41 5.50 2.90
CA CYS B 537 -38.12 6.33 4.07
C CYS B 537 -36.88 5.88 4.85
N PRO B 538 -35.72 5.70 4.20
CA PRO B 538 -34.46 5.65 4.97
C PRO B 538 -33.86 7.04 5.07
N GLY B 539 -32.64 7.14 5.58
CA GLY B 539 -31.93 8.41 5.54
C GLY B 539 -31.39 8.71 4.16
N VAL B 540 -32.30 8.87 3.19
CA VAL B 540 -31.90 9.00 1.79
C VAL B 540 -31.69 10.48 1.52
N ASN B 541 -30.49 10.95 1.81
CA ASN B 541 -30.05 12.29 1.42
C ASN B 541 -28.66 12.33 0.82
N SER B 542 -27.77 11.39 1.18
CA SER B 542 -26.46 11.28 0.55
C SER B 542 -26.08 9.82 0.30
N LEU B 543 -27.01 8.90 0.45
CA LEU B 543 -26.70 7.47 0.40
C LEU B 543 -26.22 7.06 -0.99
N PHE B 544 -25.28 6.13 -1.03
CA PHE B 544 -24.81 5.53 -2.27
C PHE B 544 -25.57 4.25 -2.62
N ILE B 545 -26.78 4.08 -2.10
CA ILE B 545 -27.50 2.81 -2.20
C ILE B 545 -28.77 3.01 -3.01
N ASP B 546 -28.71 3.89 -4.01
CA ASP B 546 -29.82 4.30 -4.88
C ASP B 546 -30.72 5.29 -4.15
N GLY B 547 -30.45 5.59 -2.87
CA GLY B 547 -31.30 6.52 -2.15
C GLY B 547 -31.23 7.93 -2.69
N SER B 548 -30.04 8.35 -3.16
CA SER B 548 -29.90 9.68 -3.71
C SER B 548 -30.43 9.76 -5.13
N PHE B 549 -30.37 8.67 -5.87
CA PHE B 549 -30.93 8.68 -7.22
C PHE B 549 -32.45 8.77 -7.20
N GLN B 550 -33.11 8.21 -6.18
CA GLN B 550 -34.54 8.46 -6.04
C GLN B 550 -34.82 9.94 -5.78
N LEU B 551 -33.98 10.59 -4.98
CA LEU B 551 -34.13 12.02 -4.77
C LEU B 551 -33.93 12.80 -6.06
N LEU B 552 -32.95 12.39 -6.87
CA LEU B 552 -32.71 13.08 -8.14
C LEU B 552 -33.86 12.88 -9.11
N TYR B 553 -34.42 11.67 -9.16
CA TYR B 553 -35.61 11.44 -9.97
C TYR B 553 -36.80 12.25 -9.45
N PHE B 554 -36.92 12.38 -8.14
CA PHE B 554 -37.96 13.23 -7.57
C PHE B 554 -37.79 14.68 -8.00
N ILE B 555 -36.56 15.17 -7.99
CA ILE B 555 -36.28 16.53 -8.44
C ILE B 555 -36.63 16.68 -9.91
N TYR B 556 -36.25 15.70 -10.73
CA TYR B 556 -36.61 15.71 -12.15
C TYR B 556 -38.12 15.77 -12.33
N SER B 557 -38.84 14.95 -11.57
CA SER B 557 -40.30 14.90 -11.71
C SER B 557 -40.93 16.22 -11.32
N VAL B 558 -40.55 16.77 -10.16
CA VAL B 558 -41.15 18.01 -9.71
C VAL B 558 -40.79 19.16 -10.63
N LEU B 559 -39.58 19.14 -11.19
CA LEU B 559 -39.18 20.22 -12.09
C LEU B 559 -39.90 20.13 -13.43
N VAL B 560 -40.13 18.91 -13.94
CA VAL B 560 -40.92 18.76 -15.16
C VAL B 560 -42.36 19.18 -14.92
N ILE B 561 -42.92 18.84 -13.76
CA ILE B 561 -44.27 19.27 -13.43
C ILE B 561 -44.35 20.79 -13.33
N VAL B 562 -43.33 21.42 -12.75
CA VAL B 562 -43.28 22.88 -12.68
C VAL B 562 -43.17 23.47 -14.08
N SER B 563 -42.39 22.84 -14.95
CA SER B 563 -42.29 23.28 -16.33
C SER B 563 -43.65 23.25 -17.01
N ALA B 564 -44.40 22.16 -16.83
CA ALA B 564 -45.72 22.06 -17.42
C ALA B 564 -46.66 23.11 -16.83
N ALA B 565 -46.60 23.33 -15.51
CA ALA B 565 -47.48 24.31 -14.89
C ALA B 565 -47.20 25.71 -15.41
N LEU B 566 -45.93 26.07 -15.57
CA LEU B 566 -45.60 27.39 -16.09
C LEU B 566 -45.92 27.50 -17.58
N TYR B 567 -45.82 26.40 -18.32
CA TYR B 567 -46.20 26.42 -19.73
C TYR B 567 -47.70 26.55 -19.93
N LEU B 568 -48.50 26.01 -19.00
CA LEU B 568 -49.95 26.13 -19.09
C LEU B 568 -50.49 27.40 -18.44
N ALA B 569 -49.72 28.03 -17.56
CA ALA B 569 -50.15 29.26 -16.90
C ALA B 569 -49.66 30.52 -17.61
N GLY B 570 -48.96 30.38 -18.74
CA GLY B 570 -48.48 31.52 -19.49
C GLY B 570 -47.11 32.02 -19.10
N ILE B 571 -46.50 31.46 -18.06
CA ILE B 571 -45.17 31.89 -17.65
C ILE B 571 -44.15 31.44 -18.68
N GLU B 572 -43.29 32.37 -19.10
CA GLU B 572 -42.32 32.10 -20.15
C GLU B 572 -41.08 31.37 -19.65
N ALA B 573 -40.88 31.29 -18.33
CA ALA B 573 -39.72 30.61 -17.76
C ALA B 573 -39.83 29.09 -17.82
N TYR B 574 -40.82 28.56 -18.54
CA TYR B 574 -40.95 27.11 -18.65
C TYR B 574 -39.76 26.50 -19.36
N LEU B 575 -39.25 27.15 -20.41
CA LEU B 575 -38.05 26.64 -21.07
C LEU B 575 -36.85 26.71 -20.14
N ALA B 576 -36.73 27.78 -19.36
CA ALA B 576 -35.61 27.92 -18.43
C ALA B 576 -35.62 26.81 -17.39
N VAL B 577 -36.80 26.48 -16.85
CA VAL B 577 -36.88 25.41 -15.86
C VAL B 577 -36.95 24.03 -16.49
N MET B 578 -37.11 23.95 -17.81
CA MET B 578 -37.13 22.66 -18.51
C MET B 578 -35.76 22.24 -19.02
N VAL B 579 -34.92 23.19 -19.44
CA VAL B 579 -33.58 22.84 -19.88
C VAL B 579 -32.76 22.30 -18.72
N PHE B 580 -32.93 22.89 -17.53
CA PHE B 580 -32.25 22.36 -16.35
C PHE B 580 -32.72 20.95 -16.04
N ALA B 581 -34.02 20.69 -16.17
CA ALA B 581 -34.53 19.34 -15.97
C ALA B 581 -33.93 18.38 -16.98
N LEU B 582 -33.81 18.80 -18.23
CA LEU B 582 -33.22 17.95 -19.26
C LEU B 582 -31.77 17.62 -18.94
N VAL B 583 -30.99 18.62 -18.54
CA VAL B 583 -29.59 18.38 -18.20
C VAL B 583 -29.49 17.45 -17.00
N LEU B 584 -30.32 17.69 -15.98
CA LEU B 584 -30.30 16.84 -14.79
C LEU B 584 -30.69 15.41 -15.12
N GLY B 585 -31.63 15.23 -16.05
CA GLY B 585 -31.96 13.88 -16.48
C GLY B 585 -30.84 13.20 -17.25
N TRP B 586 -30.14 13.97 -18.08
CA TRP B 586 -29.00 13.40 -18.80
C TRP B 586 -27.89 12.99 -17.84
N MET B 587 -27.71 13.74 -16.75
CA MET B 587 -26.79 13.28 -15.71
C MET B 587 -27.37 12.10 -14.94
N ASN B 588 -28.68 12.05 -14.74
CA ASN B 588 -29.33 10.92 -14.10
C ASN B 588 -29.17 9.65 -14.91
N ALA B 589 -28.94 9.78 -16.22
CA ALA B 589 -28.71 8.60 -17.06
C ALA B 589 -27.55 7.75 -16.58
N LEU B 590 -26.67 8.31 -15.74
CA LEU B 590 -25.59 7.52 -15.15
C LEU B 590 -26.12 6.43 -14.23
N TYR B 591 -27.40 6.49 -13.85
CA TYR B 591 -28.01 5.43 -13.06
C TYR B 591 -27.82 4.07 -13.72
N PHE B 592 -27.88 4.02 -15.05
CA PHE B 592 -27.79 2.76 -15.79
C PHE B 592 -26.35 2.32 -16.04
N THR B 593 -25.38 2.81 -15.26
CA THR B 593 -24.02 2.30 -15.29
C THR B 593 -23.87 1.06 -14.42
N ARG B 594 -24.87 0.74 -13.62
CA ARG B 594 -24.77 -0.30 -12.60
C ARG B 594 -24.61 -1.70 -13.17
N GLY B 595 -24.84 -1.88 -14.47
CA GLY B 595 -24.66 -3.16 -15.12
C GLY B 595 -23.28 -3.43 -15.65
N LEU B 596 -22.28 -2.66 -15.22
CA LEU B 596 -20.91 -2.80 -15.69
C LEU B 596 -19.97 -2.74 -14.51
N LYS B 597 -18.80 -3.36 -14.66
CA LYS B 597 -17.79 -3.35 -13.60
C LYS B 597 -16.72 -2.29 -13.87
N TYR B 602 -12.50 0.54 -21.25
CA TYR B 602 -12.35 -0.08 -19.93
C TYR B 602 -13.51 0.32 -19.02
N SER B 603 -14.30 -0.67 -18.60
CA SER B 603 -15.43 -0.40 -17.73
C SER B 603 -15.00 -0.01 -16.32
N ILE B 604 -13.75 -0.28 -15.95
CA ILE B 604 -13.29 0.02 -14.59
C ILE B 604 -13.22 1.52 -14.36
N MET B 605 -12.80 2.29 -15.37
CA MET B 605 -12.57 3.72 -15.17
C MET B 605 -13.88 4.48 -14.98
N ILE B 606 -14.98 4.01 -15.56
CA ILE B 606 -16.27 4.66 -15.32
C ILE B 606 -16.68 4.50 -13.86
N GLN B 607 -16.53 3.29 -13.31
CA GLN B 607 -16.95 3.06 -11.93
C GLN B 607 -15.95 3.63 -10.94
N LYS B 608 -14.71 3.87 -11.37
CA LYS B 608 -13.73 4.50 -10.49
C LYS B 608 -14.19 5.87 -10.02
N ILE B 609 -14.92 6.59 -10.86
CA ILE B 609 -15.46 7.90 -10.52
C ILE B 609 -16.92 7.75 -10.11
N LEU B 610 -17.29 8.39 -9.01
CA LEU B 610 -18.65 8.36 -8.48
C LEU B 610 -19.34 9.69 -8.75
N PHE B 611 -20.59 9.61 -9.21
CA PHE B 611 -21.32 10.82 -9.59
C PHE B 611 -21.57 11.74 -8.39
N LYS B 612 -21.91 11.17 -7.24
CA LYS B 612 -22.21 12.00 -6.07
C LYS B 612 -20.98 12.76 -5.58
N ASP B 613 -19.80 12.16 -5.69
CA ASP B 613 -18.58 12.89 -5.35
C ASP B 613 -18.34 14.04 -6.31
N LEU B 614 -19.05 14.06 -7.44
CA LEU B 614 -18.95 15.19 -8.35
C LEU B 614 -20.13 16.13 -8.22
N PHE B 615 -21.34 15.60 -8.05
CA PHE B 615 -22.52 16.45 -7.91
C PHE B 615 -22.46 17.28 -6.64
N ARG B 616 -22.01 16.69 -5.53
CA ARG B 616 -21.86 17.45 -4.30
C ARG B 616 -20.85 18.57 -4.47
N PHE B 617 -19.71 18.27 -5.09
CA PHE B 617 -18.73 19.31 -5.40
C PHE B 617 -19.31 20.37 -6.33
N LEU B 618 -20.07 19.95 -7.35
CA LEU B 618 -20.66 20.90 -8.27
C LEU B 618 -21.61 21.85 -7.56
N LEU B 619 -22.48 21.32 -6.71
CA LEU B 619 -23.43 22.14 -5.99
C LEU B 619 -22.74 23.09 -5.03
N VAL B 620 -21.73 22.58 -4.30
CA VAL B 620 -20.97 23.44 -3.40
C VAL B 620 -20.28 24.57 -4.15
N TYR B 621 -19.67 24.27 -5.31
CA TYR B 621 -18.97 25.28 -6.09
C TYR B 621 -19.93 26.32 -6.65
N LEU B 622 -21.10 25.89 -7.12
CA LEU B 622 -22.09 26.85 -7.64
C LEU B 622 -22.61 27.76 -6.54
N LEU B 623 -22.94 27.19 -5.36
CA LEU B 623 -23.37 28.03 -4.26
C LEU B 623 -22.27 28.97 -3.80
N PHE B 624 -21.01 28.50 -3.82
CA PHE B 624 -19.89 29.38 -3.50
C PHE B 624 -19.81 30.54 -4.47
N MET B 625 -19.92 30.28 -5.77
CA MET B 625 -19.90 31.36 -6.74
C MET B 625 -21.02 32.36 -6.50
N ILE B 626 -22.25 31.87 -6.29
CA ILE B 626 -23.37 32.79 -6.12
C ILE B 626 -23.21 33.62 -4.84
N GLY B 627 -22.85 32.96 -3.73
CA GLY B 627 -22.70 33.68 -2.47
C GLY B 627 -21.57 34.68 -2.49
N TYR B 628 -20.46 34.35 -3.16
CA TYR B 628 -19.36 35.28 -3.24
C TYR B 628 -19.65 36.43 -4.21
N ALA B 629 -20.40 36.15 -5.29
CA ALA B 629 -20.79 37.21 -6.20
C ALA B 629 -21.74 38.20 -5.54
N SER B 630 -22.65 37.71 -4.69
CA SER B 630 -23.52 38.63 -3.96
C SER B 630 -22.72 39.58 -3.08
N ALA B 631 -21.73 39.06 -2.35
CA ALA B 631 -20.90 39.92 -1.51
C ALA B 631 -20.15 40.95 -2.33
N LEU B 632 -19.58 40.55 -3.49
CA LEU B 632 -18.83 41.49 -4.30
C LEU B 632 -19.74 42.56 -4.91
N VAL B 633 -20.92 42.18 -5.39
CA VAL B 633 -21.82 43.17 -5.98
C VAL B 633 -22.43 44.05 -4.89
N SER B 634 -22.36 43.63 -3.63
CA SER B 634 -22.80 44.49 -2.54
C SER B 634 -21.99 45.79 -2.49
N LEU B 635 -20.68 45.71 -2.74
CA LEU B 635 -19.84 46.89 -2.66
C LEU B 635 -20.13 47.91 -3.75
N LEU B 636 -20.62 47.47 -4.91
CA LEU B 636 -20.79 48.37 -6.05
C LEU B 636 -21.78 49.49 -5.75
N ASN B 637 -21.33 50.73 -5.91
CA ASN B 637 -22.21 51.87 -5.68
C ASN B 637 -23.22 51.98 -6.83
N PRO B 638 -24.43 52.47 -6.56
CA PRO B 638 -25.48 52.63 -7.57
C PRO B 638 -25.06 53.57 -8.69
N VAL B 654 -26.52 56.17 -14.43
CA VAL B 654 -27.20 55.75 -15.64
C VAL B 654 -26.89 54.30 -16.06
N PRO B 655 -25.61 53.91 -16.15
CA PRO B 655 -25.30 52.53 -16.51
C PRO B 655 -25.68 51.56 -15.38
N THR B 656 -25.78 50.29 -15.75
CA THR B 656 -26.17 49.26 -14.79
C THR B 656 -25.05 48.26 -14.48
N TYR B 657 -24.51 47.59 -15.48
CA TYR B 657 -23.44 46.63 -15.23
C TYR B 657 -22.08 47.32 -15.11
N PRO B 658 -21.69 48.23 -16.04
CA PRO B 658 -20.39 48.89 -15.89
C PRO B 658 -20.46 50.16 -15.06
N SER B 659 -19.50 50.33 -14.15
CA SER B 659 -19.26 51.53 -13.36
C SER B 659 -20.36 51.84 -12.35
N CYS B 660 -21.44 51.04 -12.30
CA CYS B 660 -22.53 51.30 -11.39
C CYS B 660 -23.17 49.98 -10.98
N ARG B 661 -24.25 50.08 -10.23
CA ARG B 661 -25.03 48.94 -9.77
C ARG B 661 -26.52 49.21 -9.97
N ASP B 662 -27.26 48.15 -10.29
CA ASP B 662 -28.70 48.24 -10.46
C ASP B 662 -29.33 46.99 -9.88
N SER B 663 -30.65 47.03 -9.73
CA SER B 663 -31.39 45.86 -9.22
C SER B 663 -31.26 44.65 -10.13
N GLU B 664 -30.90 44.84 -11.40
CA GLU B 664 -30.75 43.74 -12.34
C GLU B 664 -29.30 43.36 -12.60
N THR B 665 -28.34 44.14 -12.11
CA THR B 665 -26.94 43.95 -12.46
C THR B 665 -26.35 42.64 -11.94
N PHE B 666 -27.03 41.96 -11.01
CA PHE B 666 -26.50 40.70 -10.50
C PHE B 666 -26.56 39.60 -11.56
N SER B 667 -27.56 39.66 -12.44
CA SER B 667 -27.68 38.65 -13.48
C SER B 667 -26.52 38.72 -14.47
N THR B 668 -25.97 39.91 -14.70
CA THR B 668 -24.85 40.08 -15.63
C THR B 668 -23.49 40.09 -14.95
N PHE B 669 -23.43 40.44 -13.66
CA PHE B 669 -22.15 40.49 -12.97
C PHE B 669 -21.56 39.10 -12.78
N LEU B 670 -22.40 38.10 -12.53
CA LEU B 670 -21.92 36.74 -12.37
C LEU B 670 -21.19 36.25 -13.61
N LEU B 671 -21.61 36.72 -14.79
CA LEU B 671 -20.90 36.39 -16.02
C LEU B 671 -19.46 36.89 -15.98
N ASP B 672 -19.23 38.09 -15.44
CA ASP B 672 -17.87 38.61 -15.34
C ASP B 672 -17.00 37.72 -14.47
N LEU B 673 -17.52 37.29 -13.31
CA LEU B 673 -16.75 36.42 -12.43
C LEU B 673 -16.49 35.08 -13.08
N PHE B 674 -17.47 34.52 -13.79
CA PHE B 674 -17.28 33.24 -14.45
C PHE B 674 -16.22 33.34 -15.55
N LYS B 675 -16.28 34.40 -16.36
CA LYS B 675 -15.27 34.58 -17.40
C LYS B 675 -13.88 34.82 -16.80
N LEU B 676 -13.82 35.52 -15.67
CA LEU B 676 -12.52 35.75 -15.04
C LEU B 676 -11.97 34.48 -14.42
N THR B 677 -12.86 33.57 -13.99
CA THR B 677 -12.42 32.27 -13.49
C THR B 677 -11.72 31.47 -14.58
N ILE B 678 -12.27 31.45 -15.79
CA ILE B 678 -11.61 30.78 -16.91
C ILE B 678 -10.31 31.49 -17.25
N GLY B 679 -10.35 32.82 -17.31
CA GLY B 679 -9.18 33.59 -17.67
C GLY B 679 -9.47 34.62 -18.75
N MET B 680 -10.75 34.84 -19.01
CA MET B 680 -11.19 35.79 -20.04
C MET B 680 -11.81 37.04 -19.44
N GLY B 681 -11.80 37.19 -18.12
CA GLY B 681 -12.46 38.31 -17.48
C GLY B 681 -11.68 39.60 -17.52
N ASP B 682 -12.28 40.63 -18.12
CA ASP B 682 -11.66 41.95 -18.12
C ASP B 682 -11.84 42.61 -16.76
N LEU B 683 -10.75 43.16 -16.23
CA LEU B 683 -10.75 43.77 -14.89
C LEU B 683 -11.30 45.18 -15.00
N GLU B 684 -12.59 45.29 -15.35
CA GLU B 684 -13.26 46.58 -15.46
C GLU B 684 -14.19 46.89 -14.30
N MET B 685 -14.61 45.89 -13.51
CA MET B 685 -15.45 46.15 -12.35
C MET B 685 -14.68 46.74 -11.17
N LEU B 686 -13.35 46.70 -11.21
CA LEU B 686 -12.57 47.28 -10.13
C LEU B 686 -12.77 48.80 -10.05
N SER B 687 -12.90 49.45 -11.21
CA SER B 687 -13.17 50.88 -11.23
C SER B 687 -14.65 51.19 -10.98
N SER B 688 -15.51 50.17 -11.03
CA SER B 688 -16.93 50.41 -10.80
C SER B 688 -17.21 50.82 -9.35
N THR B 689 -16.59 50.14 -8.39
CA THR B 689 -16.77 50.46 -6.98
C THR B 689 -15.90 51.65 -6.58
N LYS B 690 -16.34 52.36 -5.55
CA LYS B 690 -15.58 53.49 -5.03
C LYS B 690 -14.47 53.05 -4.07
N TYR B 691 -14.41 51.76 -3.71
CA TYR B 691 -13.54 51.26 -2.65
C TYR B 691 -12.73 50.10 -3.19
N PRO B 692 -11.80 50.35 -4.12
CA PRO B 692 -11.08 49.24 -4.76
C PRO B 692 -10.08 48.55 -3.85
N VAL B 693 -9.63 49.19 -2.76
CA VAL B 693 -8.58 48.61 -1.94
C VAL B 693 -9.04 47.30 -1.31
N VAL B 694 -10.31 47.19 -0.94
CA VAL B 694 -10.83 45.97 -0.33
C VAL B 694 -11.41 45.09 -1.44
N PHE B 695 -11.90 45.71 -2.52
CA PHE B 695 -12.49 44.96 -3.61
C PHE B 695 -11.46 44.07 -4.29
N ILE B 696 -10.25 44.58 -4.51
CA ILE B 696 -9.20 43.78 -5.13
C ILE B 696 -8.81 42.61 -4.24
N ILE B 697 -8.70 42.85 -2.93
CA ILE B 697 -8.36 41.77 -2.00
C ILE B 697 -9.43 40.70 -2.02
N LEU B 698 -10.70 41.12 -1.99
CA LEU B 698 -11.80 40.17 -2.03
C LEU B 698 -11.79 39.36 -3.32
N LEU B 699 -11.57 40.02 -4.47
CA LEU B 699 -11.49 39.31 -5.73
C LEU B 699 -10.36 38.30 -5.72
N VAL B 700 -9.16 38.72 -5.32
CA VAL B 700 -8.02 37.81 -5.30
C VAL B 700 -8.29 36.61 -4.41
N THR B 701 -8.91 36.83 -3.25
CA THR B 701 -9.32 35.70 -2.42
C THR B 701 -10.30 34.80 -3.15
N TYR B 702 -11.17 35.38 -3.99
CA TYR B 702 -12.11 34.56 -4.75
C TYR B 702 -11.37 33.61 -5.70
N ILE B 703 -10.40 34.13 -6.46
CA ILE B 703 -9.65 33.25 -7.36
C ILE B 703 -8.83 32.24 -6.58
N ILE B 704 -8.22 32.65 -5.46
CA ILE B 704 -7.43 31.71 -4.67
C ILE B 704 -8.30 30.56 -4.18
N LEU B 705 -9.47 30.88 -3.63
CA LEU B 705 -10.38 29.84 -3.16
C LEU B 705 -10.89 28.98 -4.30
N THR B 706 -11.16 29.58 -5.46
CA THR B 706 -11.62 28.80 -6.61
C THR B 706 -10.58 27.78 -7.03
N PHE B 707 -9.32 28.22 -7.15
CA PHE B 707 -8.25 27.28 -7.49
C PHE B 707 -8.06 26.22 -6.41
N VAL B 708 -8.13 26.62 -5.14
CA VAL B 708 -7.98 25.65 -4.06
C VAL B 708 -9.06 24.57 -4.15
N LEU B 709 -10.31 25.00 -4.36
CA LEU B 709 -11.41 24.05 -4.42
C LEU B 709 -11.30 23.13 -5.64
N LEU B 710 -11.00 23.71 -6.81
CA LEU B 710 -10.88 22.90 -8.02
C LEU B 710 -9.75 21.90 -7.91
N LEU B 711 -8.60 22.32 -7.37
CA LEU B 711 -7.48 21.40 -7.25
C LEU B 711 -7.73 20.36 -6.17
N ASN B 712 -8.43 20.72 -5.10
CA ASN B 712 -8.81 19.69 -4.12
C ASN B 712 -9.68 18.63 -4.77
N MET B 713 -10.63 19.05 -5.61
CA MET B 713 -11.39 18.10 -6.40
C MET B 713 -10.50 17.27 -7.32
N LEU B 714 -9.47 17.90 -7.90
CA LEU B 714 -8.58 17.19 -8.81
C LEU B 714 -7.83 16.06 -8.10
N ILE B 715 -7.18 16.38 -6.98
CA ILE B 715 -6.53 15.34 -6.18
C ILE B 715 -7.55 14.33 -5.67
N ALA B 716 -8.77 14.75 -5.33
CA ALA B 716 -9.78 13.78 -4.93
C ALA B 716 -10.02 12.74 -6.04
N LEU B 717 -10.25 13.21 -7.26
CA LEU B 717 -10.44 12.29 -8.38
C LEU B 717 -9.22 11.42 -8.63
N MET B 718 -8.03 12.01 -8.58
CA MET B 718 -6.83 11.26 -8.93
C MET B 718 -6.53 10.19 -7.89
N GLY B 719 -6.68 10.52 -6.60
CA GLY B 719 -6.53 9.52 -5.56
C GLY B 719 -7.61 8.45 -5.62
N GLU B 720 -8.83 8.81 -5.99
CA GLU B 720 -9.89 7.81 -6.11
C GLU B 720 -9.65 6.87 -7.29
N THR B 721 -9.06 7.36 -8.39
CA THR B 721 -8.89 6.55 -9.58
C THR B 721 -7.53 5.88 -9.71
N VAL B 722 -6.52 6.29 -8.91
CA VAL B 722 -5.20 5.68 -9.03
C VAL B 722 -5.22 4.24 -8.54
N GLY B 723 -5.98 3.95 -7.49
CA GLY B 723 -6.02 2.60 -6.94
C GLY B 723 -6.67 1.57 -7.85
N GLN B 724 -7.63 2.00 -8.68
CA GLN B 724 -8.30 1.08 -9.57
C GLN B 724 -9.38 0.27 -8.87
N VAL B 725 -8.97 -0.67 -8.03
CA VAL B 725 -9.88 -1.49 -7.24
C VAL B 725 -9.49 -1.34 -5.78
N SER B 726 -10.40 -0.78 -4.98
CA SER B 726 -10.18 -0.59 -3.55
C SER B 726 -10.94 -1.64 -2.76
N LYS B 727 -10.58 -1.77 -1.48
CA LYS B 727 -11.23 -2.75 -0.61
C LYS B 727 -12.70 -2.39 -0.40
N GLU B 728 -12.96 -1.14 -0.03
CA GLU B 728 -14.34 -0.69 0.13
C GLU B 728 -15.04 -0.53 -1.21
N SER B 729 -14.30 -0.19 -2.27
CA SER B 729 -14.89 -0.03 -3.58
C SER B 729 -15.32 -1.37 -4.17
N LYS B 730 -16.28 -1.29 -5.09
CA LYS B 730 -16.89 -2.36 -5.88
C LYS B 730 -17.80 -3.23 -5.02
N HIS B 731 -17.68 -3.10 -3.69
CA HIS B 731 -18.72 -3.61 -2.81
C HIS B 731 -19.98 -2.76 -2.98
N ILE B 732 -19.80 -1.45 -3.10
CA ILE B 732 -20.89 -0.57 -3.48
C ILE B 732 -21.51 -1.04 -4.80
N TRP B 733 -20.67 -1.30 -5.81
CA TRP B 733 -21.18 -1.69 -7.12
C TRP B 733 -21.99 -2.98 -7.05
N LYS B 734 -21.49 -3.99 -6.34
CA LYS B 734 -22.27 -5.20 -6.15
C LYS B 734 -23.59 -4.89 -5.47
N LEU B 735 -23.58 -3.93 -4.53
CA LEU B 735 -24.82 -3.56 -3.84
C LEU B 735 -25.84 -2.97 -4.82
N GLN B 736 -25.43 -2.02 -5.67
CA GLN B 736 -26.42 -1.47 -6.60
C GLN B 736 -26.83 -2.50 -7.65
N TRP B 737 -25.92 -3.39 -8.04
CA TRP B 737 -26.29 -4.41 -9.02
C TRP B 737 -27.39 -5.31 -8.45
N ALA B 738 -27.22 -5.76 -7.20
CA ALA B 738 -28.26 -6.55 -6.55
C ALA B 738 -29.55 -5.74 -6.39
N THR B 739 -29.43 -4.46 -6.02
CA THR B 739 -30.61 -3.63 -5.84
C THR B 739 -31.40 -3.49 -7.14
N THR B 740 -30.69 -3.26 -8.25
CA THR B 740 -31.36 -3.15 -9.55
C THR B 740 -32.00 -4.47 -9.95
N ILE B 741 -31.31 -5.59 -9.71
CA ILE B 741 -31.88 -6.89 -10.04
C ILE B 741 -33.19 -7.11 -9.28
N LEU B 742 -33.20 -6.79 -7.98
CA LEU B 742 -34.41 -6.98 -7.19
C LEU B 742 -35.50 -5.99 -7.55
N ASP B 743 -35.13 -4.75 -7.88
CA ASP B 743 -36.14 -3.76 -8.27
C ASP B 743 -36.82 -4.16 -9.58
N ILE B 744 -36.05 -4.73 -10.51
CA ILE B 744 -36.66 -5.24 -11.73
C ILE B 744 -37.64 -6.36 -11.42
N GLU B 745 -37.25 -7.27 -10.52
CA GLU B 745 -38.12 -8.40 -10.19
C GLU B 745 -39.41 -7.93 -9.52
N ARG B 746 -39.32 -6.94 -8.63
CA ARG B 746 -40.50 -6.45 -7.93
C ARG B 746 -41.50 -5.78 -8.87
N SER B 747 -41.05 -5.35 -10.05
CA SER B 747 -41.95 -4.72 -11.00
C SER B 747 -42.72 -5.72 -11.86
N PHE B 748 -42.44 -7.02 -11.71
CA PHE B 748 -43.10 -8.05 -12.49
C PHE B 748 -44.28 -8.64 -11.74
N PRO B 749 -45.29 -9.13 -12.44
CA PRO B 749 -46.42 -9.79 -11.78
C PRO B 749 -45.99 -11.10 -11.14
N VAL B 750 -46.91 -11.65 -10.34
CA VAL B 750 -46.62 -12.88 -9.60
C VAL B 750 -46.40 -14.04 -10.56
N PHE B 751 -47.27 -14.19 -11.56
CA PHE B 751 -47.14 -15.31 -12.49
C PHE B 751 -45.90 -15.15 -13.36
N LEU B 752 -45.56 -13.91 -13.74
CA LEU B 752 -44.34 -13.68 -14.50
C LEU B 752 -43.10 -14.05 -13.70
N ARG B 753 -43.09 -13.71 -12.41
CA ARG B 753 -41.99 -14.13 -11.54
C ARG B 753 -41.94 -15.64 -11.40
N LYS B 754 -43.11 -16.29 -11.34
CA LYS B 754 -43.15 -17.74 -11.30
C LYS B 754 -42.54 -18.35 -12.55
N ALA B 755 -42.82 -17.75 -13.71
CA ALA B 755 -42.21 -18.21 -14.95
C ALA B 755 -40.69 -18.04 -14.92
N PHE B 756 -40.22 -16.91 -14.37
CA PHE B 756 -38.80 -16.62 -14.26
C PHE B 756 -38.22 -17.03 -12.92
N ARG B 757 -38.88 -17.95 -12.21
CA ARG B 757 -38.37 -18.42 -10.93
C ARG B 757 -37.04 -19.12 -11.11
N SER B 758 -35.99 -18.54 -10.52
CA SER B 758 -34.65 -19.10 -10.64
C SER B 758 -34.57 -20.46 -9.96
N GLY B 759 -33.71 -21.32 -10.51
CA GLY B 759 -33.56 -22.67 -10.01
C GLY B 759 -34.46 -23.66 -10.73
N GLU B 760 -34.24 -24.93 -10.44
CA GLU B 760 -34.99 -26.02 -11.03
C GLU B 760 -35.67 -26.83 -9.95
N MET B 761 -36.87 -27.32 -10.25
CA MET B 761 -37.59 -28.17 -9.31
C MET B 761 -36.90 -29.52 -9.18
N VAL B 762 -36.79 -30.02 -7.96
CA VAL B 762 -36.13 -31.30 -7.71
C VAL B 762 -36.65 -31.86 -6.39
N THR B 763 -36.72 -33.19 -6.32
CA THR B 763 -37.12 -33.87 -5.08
C THR B 763 -35.84 -34.22 -4.33
N VAL B 764 -35.57 -33.46 -3.26
CA VAL B 764 -34.30 -33.61 -2.56
C VAL B 764 -34.23 -34.95 -1.83
N GLY B 765 -35.35 -35.41 -1.28
CA GLY B 765 -35.33 -36.65 -0.53
C GLY B 765 -36.71 -36.98 -0.01
N LYS B 766 -36.76 -38.04 0.79
CA LYS B 766 -38.00 -38.55 1.35
C LYS B 766 -38.27 -37.94 2.72
N SER B 767 -39.52 -38.07 3.16
CA SER B 767 -39.97 -37.55 4.44
C SER B 767 -40.96 -38.54 5.04
N SER B 768 -41.67 -38.11 6.07
CA SER B 768 -42.66 -38.97 6.72
C SER B 768 -43.76 -39.35 5.74
N ASP B 769 -44.23 -40.59 5.86
CA ASP B 769 -45.28 -41.14 5.00
C ASP B 769 -44.83 -41.19 3.53
N GLY B 770 -43.53 -41.18 3.30
CA GLY B 770 -42.99 -41.26 1.96
C GLY B 770 -43.31 -40.08 1.06
N THR B 771 -43.75 -38.96 1.62
CA THR B 771 -44.09 -37.80 0.82
C THR B 771 -42.83 -37.17 0.25
N PRO B 772 -42.73 -36.95 -1.06
CA PRO B 772 -41.54 -36.30 -1.61
C PRO B 772 -41.41 -34.87 -1.12
N ASP B 773 -40.17 -34.44 -0.95
CA ASP B 773 -39.85 -33.09 -0.48
C ASP B 773 -39.73 -32.19 -1.69
N ARG B 774 -40.76 -31.37 -1.93
CA ARG B 774 -40.80 -30.47 -3.08
C ARG B 774 -40.24 -29.13 -2.67
N ARG B 775 -38.97 -28.90 -2.99
CA ARG B 775 -38.30 -27.64 -2.72
C ARG B 775 -37.61 -27.14 -3.98
N TRP B 776 -37.81 -25.87 -4.29
CA TRP B 776 -37.04 -25.25 -5.36
C TRP B 776 -35.58 -25.13 -4.92
N CYS B 777 -34.67 -25.50 -5.82
CA CYS B 777 -33.26 -25.61 -5.47
C CYS B 777 -32.41 -24.96 -6.55
N PHE B 778 -31.18 -24.62 -6.16
CA PHE B 778 -30.24 -23.92 -7.03
C PHE B 778 -28.93 -24.71 -7.04
N ARG B 779 -28.56 -25.22 -8.21
CA ARG B 779 -27.31 -25.96 -8.34
C ARG B 779 -26.13 -25.00 -8.47
N VAL B 780 -25.08 -25.26 -7.70
CA VAL B 780 -23.83 -24.50 -7.76
C VAL B 780 -22.71 -25.54 -7.85
N ASP B 781 -22.25 -25.81 -9.06
CA ASP B 781 -21.19 -26.79 -9.27
C ASP B 781 -19.83 -26.21 -8.91
N GLU B 782 -18.95 -27.08 -8.43
CA GLU B 782 -17.62 -26.68 -7.99
C GLU B 782 -16.62 -27.74 -8.43
N VAL B 783 -15.35 -27.35 -8.54
CA VAL B 783 -14.26 -28.25 -8.87
C VAL B 783 -13.21 -28.16 -7.78
N ASN B 784 -12.68 -29.31 -7.36
CA ASN B 784 -11.71 -29.34 -6.26
C ASN B 784 -10.87 -30.60 -6.39
N TRP B 785 -9.59 -30.44 -6.69
CA TRP B 785 -8.65 -31.55 -6.73
C TRP B 785 -7.99 -31.80 -5.38
N SER B 786 -8.78 -31.91 -4.32
CA SER B 786 -8.15 -31.99 -3.01
C SER B 786 -8.51 -33.24 -2.22
N HIS B 787 -9.77 -33.65 -2.21
CA HIS B 787 -10.23 -34.78 -1.41
C HIS B 787 -10.95 -35.78 -2.31
N TRP B 788 -10.71 -37.06 -2.07
CA TRP B 788 -11.27 -38.12 -2.90
C TRP B 788 -12.33 -38.93 -2.15
N VAL C 148 -41.65 -61.60 -23.34
CA VAL C 148 -41.81 -61.56 -21.89
C VAL C 148 -41.07 -60.36 -21.31
N PHE C 149 -39.85 -60.14 -21.78
CA PHE C 149 -39.00 -59.05 -21.31
C PHE C 149 -38.79 -58.09 -22.47
N ASN C 150 -39.44 -56.92 -22.39
CA ASN C 150 -39.37 -55.92 -23.45
C ASN C 150 -38.22 -54.95 -23.15
N ARG C 151 -38.17 -53.84 -23.90
CA ARG C 151 -37.08 -52.87 -23.73
C ARG C 151 -37.10 -52.19 -22.36
N PRO C 152 -38.14 -51.44 -21.98
CA PRO C 152 -38.02 -50.64 -20.74
C PRO C 152 -37.98 -51.49 -19.48
N ILE C 153 -38.53 -52.70 -19.51
CA ILE C 153 -38.60 -53.51 -18.30
C ILE C 153 -37.21 -53.89 -17.81
N LEU C 154 -36.35 -54.32 -18.73
CA LEU C 154 -34.99 -54.72 -18.35
C LEU C 154 -34.20 -53.52 -17.83
N PHE C 155 -34.34 -52.37 -18.48
CA PHE C 155 -33.63 -51.17 -18.02
C PHE C 155 -34.11 -50.76 -16.64
N ASP C 156 -35.42 -50.82 -16.38
CA ASP C 156 -35.93 -50.51 -15.06
C ASP C 156 -35.41 -51.50 -14.01
N ILE C 157 -35.36 -52.79 -14.38
CA ILE C 157 -34.90 -53.81 -13.45
C ILE C 157 -33.44 -53.55 -13.07
N VAL C 158 -32.60 -53.28 -14.07
CA VAL C 158 -31.20 -53.01 -13.76
C VAL C 158 -31.04 -51.69 -13.03
N SER C 159 -31.94 -50.73 -13.26
CA SER C 159 -31.91 -49.48 -12.50
C SER C 159 -32.19 -49.74 -11.03
N ARG C 160 -33.12 -50.65 -10.73
CA ARG C 160 -33.35 -51.03 -9.34
C ARG C 160 -32.13 -51.69 -8.71
N GLY C 161 -31.28 -52.33 -9.51
CA GLY C 161 -30.08 -52.96 -8.99
C GLY C 161 -30.35 -54.19 -8.15
N SER C 162 -30.95 -55.21 -8.75
CA SER C 162 -31.24 -56.45 -8.05
C SER C 162 -31.02 -57.61 -9.01
N THR C 163 -30.20 -58.57 -8.60
CA THR C 163 -29.88 -59.73 -9.43
C THR C 163 -30.83 -60.90 -9.15
N ALA C 164 -32.12 -60.63 -9.19
CA ALA C 164 -33.11 -61.67 -8.96
C ALA C 164 -34.14 -61.77 -10.08
N ASP C 165 -34.63 -60.65 -10.59
CA ASP C 165 -35.63 -60.69 -11.66
C ASP C 165 -35.01 -61.00 -13.02
N LEU C 166 -33.71 -60.77 -13.17
CA LEU C 166 -33.06 -61.03 -14.45
C LEU C 166 -32.92 -62.52 -14.74
N ASP C 167 -33.17 -63.38 -13.76
CA ASP C 167 -33.10 -64.82 -14.01
C ASP C 167 -34.16 -65.24 -15.00
N GLY C 168 -33.78 -66.14 -15.90
CA GLY C 168 -34.67 -66.59 -16.96
C GLY C 168 -34.50 -65.83 -18.27
N LEU C 169 -33.72 -64.75 -18.28
CA LEU C 169 -33.47 -64.03 -19.52
C LEU C 169 -32.71 -64.90 -20.52
N LEU C 170 -31.75 -65.67 -20.03
CA LEU C 170 -30.91 -66.46 -20.93
C LEU C 170 -31.69 -67.49 -21.73
N PRO C 171 -32.54 -68.34 -21.13
CA PRO C 171 -33.29 -69.31 -21.97
C PRO C 171 -34.26 -68.64 -22.93
N PHE C 172 -34.94 -67.58 -22.48
CA PHE C 172 -35.88 -66.89 -23.36
C PHE C 172 -35.16 -66.27 -24.55
N LEU C 173 -33.99 -65.67 -24.32
CA LEU C 173 -33.27 -65.03 -25.40
C LEU C 173 -32.61 -66.04 -26.34
N LEU C 174 -32.09 -67.15 -25.79
CA LEU C 174 -31.46 -68.16 -26.65
C LEU C 174 -32.48 -68.94 -27.45
N THR C 175 -33.64 -69.23 -26.88
CA THR C 175 -34.65 -69.97 -27.62
C THR C 175 -35.32 -69.12 -28.70
N HIS C 176 -35.28 -67.80 -28.55
CA HIS C 176 -35.88 -66.90 -29.52
C HIS C 176 -34.94 -66.52 -30.65
N LYS C 177 -33.69 -67.01 -30.63
CA LYS C 177 -32.68 -66.70 -31.64
C LYS C 177 -32.46 -65.18 -31.73
N LYS C 178 -32.02 -64.61 -30.62
CA LYS C 178 -31.77 -63.18 -30.51
C LYS C 178 -30.34 -62.95 -30.02
N ARG C 179 -29.91 -61.69 -30.11
CA ARG C 179 -28.60 -61.27 -29.63
C ARG C 179 -28.74 -59.90 -28.99
N LEU C 180 -27.82 -59.59 -28.08
CA LEU C 180 -27.87 -58.29 -27.40
C LEU C 180 -27.61 -57.15 -28.35
N THR C 181 -27.06 -57.43 -29.53
CA THR C 181 -26.84 -56.42 -30.57
C THR C 181 -28.10 -56.09 -31.35
N ASP C 182 -29.27 -56.59 -30.95
CA ASP C 182 -30.49 -56.33 -31.69
C ASP C 182 -30.83 -54.85 -31.66
N GLU C 183 -31.21 -54.31 -32.82
CA GLU C 183 -31.54 -52.90 -32.94
C GLU C 183 -32.81 -52.56 -32.16
N GLU C 184 -33.82 -53.44 -32.20
CA GLU C 184 -35.14 -53.14 -31.67
C GLU C 184 -35.25 -53.39 -30.16
N PHE C 185 -34.12 -53.50 -29.45
CA PHE C 185 -34.14 -53.63 -28.01
C PHE C 185 -33.52 -52.44 -27.28
N ARG C 186 -32.58 -51.74 -27.92
CA ARG C 186 -31.98 -50.56 -27.32
C ARG C 186 -32.76 -49.30 -27.72
N GLU C 187 -32.56 -48.25 -26.95
CA GLU C 187 -33.24 -46.99 -27.21
C GLU C 187 -32.75 -46.41 -28.52
N PRO C 188 -33.64 -46.06 -29.46
CA PRO C 188 -33.19 -45.53 -30.76
C PRO C 188 -32.50 -44.19 -30.66
N SER C 189 -32.66 -43.45 -29.56
CA SER C 189 -32.05 -42.13 -29.44
C SER C 189 -30.55 -42.24 -29.23
N THR C 190 -30.13 -42.91 -28.16
CA THR C 190 -28.72 -43.00 -27.80
C THR C 190 -28.13 -44.40 -27.99
N GLY C 191 -28.94 -45.44 -27.79
CA GLY C 191 -28.44 -46.80 -27.78
C GLY C 191 -27.90 -47.26 -26.44
N LYS C 192 -28.21 -46.54 -25.36
CA LYS C 192 -27.70 -46.90 -24.04
C LYS C 192 -28.23 -48.26 -23.62
N THR C 193 -27.31 -49.17 -23.30
CA THR C 193 -27.66 -50.56 -23.01
C THR C 193 -27.77 -50.75 -21.49
N CYS C 194 -27.90 -52.02 -21.09
CA CYS C 194 -28.05 -52.33 -19.67
C CYS C 194 -26.78 -51.99 -18.88
N LEU C 195 -25.61 -52.23 -19.46
CA LEU C 195 -24.37 -52.05 -18.73
C LEU C 195 -24.12 -50.59 -18.32
N PRO C 196 -24.23 -49.59 -19.21
CA PRO C 196 -24.12 -48.21 -18.72
C PRO C 196 -25.25 -47.81 -17.79
N LYS C 197 -26.43 -48.41 -17.92
CA LYS C 197 -27.49 -48.18 -16.94
C LYS C 197 -27.05 -48.62 -15.55
N ALA C 198 -26.38 -49.77 -15.45
CA ALA C 198 -25.90 -50.23 -14.15
C ALA C 198 -24.74 -49.38 -13.65
N LEU C 199 -23.81 -49.03 -14.55
CA LEU C 199 -22.62 -48.28 -14.16
C LEU C 199 -22.93 -46.85 -13.75
N LEU C 200 -23.91 -46.21 -14.41
CA LEU C 200 -24.28 -44.85 -14.01
C LEU C 200 -24.87 -44.83 -12.61
N ASN C 201 -25.59 -45.90 -12.24
CA ASN C 201 -26.21 -46.02 -10.93
C ASN C 201 -25.41 -46.89 -9.97
N LEU C 202 -24.07 -46.80 -10.01
CA LEU C 202 -23.24 -47.57 -9.10
C LEU C 202 -23.60 -47.25 -7.65
N SER C 203 -23.75 -48.31 -6.85
CA SER C 203 -24.10 -48.17 -5.44
C SER C 203 -23.15 -49.02 -4.61
N ASN C 204 -22.67 -48.45 -3.51
CA ASN C 204 -21.77 -49.11 -2.59
C ASN C 204 -20.45 -49.50 -3.25
N GLY C 205 -20.23 -49.03 -4.48
CA GLY C 205 -19.03 -49.32 -5.22
C GLY C 205 -19.04 -50.62 -5.99
N ARG C 206 -19.98 -51.52 -5.69
CA ARG C 206 -20.05 -52.82 -6.35
C ARG C 206 -21.50 -53.21 -6.56
N ASN C 207 -21.81 -53.70 -7.76
CA ASN C 207 -23.12 -54.23 -8.08
C ASN C 207 -22.96 -55.65 -8.61
N ASP C 208 -23.73 -56.59 -8.07
CA ASP C 208 -23.64 -57.99 -8.44
C ASP C 208 -24.38 -58.31 -9.74
N THR C 209 -25.10 -57.35 -10.31
CA THR C 209 -25.74 -57.57 -11.60
C THR C 209 -24.71 -57.65 -12.72
N ILE C 210 -23.57 -56.98 -12.57
CA ILE C 210 -22.59 -56.93 -13.65
C ILE C 210 -22.05 -58.31 -14.00
N PRO C 211 -21.58 -59.14 -13.05
CA PRO C 211 -21.05 -60.46 -13.45
C PRO C 211 -22.10 -61.34 -14.13
N VAL C 212 -23.33 -61.35 -13.63
CA VAL C 212 -24.34 -62.24 -14.21
C VAL C 212 -24.76 -61.75 -15.59
N LEU C 213 -24.87 -60.42 -15.78
CA LEU C 213 -25.21 -59.92 -17.11
C LEU C 213 -24.09 -60.20 -18.09
N LEU C 214 -22.83 -60.07 -17.66
CA LEU C 214 -21.72 -60.40 -18.54
C LEU C 214 -21.70 -61.89 -18.87
N ASP C 215 -22.03 -62.74 -17.90
CA ASP C 215 -22.12 -64.18 -18.16
C ASP C 215 -23.20 -64.49 -19.18
N ILE C 216 -24.36 -63.85 -19.06
CA ILE C 216 -25.42 -64.05 -20.05
C ILE C 216 -24.95 -63.57 -21.42
N ALA C 217 -24.28 -62.43 -21.47
CA ALA C 217 -23.80 -61.90 -22.74
C ALA C 217 -22.81 -62.84 -23.41
N GLU C 218 -21.86 -63.38 -22.64
CA GLU C 218 -20.90 -64.31 -23.23
C GLU C 218 -21.54 -65.65 -23.57
N ARG C 219 -22.60 -66.04 -22.87
CA ARG C 219 -23.39 -67.20 -23.30
C ARG C 219 -24.02 -66.95 -24.66
N THR C 220 -24.53 -65.74 -24.88
CA THR C 220 -25.07 -65.39 -26.19
C THR C 220 -23.99 -65.36 -27.27
N GLY C 221 -22.73 -65.18 -26.88
CA GLY C 221 -21.63 -65.22 -27.83
C GLY C 221 -21.43 -63.94 -28.62
N ASN C 222 -21.42 -62.80 -27.92
CA ASN C 222 -21.19 -61.51 -28.56
C ASN C 222 -20.27 -60.63 -27.72
N MET C 223 -19.25 -61.23 -27.09
CA MET C 223 -18.41 -60.49 -26.18
C MET C 223 -17.66 -59.36 -26.88
N ARG C 224 -17.14 -59.63 -28.09
CA ARG C 224 -16.36 -58.63 -28.80
C ARG C 224 -17.15 -57.36 -29.06
N GLU C 225 -18.48 -57.47 -29.20
CA GLU C 225 -19.31 -56.32 -29.51
C GLU C 225 -20.23 -55.91 -28.36
N PHE C 226 -20.36 -56.73 -27.32
CA PHE C 226 -21.29 -56.43 -26.24
C PHE C 226 -20.91 -55.13 -25.53
N ILE C 227 -19.70 -55.09 -24.98
CA ILE C 227 -19.22 -53.87 -24.28
C ILE C 227 -18.54 -53.03 -25.35
N ASN C 228 -19.36 -52.33 -26.13
CA ASN C 228 -18.91 -51.41 -27.17
C ASN C 228 -20.10 -50.55 -27.54
N SER C 229 -19.99 -49.23 -27.32
CA SER C 229 -21.13 -48.33 -27.43
C SER C 229 -20.83 -47.19 -28.38
N PRO C 230 -20.89 -47.43 -29.69
CA PRO C 230 -20.78 -46.32 -30.65
C PRO C 230 -22.09 -45.55 -30.76
N PHE C 231 -22.34 -44.70 -29.77
CA PHE C 231 -23.56 -43.91 -29.73
C PHE C 231 -23.65 -43.00 -30.95
N ARG C 232 -24.87 -42.87 -31.49
CA ARG C 232 -25.15 -41.85 -32.49
C ARG C 232 -25.75 -40.59 -31.87
N ASP C 233 -25.90 -40.55 -30.54
CA ASP C 233 -26.22 -39.31 -29.85
C ASP C 233 -25.02 -38.38 -29.92
N ILE C 234 -25.25 -37.15 -30.37
CA ILE C 234 -24.17 -36.21 -30.67
C ILE C 234 -23.44 -35.80 -29.39
N TYR C 235 -24.01 -36.10 -28.23
CA TYR C 235 -23.42 -35.75 -26.95
C TYR C 235 -22.33 -36.72 -26.52
N TYR C 236 -22.51 -38.02 -26.73
CA TYR C 236 -21.63 -39.07 -26.22
C TYR C 236 -21.21 -40.01 -27.36
N ARG C 237 -20.74 -39.43 -28.47
CA ARG C 237 -20.41 -40.18 -29.67
C ARG C 237 -19.19 -41.06 -29.42
N GLY C 238 -19.41 -42.14 -28.68
CA GLY C 238 -18.35 -43.13 -28.46
C GLY C 238 -18.14 -43.54 -27.03
N GLN C 239 -18.89 -42.94 -26.09
CA GLN C 239 -18.72 -43.27 -24.69
C GLN C 239 -19.20 -44.69 -24.41
N THR C 240 -18.44 -45.43 -23.60
CA THR C 240 -18.72 -46.83 -23.31
C THR C 240 -18.80 -47.04 -21.80
N ALA C 241 -18.89 -48.31 -21.40
CA ALA C 241 -19.03 -48.64 -19.99
C ALA C 241 -17.74 -48.46 -19.21
N LEU C 242 -16.60 -48.85 -19.79
CA LEU C 242 -15.32 -48.65 -19.11
C LEU C 242 -15.05 -47.16 -18.91
N HIS C 243 -15.55 -46.34 -19.83
CA HIS C 243 -15.48 -44.88 -19.65
C HIS C 243 -16.10 -44.48 -18.32
N ILE C 244 -17.27 -45.02 -18.00
CA ILE C 244 -17.89 -44.77 -16.71
C ILE C 244 -17.09 -45.43 -15.59
N ALA C 245 -16.52 -46.61 -15.86
CA ALA C 245 -15.83 -47.36 -14.82
C ALA C 245 -14.65 -46.57 -14.26
N ILE C 246 -13.80 -46.02 -15.14
CA ILE C 246 -12.78 -45.09 -14.66
C ILE C 246 -13.42 -43.78 -14.23
N GLU C 247 -14.50 -43.37 -14.89
CA GLU C 247 -15.20 -42.14 -14.58
C GLU C 247 -16.04 -42.25 -13.31
N ARG C 248 -15.82 -43.30 -12.52
CA ARG C 248 -16.42 -43.42 -11.19
C ARG C 248 -15.41 -43.89 -10.15
N ARG C 249 -14.15 -44.10 -10.54
CA ARG C 249 -13.06 -44.46 -9.62
C ARG C 249 -13.33 -45.80 -8.92
N CYS C 250 -13.51 -46.85 -9.72
CA CYS C 250 -13.69 -48.21 -9.22
C CYS C 250 -12.70 -49.12 -9.93
N LYS C 251 -11.60 -49.45 -9.24
CA LYS C 251 -10.53 -50.23 -9.87
C LYS C 251 -10.99 -51.61 -10.27
N HIS C 252 -11.82 -52.24 -9.43
CA HIS C 252 -12.17 -53.65 -9.63
C HIS C 252 -12.89 -53.86 -10.95
N TYR C 253 -13.91 -53.05 -11.24
CA TYR C 253 -14.64 -53.23 -12.49
C TYR C 253 -13.82 -52.80 -13.70
N VAL C 254 -12.94 -51.81 -13.54
CA VAL C 254 -12.04 -51.43 -14.63
C VAL C 254 -11.17 -52.62 -15.02
N GLU C 255 -10.61 -53.31 -14.02
CA GLU C 255 -9.80 -54.49 -14.31
C GLU C 255 -10.65 -55.62 -14.87
N LEU C 256 -11.86 -55.80 -14.34
CA LEU C 256 -12.69 -56.93 -14.75
C LEU C 256 -13.15 -56.81 -16.20
N LEU C 257 -13.57 -55.61 -16.61
CA LEU C 257 -14.11 -55.45 -17.96
C LEU C 257 -13.07 -55.75 -19.02
N VAL C 258 -11.85 -55.24 -18.85
CA VAL C 258 -10.80 -55.42 -19.85
C VAL C 258 -9.94 -56.65 -19.58
N ALA C 259 -10.20 -57.38 -18.50
CA ALA C 259 -9.52 -58.65 -18.28
C ALA C 259 -9.86 -59.64 -19.40
N GLN C 260 -11.13 -59.67 -19.81
CA GLN C 260 -11.55 -60.43 -20.97
C GLN C 260 -11.62 -59.57 -22.23
N GLY C 261 -11.12 -58.33 -22.16
CA GLY C 261 -11.00 -57.49 -23.34
C GLY C 261 -12.29 -56.86 -23.83
N ALA C 262 -12.87 -55.97 -23.02
CA ALA C 262 -14.06 -55.25 -23.45
C ALA C 262 -13.70 -54.15 -24.45
N ASP C 263 -12.95 -53.15 -23.99
CA ASP C 263 -12.47 -52.05 -24.82
C ASP C 263 -11.49 -51.22 -24.01
N VAL C 264 -10.43 -50.75 -24.66
CA VAL C 264 -9.50 -49.82 -24.06
C VAL C 264 -9.29 -48.57 -24.89
N HIS C 265 -9.63 -48.60 -26.17
CA HIS C 265 -9.53 -47.45 -27.07
C HIS C 265 -10.91 -46.86 -27.34
N ALA C 266 -11.76 -46.80 -26.32
CA ALA C 266 -13.13 -46.31 -26.47
C ALA C 266 -13.06 -44.83 -26.81
N GLN C 267 -13.15 -44.52 -28.09
CA GLN C 267 -12.85 -43.18 -28.59
C GLN C 267 -13.93 -42.21 -28.14
N ALA C 268 -13.55 -41.26 -27.27
CA ALA C 268 -14.49 -40.31 -26.70
C ALA C 268 -14.61 -39.10 -27.62
N ARG C 269 -15.22 -39.31 -28.79
CA ARG C 269 -15.61 -38.25 -29.70
C ARG C 269 -16.97 -37.64 -29.35
N GLY C 270 -17.45 -37.85 -28.13
CA GLY C 270 -18.62 -37.13 -27.67
C GLY C 270 -18.34 -35.63 -27.57
N ARG C 271 -19.33 -34.84 -28.01
CA ARG C 271 -19.12 -33.40 -28.04
C ARG C 271 -19.04 -32.81 -26.63
N PHE C 272 -19.55 -33.52 -25.63
CA PHE C 272 -19.44 -33.03 -24.26
C PHE C 272 -18.03 -33.20 -23.72
N PHE C 273 -17.31 -34.22 -24.19
CA PHE C 273 -15.94 -34.48 -23.75
C PHE C 273 -14.93 -33.87 -24.73
N GLN C 274 -15.01 -32.57 -24.86
CA GLN C 274 -14.19 -31.78 -25.79
C GLN C 274 -13.58 -30.61 -25.04
N PRO C 275 -12.69 -29.85 -25.69
CA PRO C 275 -12.23 -28.60 -25.08
C PRO C 275 -13.37 -27.62 -24.88
N LYS C 276 -13.19 -26.71 -23.92
CA LYS C 276 -14.20 -25.70 -23.64
C LYS C 276 -14.45 -24.78 -24.83
N ASP C 277 -13.48 -24.68 -25.75
CA ASP C 277 -13.65 -23.85 -26.94
C ASP C 277 -14.59 -24.48 -27.96
N GLU C 278 -14.52 -25.80 -28.14
CA GLU C 278 -15.29 -26.48 -29.16
C GLU C 278 -16.68 -26.90 -28.69
N GLY C 279 -16.93 -26.90 -27.38
CA GLY C 279 -18.22 -27.32 -26.88
C GLY C 279 -18.15 -28.34 -25.76
N GLY C 280 -16.96 -28.52 -25.19
CA GLY C 280 -16.76 -29.39 -24.06
C GLY C 280 -16.84 -28.62 -22.75
N TYR C 281 -17.04 -29.35 -21.66
CA TYR C 281 -17.23 -28.73 -20.35
C TYR C 281 -16.29 -29.27 -19.29
N PHE C 282 -15.92 -30.54 -19.36
CA PHE C 282 -14.89 -31.12 -18.50
C PHE C 282 -13.93 -31.88 -19.42
N TYR C 283 -12.77 -31.27 -19.70
CA TYR C 283 -11.83 -31.81 -20.67
C TYR C 283 -10.86 -32.74 -19.97
N PHE C 284 -10.82 -33.99 -20.42
CA PHE C 284 -9.91 -35.00 -19.90
C PHE C 284 -9.05 -35.62 -20.99
N GLY C 285 -9.25 -35.22 -22.23
CA GLY C 285 -8.72 -35.91 -23.39
C GLY C 285 -9.83 -36.50 -24.23
N GLU C 286 -9.48 -37.56 -24.96
CA GLU C 286 -10.47 -38.33 -25.71
C GLU C 286 -10.20 -39.83 -25.58
N LEU C 287 -9.53 -40.24 -24.52
CA LEU C 287 -9.20 -41.62 -24.28
C LEU C 287 -9.50 -41.98 -22.84
N PRO C 288 -9.86 -43.24 -22.56
CA PRO C 288 -10.01 -43.65 -21.15
C PRO C 288 -8.74 -43.50 -20.34
N LEU C 289 -7.58 -43.76 -20.95
CA LEU C 289 -6.31 -43.56 -20.26
C LEU C 289 -6.06 -42.09 -19.98
N SER C 290 -6.46 -41.21 -20.91
CA SER C 290 -6.34 -39.78 -20.67
C SER C 290 -7.23 -39.35 -19.51
N LEU C 291 -8.44 -39.89 -19.43
CA LEU C 291 -9.32 -39.61 -18.30
C LEU C 291 -8.69 -40.10 -16.99
N ALA C 292 -8.13 -41.32 -17.00
CA ALA C 292 -7.52 -41.86 -15.80
C ALA C 292 -6.33 -41.02 -15.35
N ALA C 293 -5.56 -40.52 -16.31
CA ALA C 293 -4.42 -39.67 -15.96
C ALA C 293 -4.88 -38.31 -15.44
N CYS C 294 -5.95 -37.76 -16.01
CA CYS C 294 -6.44 -36.46 -15.56
C CYS C 294 -6.99 -36.54 -14.14
N THR C 295 -7.71 -37.62 -13.81
CA THR C 295 -8.37 -37.74 -12.52
C THR C 295 -7.46 -38.29 -11.43
N ASN C 296 -6.15 -38.29 -11.63
CA ASN C 296 -5.17 -38.70 -10.63
C ASN C 296 -5.42 -40.14 -10.18
N GLN C 297 -5.22 -41.06 -11.13
CA GLN C 297 -5.35 -42.49 -10.88
C GLN C 297 -4.11 -43.19 -11.42
N PRO C 298 -2.99 -43.12 -10.67
CA PRO C 298 -1.77 -43.82 -11.14
C PRO C 298 -1.97 -45.32 -11.31
N HIS C 299 -2.73 -45.95 -10.42
CA HIS C 299 -2.94 -47.39 -10.52
C HIS C 299 -3.72 -47.75 -11.77
N ILE C 300 -4.75 -46.97 -12.10
CA ILE C 300 -5.56 -47.26 -13.28
C ILE C 300 -4.72 -47.11 -14.54
N VAL C 301 -3.91 -46.06 -14.63
CA VAL C 301 -3.06 -45.87 -15.79
C VAL C 301 -2.03 -47.00 -15.89
N ASN C 302 -1.42 -47.38 -14.76
CA ASN C 302 -0.46 -48.47 -14.76
C ASN C 302 -1.11 -49.76 -15.25
N TYR C 303 -2.31 -50.05 -14.78
CA TYR C 303 -3.01 -51.24 -15.23
C TYR C 303 -3.32 -51.16 -16.72
N LEU C 304 -3.77 -50.00 -17.20
CA LEU C 304 -4.10 -49.84 -18.61
C LEU C 304 -2.86 -49.92 -19.50
N THR C 305 -1.67 -49.70 -18.94
CA THR C 305 -0.44 -49.80 -19.72
C THR C 305 0.15 -51.20 -19.68
N GLU C 306 0.40 -51.74 -18.48
CA GLU C 306 0.94 -53.08 -18.33
C GLU C 306 -0.13 -54.02 -17.76
N ASN C 307 -0.87 -54.62 -18.68
CA ASN C 307 -1.89 -55.60 -18.35
C ASN C 307 -1.71 -56.87 -19.19
N PRO C 308 -2.19 -58.02 -18.70
CA PRO C 308 -2.01 -59.27 -19.44
C PRO C 308 -2.76 -59.33 -20.76
N HIS C 309 -4.05 -58.98 -20.76
CA HIS C 309 -4.88 -59.25 -21.92
C HIS C 309 -4.64 -58.25 -23.05
N LYS C 310 -4.94 -56.98 -22.81
CA LYS C 310 -4.87 -55.98 -23.87
C LYS C 310 -4.62 -54.61 -23.26
N LYS C 311 -3.67 -53.87 -23.82
CA LYS C 311 -3.28 -52.57 -23.33
C LYS C 311 -3.65 -51.48 -24.32
N ALA C 312 -4.08 -50.33 -23.80
CA ALA C 312 -4.32 -49.16 -24.62
C ALA C 312 -2.97 -48.49 -24.89
N ASP C 313 -2.61 -48.37 -26.16
CA ASP C 313 -1.31 -47.84 -26.52
C ASP C 313 -1.17 -46.39 -26.07
N MET C 314 -0.01 -46.08 -25.47
CA MET C 314 0.25 -44.73 -24.99
C MET C 314 0.32 -43.73 -26.15
N ARG C 315 0.88 -44.17 -27.29
CA ARG C 315 1.11 -43.29 -28.44
C ARG C 315 -0.17 -43.00 -29.20
N ARG C 316 -1.31 -43.44 -28.67
CA ARG C 316 -2.59 -43.26 -29.37
C ARG C 316 -2.90 -41.78 -29.49
N GLN C 317 -3.05 -41.31 -30.72
CA GLN C 317 -3.36 -39.91 -30.99
C GLN C 317 -4.86 -39.74 -31.19
N ASP C 318 -5.42 -38.73 -30.52
CA ASP C 318 -6.85 -38.48 -30.61
C ASP C 318 -7.18 -37.65 -31.85
N SER C 319 -8.41 -37.11 -31.92
CA SER C 319 -8.84 -36.40 -33.11
C SER C 319 -8.00 -35.15 -33.39
N ARG C 320 -7.72 -34.36 -32.35
CA ARG C 320 -6.98 -33.11 -32.50
C ARG C 320 -5.48 -33.28 -32.29
N GLY C 321 -5.01 -34.50 -32.08
CA GLY C 321 -3.62 -34.72 -31.73
C GLY C 321 -3.33 -34.61 -30.26
N ASN C 322 -4.33 -34.31 -29.44
CA ASN C 322 -4.10 -34.12 -28.01
C ASN C 322 -3.78 -35.45 -27.34
N THR C 323 -2.52 -35.63 -26.97
CA THR C 323 -2.08 -36.84 -26.30
C THR C 323 -2.43 -36.78 -24.81
N VAL C 324 -2.03 -37.80 -24.06
CA VAL C 324 -2.30 -37.83 -22.63
C VAL C 324 -1.58 -36.70 -21.92
N LEU C 325 -0.36 -36.35 -22.37
CA LEU C 325 0.32 -35.19 -21.81
C LEU C 325 -0.42 -33.91 -22.16
N HIS C 326 -0.96 -33.83 -23.37
CA HIS C 326 -1.78 -32.69 -23.75
C HIS C 326 -2.99 -32.54 -22.84
N ALA C 327 -3.68 -33.64 -22.57
CA ALA C 327 -4.83 -33.58 -21.67
C ALA C 327 -4.40 -33.18 -20.26
N LEU C 328 -3.29 -33.73 -19.78
CA LEU C 328 -2.81 -33.39 -18.44
C LEU C 328 -2.51 -31.91 -18.32
N VAL C 329 -1.83 -31.35 -19.31
CA VAL C 329 -1.51 -29.92 -19.26
C VAL C 329 -2.77 -29.08 -19.41
N ALA C 330 -3.71 -29.53 -20.25
CA ALA C 330 -4.95 -28.78 -20.43
C ALA C 330 -5.85 -28.80 -19.20
N ILE C 331 -5.71 -29.81 -18.33
CA ILE C 331 -6.50 -29.88 -17.12
C ILE C 331 -5.76 -29.33 -15.90
N ALA C 332 -4.46 -29.08 -16.00
CA ALA C 332 -3.67 -28.62 -14.86
C ALA C 332 -3.81 -27.12 -14.63
N ASP C 333 -4.91 -26.71 -14.01
CA ASP C 333 -5.11 -25.29 -13.76
C ASP C 333 -4.15 -24.77 -12.69
N ASN C 334 -4.08 -23.44 -12.59
CA ASN C 334 -3.07 -22.79 -11.77
C ASN C 334 -3.38 -22.87 -10.28
N THR C 335 -3.29 -24.06 -9.70
CA THR C 335 -3.37 -24.22 -8.25
C THR C 335 -2.37 -25.28 -7.80
N ARG C 336 -1.91 -25.15 -6.55
CA ARG C 336 -0.88 -26.02 -6.02
C ARG C 336 -1.35 -27.46 -5.92
N GLU C 337 -2.57 -27.67 -5.41
CA GLU C 337 -3.07 -29.02 -5.18
C GLU C 337 -3.13 -29.81 -6.48
N ASN C 338 -3.62 -29.18 -7.54
CA ASN C 338 -3.70 -29.86 -8.83
C ASN C 338 -2.32 -30.09 -9.41
N THR C 339 -1.47 -29.05 -9.41
CA THR C 339 -0.20 -29.13 -10.12
C THR C 339 0.76 -30.11 -9.48
N LYS C 340 0.62 -30.37 -8.17
CA LYS C 340 1.49 -31.37 -7.55
C LYS C 340 1.31 -32.76 -8.20
N PHE C 341 0.09 -33.28 -8.23
CA PHE C 341 -0.04 -34.57 -8.87
C PHE C 341 0.03 -34.48 -10.38
N VAL C 342 -0.22 -33.30 -10.98
CA VAL C 342 0.02 -33.18 -12.41
C VAL C 342 1.49 -33.37 -12.74
N THR C 343 2.39 -32.71 -12.01
CA THR C 343 3.81 -32.89 -12.28
C THR C 343 4.25 -34.31 -11.93
N LYS C 344 3.75 -34.86 -10.82
CA LYS C 344 4.09 -36.24 -10.46
C LYS C 344 3.72 -37.21 -11.58
N MET C 345 2.47 -37.13 -12.06
CA MET C 345 2.01 -38.07 -13.07
C MET C 345 2.61 -37.80 -14.44
N TYR C 346 2.89 -36.53 -14.77
CA TYR C 346 3.57 -36.23 -16.02
C TYR C 346 4.96 -36.84 -16.02
N ASP C 347 5.69 -36.70 -14.92
CA ASP C 347 7.01 -37.33 -14.81
C ASP C 347 6.90 -38.84 -14.92
N LEU C 348 5.93 -39.43 -14.22
CA LEU C 348 5.76 -40.87 -14.24
C LEU C 348 5.45 -41.37 -15.66
N LEU C 349 4.54 -40.69 -16.36
CA LEU C 349 4.16 -41.11 -17.70
C LEU C 349 5.28 -40.90 -18.70
N LEU C 350 6.04 -39.81 -18.57
CA LEU C 350 7.17 -39.60 -19.47
C LEU C 350 8.21 -40.69 -19.28
N LEU C 351 8.52 -41.04 -18.03
CA LEU C 351 9.46 -42.13 -17.79
C LEU C 351 8.92 -43.47 -18.28
N LYS C 352 7.62 -43.71 -18.11
CA LYS C 352 7.03 -44.97 -18.56
C LYS C 352 7.09 -45.09 -20.08
N CYS C 353 6.75 -44.01 -20.79
CA CYS C 353 6.79 -44.02 -22.24
C CYS C 353 8.20 -43.92 -22.80
N ALA C 354 9.18 -43.56 -21.98
CA ALA C 354 10.57 -43.67 -22.39
C ALA C 354 11.12 -45.07 -22.20
N ARG C 355 10.82 -45.71 -21.07
CA ARG C 355 11.24 -47.09 -20.84
C ARG C 355 10.60 -48.02 -21.86
N LEU C 356 9.28 -48.14 -21.84
CA LEU C 356 8.59 -48.89 -22.87
C LEU C 356 8.72 -48.16 -24.21
N PHE C 357 8.94 -48.94 -25.27
CA PHE C 357 9.25 -48.40 -26.59
C PHE C 357 10.42 -47.43 -26.48
N PRO C 358 11.64 -47.91 -26.25
CA PRO C 358 12.78 -47.00 -26.10
C PRO C 358 13.18 -46.36 -27.41
N ASP C 359 12.41 -45.35 -27.82
CA ASP C 359 12.60 -44.67 -29.10
C ASP C 359 12.15 -43.22 -28.91
N SER C 360 11.91 -42.52 -30.02
CA SER C 360 11.55 -41.11 -29.97
C SER C 360 10.39 -40.86 -29.01
N ASN C 361 10.51 -39.82 -28.21
CA ASN C 361 9.59 -39.56 -27.11
C ASN C 361 8.23 -39.10 -27.61
N LEU C 362 7.24 -39.18 -26.72
CA LEU C 362 5.89 -38.73 -27.04
C LEU C 362 5.78 -37.21 -27.00
N GLU C 363 6.53 -36.55 -26.11
CA GLU C 363 6.40 -35.10 -25.94
C GLU C 363 6.75 -34.35 -27.21
N ALA C 364 7.87 -34.71 -27.85
CA ALA C 364 8.30 -34.04 -29.06
C ALA C 364 7.41 -34.33 -30.26
N VAL C 365 6.50 -35.30 -30.15
CA VAL C 365 5.57 -35.59 -31.24
C VAL C 365 4.51 -34.50 -31.26
N LEU C 366 4.61 -33.61 -32.24
CA LEU C 366 3.66 -32.51 -32.36
C LEU C 366 2.27 -33.04 -32.67
N ASN C 367 1.26 -32.37 -32.12
CA ASN C 367 -0.12 -32.72 -32.39
C ASN C 367 -0.54 -32.20 -33.77
N ASN C 368 -1.82 -32.35 -34.08
CA ASN C 368 -2.33 -31.97 -35.39
C ASN C 368 -2.21 -30.47 -35.67
N ASP C 369 -2.27 -29.63 -34.63
CA ASP C 369 -2.11 -28.19 -34.82
C ASP C 369 -0.76 -27.67 -34.33
N GLY C 370 0.23 -28.56 -34.15
CA GLY C 370 1.60 -28.18 -33.88
C GLY C 370 1.96 -28.00 -32.42
N LEU C 371 1.01 -27.61 -31.57
CA LEU C 371 1.31 -27.28 -30.19
C LEU C 371 1.59 -28.52 -29.34
N SER C 372 2.86 -28.73 -28.99
CA SER C 372 3.21 -29.75 -28.02
C SER C 372 2.81 -29.27 -26.63
N PRO C 373 2.91 -30.11 -25.60
CA PRO C 373 2.58 -29.63 -24.25
C PRO C 373 3.36 -28.41 -23.81
N LEU C 374 4.60 -28.23 -24.26
CA LEU C 374 5.37 -27.05 -23.86
C LEU C 374 4.74 -25.77 -24.40
N MET C 375 4.50 -25.70 -25.72
CA MET C 375 3.93 -24.49 -26.28
C MET C 375 2.52 -24.25 -25.79
N MET C 376 1.73 -25.31 -25.63
CA MET C 376 0.38 -25.13 -25.09
C MET C 376 0.42 -24.62 -23.66
N ALA C 377 1.33 -25.14 -22.83
CA ALA C 377 1.43 -24.66 -21.46
C ALA C 377 1.84 -23.19 -21.43
N ALA C 378 2.75 -22.80 -22.32
CA ALA C 378 3.12 -21.39 -22.41
C ALA C 378 1.93 -20.54 -22.84
N LYS C 379 1.14 -21.06 -23.79
CA LYS C 379 0.03 -20.28 -24.35
C LYS C 379 -1.11 -20.11 -23.35
N THR C 380 -1.52 -21.20 -22.70
CA THR C 380 -2.74 -21.23 -21.91
C THR C 380 -2.51 -20.80 -20.46
N GLY C 381 -1.25 -20.64 -20.07
CA GLY C 381 -0.95 -20.12 -18.74
C GLY C 381 -1.06 -21.10 -17.58
N LYS C 382 -0.46 -22.28 -17.71
CA LYS C 382 -0.29 -23.19 -16.57
C LYS C 382 1.15 -23.10 -16.09
N ILE C 383 1.36 -22.39 -14.99
CA ILE C 383 2.73 -22.11 -14.54
C ILE C 383 3.41 -23.35 -14.00
N GLY C 384 2.68 -24.22 -13.30
CA GLY C 384 3.32 -25.34 -12.63
C GLY C 384 3.93 -26.35 -13.59
N ILE C 385 3.12 -26.81 -14.55
CA ILE C 385 3.60 -27.83 -15.49
C ILE C 385 4.69 -27.26 -16.38
N PHE C 386 4.60 -25.98 -16.75
CA PHE C 386 5.62 -25.35 -17.58
C PHE C 386 6.94 -25.23 -16.82
N GLN C 387 6.86 -24.73 -15.59
CA GLN C 387 8.02 -24.68 -14.71
C GLN C 387 8.67 -26.06 -14.59
N HIS C 388 7.87 -27.09 -14.39
CA HIS C 388 8.42 -28.45 -14.25
C HIS C 388 9.09 -28.90 -15.55
N ILE C 389 8.40 -28.73 -16.68
CA ILE C 389 8.88 -29.33 -17.92
C ILE C 389 10.18 -28.68 -18.37
N ILE C 390 10.34 -27.38 -18.11
CA ILE C 390 11.62 -26.75 -18.46
C ILE C 390 12.75 -27.34 -17.63
N ARG C 391 12.60 -27.38 -16.31
CA ARG C 391 13.68 -27.83 -15.43
C ARG C 391 13.49 -29.31 -15.07
N ARG C 392 13.36 -30.11 -16.13
CA ARG C 392 13.18 -31.55 -15.99
C ARG C 392 14.53 -32.24 -15.91
N GLU C 393 14.72 -33.06 -14.88
CA GLU C 393 15.95 -33.82 -14.71
C GLU C 393 15.66 -35.03 -13.83
N VAL C 394 15.94 -36.22 -14.36
CA VAL C 394 15.69 -37.47 -13.66
C VAL C 394 17.04 -38.09 -13.29
N THR C 395 17.18 -38.49 -12.02
CA THR C 395 18.49 -38.84 -11.48
C THR C 395 19.08 -40.10 -12.10
N ASP C 396 18.27 -41.12 -12.38
CA ASP C 396 18.82 -42.40 -12.80
C ASP C 396 19.49 -42.29 -14.17
N GLU C 397 20.48 -43.17 -14.39
CA GLU C 397 21.33 -43.05 -15.57
C GLU C 397 20.54 -43.29 -16.86
N ASP C 398 19.65 -44.28 -16.86
CA ASP C 398 19.00 -44.69 -18.09
C ASP C 398 18.08 -43.60 -18.63
N THR C 399 17.22 -43.04 -17.77
CA THR C 399 16.26 -42.02 -18.19
C THR C 399 16.88 -40.63 -18.03
N ARG C 400 17.91 -40.37 -18.83
CA ARG C 400 18.62 -39.10 -18.81
C ARG C 400 18.53 -38.33 -20.12
N HIS C 401 18.35 -39.01 -21.25
CA HIS C 401 18.28 -38.34 -22.54
C HIS C 401 17.03 -37.48 -22.70
N LEU C 402 15.98 -37.75 -21.93
CA LEU C 402 14.79 -36.90 -21.97
C LEU C 402 14.99 -35.56 -21.29
N SER C 403 15.78 -35.53 -20.22
CA SER C 403 15.89 -34.35 -19.38
C SER C 403 16.55 -33.19 -20.11
N ARG C 404 16.45 -32.00 -19.51
CA ARG C 404 16.99 -30.79 -20.10
C ARG C 404 17.89 -29.98 -19.19
N LYS C 405 17.83 -30.18 -17.87
CA LYS C 405 18.61 -29.40 -16.91
C LYS C 405 19.84 -30.23 -16.51
N PHE C 406 20.94 -30.04 -17.22
CA PHE C 406 22.15 -30.81 -16.97
C PHE C 406 22.99 -30.19 -15.85
N LYS C 407 23.99 -30.94 -15.41
CA LYS C 407 24.75 -30.63 -14.21
C LYS C 407 26.24 -30.76 -14.50
N ASP C 408 26.70 -30.09 -15.56
CA ASP C 408 28.07 -30.21 -16.08
C ASP C 408 29.13 -30.27 -14.98
N TRP C 409 29.23 -29.23 -14.16
CA TRP C 409 30.23 -29.23 -13.09
C TRP C 409 29.70 -28.44 -11.90
N ALA C 410 30.31 -28.67 -10.74
CA ALA C 410 29.92 -27.99 -9.52
C ALA C 410 31.08 -28.04 -8.54
N TYR C 411 31.34 -26.91 -7.88
CA TYR C 411 32.38 -26.83 -6.85
C TYR C 411 31.97 -25.80 -5.81
N GLY C 412 31.36 -26.27 -4.72
CA GLY C 412 31.06 -25.43 -3.58
C GLY C 412 30.27 -24.20 -3.95
N PRO C 413 30.92 -23.03 -3.85
CA PRO C 413 30.25 -21.79 -4.26
C PRO C 413 30.23 -21.61 -5.77
N VAL C 414 29.89 -22.67 -6.49
CA VAL C 414 29.51 -22.58 -7.89
C VAL C 414 28.84 -23.91 -8.27
N TYR C 415 27.75 -23.81 -9.02
CA TYR C 415 27.03 -24.99 -9.49
C TYR C 415 26.59 -24.69 -10.93
N SER C 416 27.43 -25.07 -11.88
CA SER C 416 27.09 -24.87 -13.28
C SER C 416 25.93 -25.77 -13.68
N SER C 417 25.17 -25.31 -14.67
CA SER C 417 24.05 -26.07 -15.19
C SER C 417 23.94 -25.80 -16.69
N LEU C 418 23.31 -26.71 -17.39
CA LEU C 418 23.24 -26.66 -18.84
C LEU C 418 21.79 -26.88 -19.26
N TYR C 419 21.10 -25.80 -19.59
CA TYR C 419 19.69 -25.86 -19.97
C TYR C 419 19.57 -26.10 -21.46
N ASP C 420 18.53 -26.85 -21.85
CA ASP C 420 18.29 -27.15 -23.24
C ASP C 420 17.51 -26.01 -23.88
N LEU C 421 17.70 -25.85 -25.19
CA LEU C 421 17.07 -24.79 -25.96
C LEU C 421 16.50 -25.36 -27.26
N SER C 422 16.09 -26.62 -27.25
CA SER C 422 15.62 -27.28 -28.46
C SER C 422 14.33 -26.63 -28.97
N SER C 423 13.44 -26.24 -28.07
CA SER C 423 12.14 -25.70 -28.45
C SER C 423 11.91 -24.26 -28.00
N LEU C 424 12.60 -23.80 -26.95
CA LEU C 424 12.36 -22.45 -26.44
C LEU C 424 12.71 -21.40 -27.48
N ASP C 425 13.84 -21.57 -28.17
CA ASP C 425 14.26 -20.66 -29.22
C ASP C 425 14.72 -21.47 -30.41
N THR C 426 14.09 -21.25 -31.57
CA THR C 426 14.45 -21.92 -32.81
C THR C 426 14.64 -20.86 -33.88
N CYS C 427 15.82 -20.86 -34.51
CA CYS C 427 16.15 -19.88 -35.53
C CYS C 427 15.78 -20.45 -36.89
N GLY C 428 14.60 -20.08 -37.38
CA GLY C 428 14.19 -20.41 -38.73
C GLY C 428 13.47 -21.73 -38.91
N GLU C 429 14.20 -22.85 -38.83
CA GLU C 429 13.66 -24.14 -39.25
C GLU C 429 13.00 -24.90 -38.11
N GLU C 430 12.13 -24.23 -37.36
CA GLU C 430 11.25 -24.84 -36.36
C GLU C 430 10.43 -23.73 -35.73
N ALA C 431 9.28 -24.10 -35.14
CA ALA C 431 8.53 -23.17 -34.33
C ALA C 431 9.20 -23.00 -32.98
N SER C 432 8.86 -21.90 -32.29
CA SER C 432 9.52 -21.54 -31.04
C SER C 432 8.49 -21.29 -29.95
N VAL C 433 8.95 -21.41 -28.70
CA VAL C 433 8.07 -21.22 -27.56
C VAL C 433 7.94 -19.74 -27.21
N LEU C 434 9.06 -19.01 -27.24
CA LEU C 434 9.06 -17.63 -26.79
C LEU C 434 8.20 -16.75 -27.70
N GLU C 435 8.25 -16.97 -29.00
CA GLU C 435 7.42 -16.19 -29.92
C GLU C 435 5.94 -16.38 -29.64
N ILE C 436 5.53 -17.62 -29.41
CA ILE C 436 4.14 -17.89 -29.03
C ILE C 436 3.81 -17.28 -27.69
N LEU C 437 4.74 -17.33 -26.73
CA LEU C 437 4.47 -16.80 -25.40
C LEU C 437 4.26 -15.30 -25.44
N VAL C 438 5.01 -14.59 -26.29
CA VAL C 438 4.92 -13.14 -26.31
C VAL C 438 3.81 -12.66 -27.24
N TYR C 439 3.63 -13.30 -28.39
CA TYR C 439 2.68 -12.82 -29.38
C TYR C 439 1.31 -13.48 -29.25
N ASN C 440 1.23 -14.78 -29.48
CA ASN C 440 -0.03 -15.52 -29.50
C ASN C 440 -0.15 -16.32 -28.20
N SER C 441 -0.63 -15.66 -27.15
CA SER C 441 -0.74 -16.30 -25.85
C SER C 441 -1.80 -15.58 -25.02
N LYS C 442 -2.17 -16.19 -23.90
CA LYS C 442 -3.10 -15.57 -22.98
C LYS C 442 -2.43 -14.37 -22.31
N ILE C 443 -2.97 -13.18 -22.58
CA ILE C 443 -2.35 -11.94 -22.13
C ILE C 443 -2.38 -11.76 -20.63
N GLU C 444 -3.43 -12.23 -19.95
CA GLU C 444 -3.62 -11.92 -18.54
C GLU C 444 -2.51 -12.49 -17.66
N ASN C 445 -1.79 -13.51 -18.13
CA ASN C 445 -0.72 -14.13 -17.34
C ASN C 445 0.57 -14.24 -18.15
N ARG C 446 0.93 -13.18 -18.87
CA ARG C 446 2.10 -13.21 -19.73
C ARG C 446 3.40 -12.94 -18.99
N HIS C 447 3.34 -12.54 -17.71
CA HIS C 447 4.55 -12.24 -16.96
C HIS C 447 4.96 -13.36 -16.02
N GLU C 448 4.00 -14.21 -15.62
CA GLU C 448 4.33 -15.34 -14.76
C GLU C 448 5.33 -16.27 -15.43
N MET C 449 5.19 -16.44 -16.75
CA MET C 449 6.03 -17.39 -17.48
C MET C 449 7.45 -16.88 -17.63
N LEU C 450 7.62 -15.57 -17.79
CA LEU C 450 8.93 -14.97 -18.03
C LEU C 450 9.79 -14.91 -16.78
N ALA C 451 9.37 -15.51 -15.68
CA ALA C 451 10.11 -15.50 -14.43
C ALA C 451 10.74 -16.87 -14.19
N VAL C 452 11.13 -17.54 -15.28
CA VAL C 452 11.78 -18.84 -15.19
C VAL C 452 13.28 -18.63 -15.36
N GLU C 453 14.06 -19.65 -14.99
CA GLU C 453 15.52 -19.51 -15.02
C GLU C 453 16.08 -19.30 -16.43
N PRO C 454 15.75 -20.11 -17.44
CA PRO C 454 16.46 -19.98 -18.72
C PRO C 454 15.99 -18.81 -19.58
N ILE C 455 14.68 -18.55 -19.62
CA ILE C 455 14.15 -17.58 -20.58
C ILE C 455 14.62 -16.17 -20.24
N ASN C 456 14.58 -15.80 -18.96
CA ASN C 456 15.06 -14.48 -18.57
C ASN C 456 16.53 -14.31 -18.90
N GLU C 457 17.36 -15.29 -18.53
CA GLU C 457 18.77 -15.22 -18.87
C GLU C 457 18.99 -15.34 -20.37
N LEU C 458 18.12 -16.06 -21.08
CA LEU C 458 18.21 -16.11 -22.53
C LEU C 458 18.03 -14.73 -23.14
N LEU C 459 17.00 -14.00 -22.70
CA LEU C 459 16.77 -12.65 -23.20
C LEU C 459 17.92 -11.73 -22.83
N ARG C 460 18.44 -11.85 -21.60
CA ARG C 460 19.55 -11.01 -21.19
C ARG C 460 20.79 -11.28 -22.04
N ASP C 461 21.06 -12.55 -22.33
CA ASP C 461 22.21 -12.90 -23.16
C ASP C 461 22.03 -12.39 -24.59
N LYS C 462 20.81 -12.52 -25.13
CA LYS C 462 20.54 -11.96 -26.46
C LYS C 462 20.81 -10.46 -26.48
N TRP C 463 20.33 -9.76 -25.44
CA TRP C 463 20.58 -8.33 -25.35
C TRP C 463 22.07 -8.04 -25.34
N ARG C 464 22.81 -8.64 -24.41
CA ARG C 464 24.23 -8.37 -24.26
C ARG C 464 24.99 -8.68 -25.55
N LYS C 465 24.60 -9.75 -26.25
CA LYS C 465 25.27 -10.09 -27.51
C LYS C 465 25.02 -9.03 -28.57
N PHE C 466 23.76 -8.85 -28.97
CA PHE C 466 23.47 -7.99 -30.12
C PHE C 466 22.32 -7.02 -29.91
N GLY C 467 21.47 -7.22 -28.91
CA GLY C 467 20.25 -6.43 -28.82
C GLY C 467 20.54 -4.97 -28.50
N ALA C 468 21.47 -4.74 -27.56
CA ALA C 468 21.80 -3.37 -27.19
C ALA C 468 22.39 -2.62 -28.38
N VAL C 469 23.34 -3.24 -29.09
CA VAL C 469 23.96 -2.58 -30.24
C VAL C 469 22.94 -2.31 -31.32
N SER C 470 22.10 -3.30 -31.64
CA SER C 470 21.11 -3.13 -32.70
C SER C 470 20.10 -2.04 -32.34
N PHE C 471 19.60 -2.06 -31.10
CA PHE C 471 18.62 -1.06 -30.70
C PHE C 471 19.22 0.34 -30.67
N TYR C 472 20.46 0.47 -30.19
CA TYR C 472 21.09 1.78 -30.13
C TYR C 472 21.46 2.31 -31.51
N ILE C 473 21.79 1.43 -32.45
CA ILE C 473 22.00 1.89 -33.82
C ILE C 473 20.68 2.29 -34.46
N ASN C 474 19.62 1.50 -34.23
CA ASN C 474 18.33 1.78 -34.84
C ASN C 474 17.75 3.10 -34.34
N VAL C 475 17.80 3.34 -33.03
CA VAL C 475 17.22 4.56 -32.48
C VAL C 475 17.97 5.79 -32.98
N VAL C 476 19.30 5.70 -33.00
CA VAL C 476 20.10 6.83 -33.48
C VAL C 476 19.86 7.09 -34.96
N SER C 477 19.80 6.04 -35.77
CA SER C 477 19.55 6.23 -37.20
C SER C 477 18.16 6.81 -37.44
N TYR C 478 17.16 6.33 -36.70
CA TYR C 478 15.81 6.85 -36.85
C TYR C 478 15.72 8.31 -36.44
N LEU C 479 16.35 8.68 -35.31
CA LEU C 479 16.32 10.07 -34.88
C LEU C 479 17.07 10.96 -35.87
N CYS C 480 18.19 10.48 -36.41
CA CYS C 480 18.91 11.25 -37.41
C CYS C 480 18.08 11.46 -38.66
N ALA C 481 17.39 10.41 -39.12
CA ALA C 481 16.53 10.55 -40.29
C ALA C 481 15.40 11.53 -40.03
N MET C 482 14.80 11.47 -38.84
CA MET C 482 13.72 12.40 -38.50
C MET C 482 14.23 13.83 -38.45
N VAL C 483 15.41 14.04 -37.86
CA VAL C 483 15.97 15.39 -37.78
C VAL C 483 16.29 15.93 -39.17
N ILE C 484 16.86 15.08 -40.03
CA ILE C 484 17.14 15.49 -41.40
C ILE C 484 15.85 15.83 -42.12
N PHE C 485 14.79 15.07 -41.87
CA PHE C 485 13.49 15.37 -42.44
C PHE C 485 12.90 16.61 -41.79
N THR C 488 14.65 18.81 -43.21
CA THR C 488 14.73 19.43 -44.52
C THR C 488 13.38 20.01 -44.93
N ALA C 489 12.32 19.61 -44.22
CA ALA C 489 10.98 20.13 -44.53
C ALA C 489 10.92 21.63 -44.34
N TYR C 490 11.57 22.15 -43.30
CA TYR C 490 11.59 23.58 -43.07
C TYR C 490 12.36 24.31 -44.16
N TYR C 491 13.42 23.68 -44.69
CA TYR C 491 14.30 24.31 -45.66
C TYR C 491 14.00 23.92 -47.11
N GLN C 492 12.81 23.41 -47.40
CA GLN C 492 12.44 23.15 -48.78
C GLN C 492 12.34 24.46 -49.54
N PRO C 493 12.62 24.48 -50.85
CA PRO C 493 12.57 25.73 -51.62
C PRO C 493 11.23 26.44 -51.51
N LEU C 494 11.23 27.61 -50.88
CA LEU C 494 10.03 28.41 -50.74
C LEU C 494 9.53 28.88 -52.10
N GLU C 495 10.34 29.67 -52.80
CA GLU C 495 9.96 30.19 -54.09
C GLU C 495 10.22 29.14 -55.19
N GLY C 496 9.61 29.37 -56.34
CA GLY C 496 9.84 28.55 -57.51
C GLY C 496 8.85 27.40 -57.62
N THR C 497 8.85 26.78 -58.79
CA THR C 497 7.99 25.64 -59.06
C THR C 497 8.44 24.44 -58.21
N PRO C 498 7.51 23.56 -57.84
CA PRO C 498 7.86 22.41 -56.99
C PRO C 498 8.98 21.57 -57.57
N PRO C 499 9.03 21.33 -58.91
CA PRO C 499 10.24 20.69 -59.45
C PRO C 499 11.40 21.66 -59.58
N TYR C 500 12.00 22.02 -58.46
CA TYR C 500 13.11 22.97 -58.43
C TYR C 500 14.42 22.28 -58.77
N PRO C 501 15.12 22.72 -59.80
CA PRO C 501 16.42 22.12 -60.13
C PRO C 501 17.46 22.43 -59.06
N TYR C 502 18.49 21.59 -59.03
CA TYR C 502 19.58 21.72 -58.07
C TYR C 502 20.88 22.03 -58.79
N ARG C 503 21.35 23.27 -58.62
CA ARG C 503 22.61 23.69 -59.23
C ARG C 503 23.55 24.26 -58.18
N THR C 504 23.01 24.98 -57.20
CA THR C 504 23.83 25.55 -56.15
C THR C 504 24.39 24.45 -55.26
N THR C 505 25.65 24.63 -54.84
CA THR C 505 26.29 23.64 -53.97
C THR C 505 25.56 23.50 -52.63
N VAL C 506 24.94 24.58 -52.15
CA VAL C 506 24.13 24.49 -50.94
C VAL C 506 22.75 23.91 -51.25
N ASP C 507 22.23 24.15 -52.45
CA ASP C 507 20.94 23.57 -52.82
C ASP C 507 20.98 22.05 -52.85
N TYR C 508 22.07 21.51 -53.41
CA TYR C 508 22.19 20.05 -53.52
C TYR C 508 22.51 19.51 -52.13
N LEU C 509 22.95 20.36 -51.20
CA LEU C 509 23.31 19.77 -49.90
C LEU C 509 22.08 19.14 -49.29
N ARG C 510 20.97 19.86 -49.35
CA ARG C 510 19.79 19.28 -48.70
C ARG C 510 19.37 18.05 -49.48
N LEU C 511 19.40 18.15 -50.83
CA LEU C 511 18.96 17.10 -51.80
C LEU C 511 19.22 15.70 -51.27
N ALA C 512 20.47 15.42 -50.89
CA ALA C 512 20.92 14.19 -50.21
C ALA C 512 19.88 13.76 -49.20
N GLY C 513 19.70 14.56 -48.14
CA GLY C 513 18.75 14.30 -47.08
C GLY C 513 17.43 13.77 -47.58
N GLU C 514 16.91 14.37 -48.66
CA GLU C 514 15.68 13.86 -49.25
C GLU C 514 15.86 12.43 -49.76
N VAL C 515 17.01 12.14 -50.37
CA VAL C 515 17.28 10.80 -50.87
C VAL C 515 17.32 9.79 -49.73
N ILE C 516 18.00 10.15 -48.63
CA ILE C 516 18.10 9.19 -47.53
C ILE C 516 16.76 8.99 -46.85
N THR C 517 15.94 10.05 -46.75
CA THR C 517 14.58 9.87 -46.23
C THR C 517 13.75 8.95 -47.13
N LEU C 518 13.87 9.12 -48.46
CA LEU C 518 13.17 8.24 -49.38
C LEU C 518 13.64 6.80 -49.22
N PHE C 519 14.94 6.60 -49.04
CA PHE C 519 15.47 5.25 -48.81
C PHE C 519 14.94 4.65 -47.52
N THR C 520 14.84 5.44 -46.45
CA THR C 520 14.24 4.93 -45.22
C THR C 520 12.77 4.55 -45.44
N GLY C 521 12.03 5.40 -46.15
CA GLY C 521 10.64 5.10 -46.40
C GLY C 521 10.44 3.82 -47.18
N VAL C 522 11.20 3.64 -48.26
CA VAL C 522 11.10 2.41 -49.04
C VAL C 522 11.64 1.23 -48.25
N LEU C 523 12.61 1.44 -47.36
CA LEU C 523 13.12 0.36 -46.53
C LEU C 523 12.03 -0.19 -45.62
N PHE C 524 11.35 0.70 -44.88
CA PHE C 524 10.22 0.24 -44.07
C PHE C 524 9.09 -0.33 -44.90
N PHE C 525 8.80 0.25 -46.08
CA PHE C 525 7.76 -0.30 -46.93
C PHE C 525 8.07 -1.74 -47.32
N PHE C 526 9.27 -1.99 -47.83
CA PHE C 526 9.65 -3.35 -48.21
C PHE C 526 9.71 -4.28 -47.01
N THR C 527 10.20 -3.78 -45.86
CA THR C 527 10.30 -4.62 -44.67
C THR C 527 8.92 -5.09 -44.21
N ASN C 528 7.93 -4.20 -44.20
CA ASN C 528 6.59 -4.60 -43.82
C ASN C 528 5.93 -5.47 -44.88
N ILE C 529 6.20 -5.18 -46.16
CA ILE C 529 5.63 -5.99 -47.24
C ILE C 529 6.16 -7.42 -47.19
N LYS C 530 7.43 -7.61 -46.82
CA LYS C 530 7.98 -8.95 -46.69
C LYS C 530 7.19 -9.78 -45.68
N ASP C 531 6.66 -9.14 -44.64
CA ASP C 531 5.82 -9.83 -43.68
C ASP C 531 4.44 -10.12 -44.24
N LEU C 532 3.90 -9.20 -45.05
CA LEU C 532 2.59 -9.41 -45.64
C LEU C 532 2.63 -10.51 -46.71
N PHE C 533 3.74 -10.62 -47.43
CA PHE C 533 3.89 -11.64 -48.46
C PHE C 533 4.28 -13.00 -47.90
N MET C 534 4.56 -13.09 -46.61
CA MET C 534 4.94 -14.36 -45.99
C MET C 534 4.09 -14.65 -44.75
N PHE C 549 1.41 -0.32 -34.02
CA PHE C 549 2.61 -1.14 -34.17
C PHE C 549 3.07 -1.15 -35.63
N GLN C 550 3.12 -2.35 -36.22
CA GLN C 550 3.52 -2.48 -37.61
C GLN C 550 2.53 -1.83 -38.57
N LEU C 551 1.27 -1.67 -38.15
CA LEU C 551 0.29 -1.01 -39.00
C LEU C 551 0.68 0.44 -39.27
N LEU C 552 1.15 1.15 -38.25
CA LEU C 552 1.60 2.53 -38.44
C LEU C 552 2.80 2.60 -39.37
N TYR C 553 3.75 1.68 -39.23
CA TYR C 553 4.93 1.69 -40.10
C TYR C 553 4.56 1.56 -41.58
N PHE C 554 3.47 0.87 -41.88
CA PHE C 554 3.03 0.79 -43.27
C PHE C 554 2.58 2.15 -43.79
N ILE C 555 1.73 2.84 -43.03
CA ILE C 555 1.31 4.18 -43.41
C ILE C 555 2.42 5.19 -43.14
N TYR C 556 3.38 4.82 -42.29
CA TYR C 556 4.59 5.63 -42.11
C TYR C 556 5.39 5.72 -43.39
N SER C 557 5.27 4.72 -44.27
CA SER C 557 6.09 4.64 -45.47
C SER C 557 5.37 5.15 -46.72
N VAL C 558 4.19 4.62 -47.01
CA VAL C 558 3.54 4.86 -48.30
C VAL C 558 3.31 6.35 -48.54
N LEU C 559 3.13 7.12 -47.47
CA LEU C 559 2.99 8.57 -47.63
C LEU C 559 4.25 9.20 -48.20
N VAL C 560 5.43 8.69 -47.81
CA VAL C 560 6.67 9.22 -48.35
C VAL C 560 6.78 8.95 -49.84
N ILE C 561 6.44 7.75 -50.28
CA ILE C 561 6.49 7.42 -51.70
C ILE C 561 5.50 8.30 -52.47
N VAL C 562 4.29 8.49 -51.93
CA VAL C 562 3.31 9.34 -52.59
C VAL C 562 3.84 10.76 -52.74
N SER C 563 4.44 11.31 -51.70
CA SER C 563 5.02 12.66 -51.79
C SER C 563 6.14 12.70 -52.82
N ALA C 564 7.00 11.69 -52.84
CA ALA C 564 8.05 11.63 -53.85
C ALA C 564 7.48 11.53 -55.25
N ALA C 565 6.43 10.71 -55.44
CA ALA C 565 5.79 10.64 -56.75
C ALA C 565 5.16 11.98 -57.14
N LEU C 566 4.52 12.66 -56.18
CA LEU C 566 3.96 13.97 -56.46
C LEU C 566 5.05 14.99 -56.76
N TYR C 567 6.19 14.92 -56.07
CA TYR C 567 7.28 15.85 -56.31
C TYR C 567 7.83 15.68 -57.73
N LEU C 568 8.01 14.44 -58.18
CA LEU C 568 8.53 14.19 -59.51
C LEU C 568 7.48 14.39 -60.60
N ALA C 569 6.19 14.37 -60.25
CA ALA C 569 5.15 14.55 -61.25
C ALA C 569 4.96 16.02 -61.61
N GLY C 570 4.87 16.89 -60.60
CA GLY C 570 4.68 18.30 -60.84
C GLY C 570 3.54 18.90 -60.05
N ILE C 571 2.80 18.06 -59.33
CA ILE C 571 1.68 18.53 -58.53
C ILE C 571 2.20 19.33 -57.34
N GLU C 572 1.71 20.55 -57.19
CA GLU C 572 2.14 21.44 -56.12
C GLU C 572 1.63 21.01 -54.74
N ALA C 573 0.62 20.17 -54.68
CA ALA C 573 0.03 19.75 -53.41
C ALA C 573 0.74 18.52 -52.85
N TYR C 574 2.07 18.61 -52.73
CA TYR C 574 2.84 17.52 -52.16
C TYR C 574 3.33 17.81 -50.75
N LEU C 575 3.57 19.09 -50.42
CA LEU C 575 4.10 19.43 -49.10
C LEU C 575 3.13 19.15 -47.99
N ALA C 576 1.83 19.35 -48.23
CA ALA C 576 0.83 19.15 -47.19
C ALA C 576 0.79 17.69 -46.73
N VAL C 577 0.88 16.74 -47.68
CA VAL C 577 0.96 15.34 -47.29
C VAL C 577 2.38 14.95 -46.87
N MET C 578 3.40 15.63 -47.39
CA MET C 578 4.77 15.32 -47.02
C MET C 578 5.03 15.59 -45.54
N VAL C 579 4.53 16.71 -45.02
CA VAL C 579 4.75 17.04 -43.62
C VAL C 579 4.05 16.03 -42.71
N PHE C 580 2.80 15.69 -43.03
CA PHE C 580 2.05 14.74 -42.23
C PHE C 580 2.58 13.33 -42.38
N ALA C 581 3.32 13.07 -43.46
CA ALA C 581 3.92 11.75 -43.65
C ALA C 581 4.81 11.37 -42.49
N LEU C 582 5.67 12.28 -42.03
CA LEU C 582 6.60 11.96 -40.96
C LEU C 582 6.41 12.81 -39.71
N VAL C 583 5.33 13.61 -39.63
CA VAL C 583 4.89 14.04 -38.30
C VAL C 583 4.46 12.82 -37.51
N LEU C 584 3.76 11.89 -38.14
CA LEU C 584 3.52 10.58 -37.55
C LEU C 584 4.82 9.84 -37.28
N GLY C 585 5.91 10.21 -37.97
CA GLY C 585 7.19 9.58 -37.72
C GLY C 585 7.67 9.75 -36.29
N TRP C 586 7.33 10.87 -35.65
CA TRP C 586 7.74 11.08 -34.27
C TRP C 586 6.95 10.18 -33.32
N MET C 587 5.65 9.98 -33.60
CA MET C 587 4.89 9.00 -32.84
C MET C 587 5.42 7.59 -33.07
N ASN C 588 5.90 7.29 -34.27
CA ASN C 588 6.58 6.01 -34.50
C ASN C 588 7.84 5.91 -33.67
N ALA C 589 8.63 6.97 -33.62
CA ALA C 589 9.82 7.01 -32.78
C ALA C 589 9.49 6.81 -31.30
N LEU C 590 8.30 7.27 -30.88
CA LEU C 590 7.88 7.06 -29.50
C LEU C 590 7.78 5.59 -29.14
N TYR C 591 7.64 4.70 -30.12
CA TYR C 591 7.59 3.26 -29.86
C TYR C 591 8.92 2.70 -29.40
N PHE C 592 10.01 3.46 -29.47
CA PHE C 592 11.31 2.93 -29.09
C PHE C 592 11.42 2.74 -27.58
N THR C 593 10.73 3.58 -26.81
CA THR C 593 10.74 3.48 -25.36
C THR C 593 9.73 2.47 -24.83
N ARG C 594 8.95 1.84 -25.71
CA ARG C 594 7.94 0.89 -25.26
C ARG C 594 7.90 -0.38 -26.11
N GLY C 595 8.87 -0.58 -27.01
CA GLY C 595 8.91 -1.79 -27.81
C GLY C 595 8.42 -1.56 -29.22
N LEU C 596 9.35 -1.48 -30.17
CA LEU C 596 9.01 -1.27 -31.58
C LEU C 596 9.38 -2.48 -32.42
N ILE C 604 4.52 9.05 -16.35
CA ILE C 604 4.89 7.70 -15.95
C ILE C 604 5.03 6.81 -17.18
N MET C 605 3.93 6.67 -17.92
CA MET C 605 3.91 5.88 -19.14
C MET C 605 3.15 6.65 -20.22
N ILE C 606 3.48 6.36 -21.48
CA ILE C 606 2.85 7.04 -22.61
C ILE C 606 2.48 6.00 -23.66
N GLN C 607 1.24 6.05 -24.12
CA GLN C 607 0.72 5.23 -25.21
C GLN C 607 1.01 3.75 -24.98
N LYS C 608 1.19 2.99 -26.06
CA LYS C 608 1.45 1.55 -26.11
C LYS C 608 0.23 0.72 -25.76
N ILE C 609 -0.92 1.34 -25.47
CA ILE C 609 -2.14 0.60 -25.18
C ILE C 609 -3.30 1.15 -25.99
N LEU C 610 -3.02 2.13 -26.84
CA LEU C 610 -4.06 2.81 -27.63
C LEU C 610 -4.19 2.10 -28.97
N PHE C 611 -5.11 1.14 -29.05
CA PHE C 611 -5.45 0.47 -30.30
C PHE C 611 -6.88 0.77 -30.73
N LYS C 612 -7.87 0.53 -29.88
CA LYS C 612 -9.26 0.80 -30.20
C LYS C 612 -9.96 1.70 -29.19
N ASP C 613 -9.38 1.89 -28.00
CA ASP C 613 -9.98 2.78 -27.00
C ASP C 613 -9.95 4.25 -27.44
N LEU C 614 -9.18 4.60 -28.46
CA LEU C 614 -9.16 5.98 -28.94
C LEU C 614 -10.50 6.34 -29.58
N PHE C 615 -10.87 5.63 -30.65
CA PHE C 615 -12.14 5.91 -31.32
C PHE C 615 -13.32 5.67 -30.38
N ARG C 616 -13.18 4.73 -29.44
CA ARG C 616 -14.26 4.48 -28.48
C ARG C 616 -14.54 5.71 -27.65
N PHE C 617 -13.50 6.40 -27.17
CA PHE C 617 -13.73 7.58 -26.35
C PHE C 617 -14.14 8.78 -27.19
N LEU C 618 -13.60 8.93 -28.39
CA LEU C 618 -14.05 10.02 -29.25
C LEU C 618 -15.52 9.89 -29.61
N LEU C 619 -15.98 8.67 -29.86
CA LEU C 619 -17.39 8.47 -30.21
C LEU C 619 -18.31 8.92 -29.09
N VAL C 620 -18.00 8.58 -27.84
CA VAL C 620 -18.81 9.00 -26.72
C VAL C 620 -18.64 10.48 -26.37
N TYR C 621 -17.43 11.03 -26.50
CA TYR C 621 -17.21 12.44 -26.19
C TYR C 621 -17.94 13.34 -27.17
N LEU C 622 -17.90 13.00 -28.47
CA LEU C 622 -18.61 13.80 -29.46
C LEU C 622 -20.12 13.75 -29.23
N LEU C 623 -20.65 12.55 -28.92
CA LEU C 623 -22.08 12.45 -28.64
C LEU C 623 -22.45 13.26 -27.40
N PHE C 624 -21.65 13.16 -26.34
CA PHE C 624 -21.89 13.97 -25.15
C PHE C 624 -21.90 15.45 -25.46
N MET C 625 -20.91 15.96 -26.18
CA MET C 625 -20.83 17.38 -26.48
C MET C 625 -21.96 17.84 -27.40
N ILE C 626 -22.30 17.05 -28.42
CA ILE C 626 -23.37 17.45 -29.33
C ILE C 626 -24.72 17.43 -28.61
N GLY C 627 -24.95 16.47 -27.72
CA GLY C 627 -26.19 16.43 -26.97
C GLY C 627 -26.27 17.52 -25.93
N TYR C 628 -25.13 17.90 -25.36
CA TYR C 628 -25.15 18.93 -24.32
C TYR C 628 -25.30 20.32 -24.93
N ALA C 629 -24.68 20.57 -26.09
CA ALA C 629 -24.79 21.88 -26.70
C ALA C 629 -26.21 22.21 -27.14
N SER C 630 -27.02 21.19 -27.46
CA SER C 630 -28.39 21.43 -27.90
C SER C 630 -29.22 22.11 -26.82
N ALA C 631 -29.08 21.67 -25.57
CA ALA C 631 -29.83 22.29 -24.48
C ALA C 631 -29.47 23.77 -24.32
N LEU C 632 -28.18 24.09 -24.35
CA LEU C 632 -27.77 25.48 -24.21
C LEU C 632 -28.22 26.32 -25.39
N VAL C 633 -28.18 25.76 -26.60
CA VAL C 633 -28.67 26.52 -27.76
C VAL C 633 -30.18 26.73 -27.66
N SER C 634 -30.90 25.78 -27.08
CA SER C 634 -32.34 25.94 -26.87
C SER C 634 -32.67 26.89 -25.74
N LEU C 635 -31.75 27.11 -24.80
CA LEU C 635 -32.01 27.97 -23.66
C LEU C 635 -31.98 29.46 -24.05
N LEU C 636 -31.33 29.81 -25.16
CA LEU C 636 -31.17 31.19 -25.56
C LEU C 636 -32.07 31.56 -26.75
N ASN C 637 -33.11 30.78 -26.99
CA ASN C 637 -34.02 31.07 -28.10
C ASN C 637 -34.75 32.38 -27.86
N PRO C 638 -34.75 33.30 -28.84
CA PRO C 638 -35.55 34.52 -28.75
C PRO C 638 -37.05 34.24 -28.77
N PRO C 655 -31.69 38.65 -34.43
CA PRO C 655 -31.47 39.15 -35.78
C PRO C 655 -30.17 38.64 -36.35
N THR C 656 -29.15 38.57 -35.50
CA THR C 656 -27.83 38.09 -35.88
C THR C 656 -27.56 36.73 -35.25
N TYR C 657 -26.35 36.22 -35.42
CA TYR C 657 -25.96 34.96 -34.78
C TYR C 657 -25.62 35.16 -33.31
N PRO C 658 -24.72 36.08 -32.94
CA PRO C 658 -24.40 36.23 -31.50
C PRO C 658 -25.58 36.68 -30.67
N SER C 659 -26.31 37.70 -31.11
CA SER C 659 -27.51 38.15 -30.43
C SER C 659 -28.69 37.33 -30.93
N CYS C 660 -29.45 36.76 -29.98
CA CYS C 660 -30.54 35.83 -30.30
C CYS C 660 -29.99 34.63 -31.08
N ARG C 661 -30.86 33.90 -31.77
CA ARG C 661 -30.42 32.75 -32.55
C ARG C 661 -31.31 32.64 -33.78
N ASP C 662 -31.06 31.61 -34.59
CA ASP C 662 -31.85 31.34 -35.78
C ASP C 662 -31.95 29.83 -36.00
N SER C 663 -32.46 29.42 -37.16
CA SER C 663 -32.63 28.01 -37.46
C SER C 663 -31.34 27.29 -37.83
N GLU C 664 -30.28 28.02 -38.21
CA GLU C 664 -29.04 27.41 -38.67
C GLU C 664 -27.83 27.90 -37.88
N THR C 665 -28.06 28.53 -36.73
CA THR C 665 -26.97 29.04 -35.89
C THR C 665 -26.40 27.97 -34.96
N PHE C 666 -27.05 26.82 -34.84
CA PHE C 666 -26.55 25.76 -33.97
C PHE C 666 -25.22 25.24 -34.47
N SER C 667 -25.06 25.11 -35.78
CA SER C 667 -23.77 24.69 -36.33
C SER C 667 -22.67 25.68 -36.00
N THR C 668 -23.00 26.95 -35.80
CA THR C 668 -22.00 27.95 -35.44
C THR C 668 -21.67 27.88 -33.96
N PHE C 669 -22.69 27.92 -33.11
CA PHE C 669 -22.46 27.88 -31.67
C PHE C 669 -22.14 26.48 -31.15
N LEU C 670 -22.03 25.49 -32.04
CA LEU C 670 -21.48 24.21 -31.64
C LEU C 670 -19.97 24.29 -31.47
N LEU C 671 -19.30 25.04 -32.35
CA LEU C 671 -17.85 25.20 -32.28
C LEU C 671 -17.41 26.09 -31.12
N ASP C 672 -18.31 26.94 -30.60
CA ASP C 672 -17.94 27.77 -29.46
C ASP C 672 -17.65 26.94 -28.23
N LEU C 673 -18.38 25.83 -28.04
CA LEU C 673 -18.06 24.95 -26.91
C LEU C 673 -16.70 24.30 -27.08
N PHE C 674 -16.37 23.89 -28.30
CA PHE C 674 -15.05 23.31 -28.56
C PHE C 674 -13.94 24.32 -28.32
N LYS C 675 -14.14 25.57 -28.76
CA LYS C 675 -13.14 26.60 -28.53
C LYS C 675 -13.10 27.04 -27.06
N LEU C 676 -14.18 26.81 -26.33
CA LEU C 676 -14.19 27.07 -24.89
C LEU C 676 -13.48 25.97 -24.13
N THR C 677 -13.47 24.76 -24.66
CA THR C 677 -12.77 23.66 -24.01
C THR C 677 -11.28 23.96 -23.87
N ILE C 678 -10.69 24.61 -24.87
CA ILE C 678 -9.29 25.02 -24.75
C ILE C 678 -9.17 26.44 -24.20
N GLY C 679 -9.95 27.39 -24.72
CA GLY C 679 -10.06 28.71 -24.13
C GLY C 679 -10.01 29.89 -25.08
N MET C 680 -9.73 29.69 -26.38
CA MET C 680 -9.63 30.86 -27.25
C MET C 680 -10.98 31.47 -27.57
N GLY C 681 -12.04 30.67 -27.56
CA GLY C 681 -13.35 31.16 -27.98
C GLY C 681 -13.87 32.23 -27.04
N ASP C 682 -14.55 33.22 -27.62
CA ASP C 682 -15.13 34.31 -26.85
C ASP C 682 -16.55 33.96 -26.44
N LEU C 683 -16.88 34.25 -25.18
CA LEU C 683 -18.17 33.89 -24.62
C LEU C 683 -19.16 35.05 -24.74
N GLU C 684 -19.39 35.48 -25.98
CA GLU C 684 -20.37 36.51 -26.26
C GLU C 684 -21.80 35.99 -26.11
N MET C 685 -22.02 34.69 -26.31
CA MET C 685 -23.36 34.12 -26.23
C MET C 685 -23.99 34.26 -24.85
N LEU C 686 -23.18 34.37 -23.79
CA LEU C 686 -23.73 34.48 -22.45
C LEU C 686 -24.50 35.78 -22.25
N SER C 687 -24.21 36.82 -23.05
CA SER C 687 -24.97 38.05 -22.97
C SER C 687 -26.27 38.01 -23.77
N SER C 688 -26.46 36.98 -24.59
CA SER C 688 -27.65 36.87 -25.42
C SER C 688 -28.75 36.01 -24.79
N THR C 689 -28.39 35.13 -23.87
CA THR C 689 -29.39 34.28 -23.23
C THR C 689 -30.36 35.12 -22.40
N LYS C 690 -31.62 34.71 -22.39
CA LYS C 690 -32.64 35.43 -21.63
C LYS C 690 -32.66 35.07 -20.16
N TYR C 691 -31.96 34.00 -19.77
CA TYR C 691 -31.93 33.54 -18.38
C TYR C 691 -30.48 33.26 -18.00
N PRO C 692 -29.68 34.32 -17.80
CA PRO C 692 -28.26 34.11 -17.51
C PRO C 692 -28.00 33.34 -16.23
N VAL C 693 -28.88 33.43 -15.23
CA VAL C 693 -28.62 32.78 -13.95
C VAL C 693 -28.57 31.26 -14.12
N VAL C 694 -29.50 30.70 -14.91
CA VAL C 694 -29.48 29.26 -15.12
C VAL C 694 -28.50 28.88 -16.22
N PHE C 695 -28.27 29.77 -17.19
CA PHE C 695 -27.32 29.47 -18.27
C PHE C 695 -25.91 29.34 -17.72
N ILE C 696 -25.52 30.22 -16.79
CA ILE C 696 -24.18 30.16 -16.22
C ILE C 696 -24.01 28.90 -15.37
N ILE C 697 -25.05 28.49 -14.66
CA ILE C 697 -24.99 27.26 -13.89
C ILE C 697 -24.83 26.07 -14.82
N LEU C 698 -25.59 26.04 -15.90
CA LEU C 698 -25.50 24.95 -16.88
C LEU C 698 -24.18 24.95 -17.63
N LEU C 699 -23.49 26.10 -17.69
CA LEU C 699 -22.20 26.14 -18.37
C LEU C 699 -21.05 25.77 -17.44
N VAL C 700 -21.13 26.12 -16.16
CA VAL C 700 -20.10 25.72 -15.22
C VAL C 700 -20.04 24.21 -15.08
N THR C 701 -21.21 23.57 -14.94
CA THR C 701 -21.25 22.12 -14.90
C THR C 701 -20.79 21.52 -16.23
N TYR C 702 -21.02 22.21 -17.35
CA TYR C 702 -20.50 21.72 -18.62
C TYR C 702 -18.98 21.67 -18.60
N ILE C 703 -18.34 22.74 -18.13
CA ILE C 703 -16.88 22.77 -18.07
C ILE C 703 -16.36 21.71 -17.12
N ILE C 704 -16.96 21.57 -15.95
CA ILE C 704 -16.49 20.59 -14.98
C ILE C 704 -16.65 19.17 -15.53
N LEU C 705 -17.80 18.87 -16.13
CA LEU C 705 -18.02 17.54 -16.69
C LEU C 705 -17.05 17.26 -17.83
N THR C 706 -16.84 18.24 -18.72
CA THR C 706 -15.91 18.03 -19.82
C THR C 706 -14.49 17.80 -19.32
N PHE C 707 -14.05 18.59 -18.33
CA PHE C 707 -12.70 18.43 -17.80
C PHE C 707 -12.53 17.08 -17.12
N VAL C 708 -13.51 16.66 -16.32
CA VAL C 708 -13.40 15.36 -15.66
C VAL C 708 -13.42 14.23 -16.68
N LEU C 709 -14.30 14.32 -17.69
CA LEU C 709 -14.42 13.25 -18.68
C LEU C 709 -13.17 13.17 -19.55
N LEU C 710 -12.52 14.30 -19.79
CA LEU C 710 -11.26 14.28 -20.54
C LEU C 710 -10.11 13.76 -19.69
N LEU C 711 -10.05 14.16 -18.42
CA LEU C 711 -8.96 13.73 -17.54
C LEU C 711 -9.03 12.24 -17.28
N ASN C 712 -10.24 11.69 -17.14
CA ASN C 712 -10.37 10.25 -16.91
C ASN C 712 -9.85 9.44 -18.07
N MET C 713 -10.10 9.86 -19.31
CA MET C 713 -9.57 9.12 -20.46
C MET C 713 -8.05 9.12 -20.46
N LEU C 714 -7.43 10.27 -20.17
CA LEU C 714 -5.97 10.32 -20.14
C LEU C 714 -5.41 9.47 -19.02
N ILE C 715 -6.01 9.51 -17.83
CA ILE C 715 -5.45 8.73 -16.72
C ILE C 715 -5.70 7.25 -16.93
N ALA C 716 -6.69 6.89 -17.76
CA ALA C 716 -6.92 5.48 -18.07
C ALA C 716 -6.13 4.98 -19.25
N LEU C 717 -5.70 5.87 -20.15
CA LEU C 717 -5.01 5.47 -21.38
C LEU C 717 -3.52 5.77 -21.38
N MET C 718 -3.00 6.50 -20.38
CA MET C 718 -1.58 6.80 -20.33
C MET C 718 -0.92 6.31 -19.04
N GLY C 719 -1.63 6.39 -17.91
CA GLY C 719 -1.07 5.97 -16.65
C GLY C 719 -0.72 4.50 -16.61
N GLU C 720 -1.59 3.67 -17.18
CA GLU C 720 -1.35 2.23 -17.21
C GLU C 720 -1.62 1.66 -18.60
N GLU C 728 2.59 -3.46 -9.93
CA GLU C 728 2.96 -4.07 -11.21
C GLU C 728 3.61 -3.06 -12.14
N SER C 729 4.34 -2.12 -11.56
CA SER C 729 5.04 -1.12 -12.36
C SER C 729 6.11 -1.77 -13.24
N LYS C 730 6.87 -2.72 -12.68
CA LYS C 730 7.92 -3.40 -13.43
C LYS C 730 7.35 -4.35 -14.48
N HIS C 731 6.08 -4.75 -14.35
CA HIS C 731 5.47 -5.67 -15.31
C HIS C 731 5.53 -5.12 -16.72
N ILE C 732 5.06 -3.89 -16.93
CA ILE C 732 4.99 -3.34 -18.28
C ILE C 732 6.38 -3.10 -18.84
N TRP C 733 7.31 -2.63 -18.01
CA TRP C 733 8.68 -2.39 -18.48
C TRP C 733 9.34 -3.70 -18.89
N LYS C 734 9.19 -4.75 -18.08
CA LYS C 734 9.78 -6.05 -18.42
C LYS C 734 9.16 -6.61 -19.70
N LEU C 735 7.84 -6.51 -19.84
CA LEU C 735 7.19 -7.04 -21.03
C LEU C 735 7.63 -6.29 -22.28
N GLN C 736 7.72 -4.96 -22.20
CA GLN C 736 8.16 -4.18 -23.35
C GLN C 736 9.61 -4.47 -23.70
N TRP C 737 10.48 -4.59 -22.70
CA TRP C 737 11.89 -4.90 -22.96
C TRP C 737 12.04 -6.27 -23.58
N ALA C 738 11.26 -7.25 -23.12
CA ALA C 738 11.29 -8.58 -23.73
C ALA C 738 10.74 -8.56 -25.16
N THR C 739 9.69 -7.77 -25.41
CA THR C 739 9.13 -7.69 -26.74
C THR C 739 10.10 -7.02 -27.72
N THR C 740 10.89 -6.06 -27.26
CA THR C 740 11.83 -5.38 -28.14
C THR C 740 12.85 -6.34 -28.74
N ILE C 741 13.42 -7.23 -27.92
CA ILE C 741 14.44 -8.15 -28.40
C ILE C 741 13.85 -9.09 -29.46
N LEU C 742 12.65 -9.60 -29.21
CA LEU C 742 12.02 -10.52 -30.17
C LEU C 742 11.59 -9.79 -31.43
N ASP C 743 11.21 -8.52 -31.34
CA ASP C 743 10.93 -7.74 -32.54
C ASP C 743 12.20 -7.49 -33.34
N ILE C 744 13.34 -7.35 -32.68
CA ILE C 744 14.62 -7.29 -33.39
C ILE C 744 14.93 -8.62 -34.08
N GLU C 745 14.48 -9.73 -33.52
CA GLU C 745 14.78 -11.06 -34.10
C GLU C 745 14.28 -11.19 -35.52
N ARG C 746 13.03 -10.79 -35.78
CA ARG C 746 12.39 -11.08 -37.06
C ARG C 746 12.98 -10.30 -38.23
N SER C 747 13.68 -9.21 -37.97
CA SER C 747 14.27 -8.38 -39.03
C SER C 747 15.54 -8.99 -39.63
N PHE C 748 16.29 -9.76 -38.84
CA PHE C 748 17.57 -10.28 -39.30
C PHE C 748 17.34 -11.33 -40.38
N PRO C 749 18.12 -11.31 -41.46
CA PRO C 749 18.04 -12.39 -42.46
C PRO C 749 18.56 -13.70 -41.89
N VAL C 750 18.24 -14.78 -42.60
CA VAL C 750 18.57 -16.13 -42.13
C VAL C 750 20.07 -16.28 -41.91
N PHE C 751 20.89 -15.77 -42.84
CA PHE C 751 22.34 -15.85 -42.70
C PHE C 751 22.83 -15.17 -41.43
N LEU C 752 22.44 -13.92 -41.20
CA LEU C 752 22.87 -13.23 -39.99
C LEU C 752 22.15 -13.79 -38.76
N ARG C 753 20.94 -14.33 -38.94
CA ARG C 753 20.23 -14.95 -37.83
C ARG C 753 20.99 -16.15 -37.28
N LYS C 754 21.46 -17.02 -38.17
CA LYS C 754 22.28 -18.15 -37.73
C LYS C 754 23.68 -17.72 -37.34
N ALA C 755 24.19 -16.63 -37.93
CA ALA C 755 25.48 -16.10 -37.49
C ALA C 755 25.42 -15.62 -36.05
N PHE C 756 24.33 -14.95 -35.68
CA PHE C 756 24.11 -14.48 -34.31
C PHE C 756 23.18 -15.38 -33.53
N ARG C 757 23.21 -16.68 -33.78
CA ARG C 757 22.39 -17.62 -33.03
C ARG C 757 22.76 -17.60 -31.55
N SER C 758 21.75 -17.61 -30.69
CA SER C 758 21.96 -17.65 -29.26
C SER C 758 22.34 -19.07 -28.83
N GLY C 759 22.84 -19.19 -27.61
CA GLY C 759 23.28 -20.46 -27.12
C GLY C 759 24.59 -20.89 -27.78
N GLU C 760 24.85 -22.19 -27.69
CA GLU C 760 26.09 -22.75 -28.20
C GLU C 760 25.89 -24.23 -28.50
N MET C 761 26.73 -24.76 -29.39
CA MET C 761 26.70 -26.17 -29.71
C MET C 761 27.37 -26.98 -28.61
N VAL C 762 26.59 -27.83 -27.94
CA VAL C 762 27.10 -28.65 -26.84
C VAL C 762 26.64 -30.08 -27.04
N THR C 763 27.54 -31.03 -26.78
CA THR C 763 27.22 -32.45 -26.76
C THR C 763 26.84 -32.78 -25.32
N VAL C 764 25.54 -32.64 -25.01
CA VAL C 764 25.10 -32.76 -23.63
C VAL C 764 25.20 -34.20 -23.13
N GLY C 765 24.98 -35.17 -24.02
CA GLY C 765 24.99 -36.55 -23.59
C GLY C 765 25.16 -37.50 -24.76
N LYS C 766 25.09 -38.79 -24.44
CA LYS C 766 25.24 -39.87 -25.40
C LYS C 766 23.87 -40.46 -25.74
N SER C 767 23.76 -41.00 -26.95
CA SER C 767 22.48 -41.54 -27.43
C SER C 767 22.69 -42.91 -28.06
N SER C 768 21.67 -43.40 -28.76
CA SER C 768 21.70 -44.74 -29.32
C SER C 768 22.91 -44.93 -30.23
N ASP C 769 23.60 -46.06 -30.04
CA ASP C 769 24.81 -46.40 -30.79
C ASP C 769 25.90 -45.35 -30.63
N GLY C 770 25.95 -44.69 -29.48
CA GLY C 770 27.00 -43.73 -29.21
C GLY C 770 26.85 -42.40 -29.93
N THR C 771 25.72 -42.15 -30.56
CA THR C 771 25.53 -40.90 -31.30
C THR C 771 25.52 -39.73 -30.33
N PRO C 772 26.32 -38.70 -30.56
CA PRO C 772 26.30 -37.53 -29.67
C PRO C 772 24.98 -36.79 -29.75
N ASP C 773 24.59 -36.18 -28.63
CA ASP C 773 23.36 -35.39 -28.55
C ASP C 773 23.64 -34.00 -29.13
N ARG C 774 23.33 -33.82 -30.41
CA ARG C 774 23.58 -32.56 -31.10
C ARG C 774 22.41 -31.60 -30.86
N ARG C 775 22.39 -31.05 -29.65
CA ARG C 775 21.33 -30.14 -29.21
C ARG C 775 21.89 -28.75 -29.04
N TRP C 776 21.17 -27.75 -29.58
CA TRP C 776 21.48 -26.36 -29.28
C TRP C 776 21.08 -26.06 -27.85
N CYS C 777 22.05 -26.06 -26.94
CA CYS C 777 21.78 -25.90 -25.52
C CYS C 777 22.48 -24.66 -25.00
N PHE C 778 21.90 -24.07 -23.96
CA PHE C 778 22.34 -22.80 -23.40
C PHE C 778 22.92 -23.02 -22.01
N ARG C 779 24.12 -22.52 -21.77
CA ARG C 779 24.75 -22.61 -20.45
C ARG C 779 24.22 -21.49 -19.55
N VAL C 780 23.92 -21.85 -18.31
CA VAL C 780 23.46 -20.90 -17.30
C VAL C 780 24.47 -20.89 -16.16
N ASP C 781 24.85 -19.69 -15.72
CA ASP C 781 25.80 -19.53 -14.62
C ASP C 781 25.02 -19.32 -13.33
N GLU C 782 25.12 -20.28 -12.41
CA GLU C 782 24.36 -20.23 -11.18
C GLU C 782 25.27 -20.61 -10.02
N VAL C 783 25.21 -19.82 -8.94
CA VAL C 783 26.01 -20.03 -7.75
C VAL C 783 25.09 -20.02 -6.54
N ASN C 784 25.19 -21.05 -5.70
CA ASN C 784 24.40 -21.13 -4.48
C ASN C 784 25.22 -21.77 -3.35
N TRP C 785 24.87 -21.42 -2.12
CA TRP C 785 25.46 -22.03 -0.92
C TRP C 785 24.45 -22.91 -0.19
N SER C 786 23.33 -23.17 -0.84
CA SER C 786 22.23 -23.92 -0.24
C SER C 786 22.20 -25.38 -0.67
N HIS C 787 22.47 -25.68 -1.93
CA HIS C 787 22.58 -27.06 -2.40
C HIS C 787 24.00 -27.58 -2.15
N TRP C 788 24.38 -27.57 -0.88
CA TRP C 788 25.75 -27.82 -0.46
C TRP C 788 26.20 -29.24 -0.81
N VAL D 148 54.25 -50.08 -24.32
CA VAL D 148 53.25 -50.79 -23.54
C VAL D 148 52.23 -49.81 -22.96
N PHE D 149 52.74 -48.76 -22.29
CA PHE D 149 51.90 -47.74 -21.68
C PHE D 149 52.07 -46.43 -22.45
N ASN D 150 50.96 -45.88 -22.91
CA ASN D 150 50.92 -44.58 -23.57
C ASN D 150 50.11 -43.62 -22.73
N ARG D 151 50.16 -42.34 -23.09
CA ARG D 151 49.42 -41.33 -22.34
C ARG D 151 47.92 -41.61 -22.29
N PRO D 152 47.24 -41.93 -23.40
CA PRO D 152 45.83 -42.33 -23.28
C PRO D 152 45.65 -43.58 -22.42
N ILE D 153 46.57 -44.55 -22.53
CA ILE D 153 46.43 -45.78 -21.77
C ILE D 153 46.53 -45.49 -20.28
N LEU D 154 47.57 -44.76 -19.87
CA LEU D 154 47.73 -44.46 -18.45
C LEU D 154 46.60 -43.58 -17.93
N PHE D 155 46.18 -42.59 -18.72
CA PHE D 155 45.10 -41.72 -18.28
C PHE D 155 43.81 -42.51 -18.09
N ASP D 156 43.49 -43.42 -19.02
CA ASP D 156 42.30 -44.24 -18.88
C ASP D 156 42.41 -45.16 -17.66
N ILE D 157 43.57 -45.80 -17.49
CA ILE D 157 43.71 -46.78 -16.42
C ILE D 157 43.68 -46.09 -15.05
N VAL D 158 44.10 -44.83 -14.99
CA VAL D 158 44.06 -44.12 -13.72
C VAL D 158 42.69 -43.51 -13.49
N SER D 159 41.97 -43.16 -14.57
CA SER D 159 40.60 -42.69 -14.42
C SER D 159 39.66 -43.83 -14.02
N ARG D 160 40.00 -45.06 -14.38
CA ARG D 160 39.19 -46.21 -13.97
C ARG D 160 39.19 -46.41 -12.46
N GLY D 161 40.17 -45.85 -11.76
CA GLY D 161 40.26 -46.01 -10.32
C GLY D 161 40.54 -47.45 -9.91
N SER D 162 41.48 -48.09 -10.60
CA SER D 162 41.85 -49.47 -10.30
C SER D 162 43.37 -49.60 -10.37
N THR D 163 43.99 -49.88 -9.24
CA THR D 163 45.44 -50.03 -9.17
C THR D 163 45.88 -51.49 -9.37
N ALA D 164 45.36 -52.10 -10.43
CA ALA D 164 45.68 -53.49 -10.74
C ALA D 164 46.41 -53.66 -12.07
N ASP D 165 45.87 -53.11 -13.16
CA ASP D 165 46.52 -53.26 -14.46
C ASP D 165 47.74 -52.35 -14.58
N LEU D 166 47.76 -51.23 -13.86
CA LEU D 166 48.90 -50.32 -13.95
C LEU D 166 50.18 -50.92 -13.38
N ASP D 167 50.07 -51.83 -12.42
CA ASP D 167 51.25 -52.40 -11.78
C ASP D 167 52.15 -53.08 -12.79
N GLY D 168 53.46 -52.87 -12.66
CA GLY D 168 54.44 -53.42 -13.56
C GLY D 168 55.02 -52.43 -14.55
N LEU D 169 54.60 -51.16 -14.51
CA LEU D 169 55.15 -50.17 -15.42
C LEU D 169 56.54 -49.71 -15.00
N LEU D 170 56.95 -50.02 -13.77
CA LEU D 170 58.23 -49.51 -13.25
C LEU D 170 59.43 -49.97 -14.08
N PRO D 171 59.61 -51.27 -14.38
CA PRO D 171 60.80 -51.64 -15.17
C PRO D 171 60.79 -51.05 -16.57
N PHE D 172 59.63 -51.03 -17.24
CA PHE D 172 59.55 -50.45 -18.57
C PHE D 172 59.89 -48.97 -18.55
N LEU D 173 59.42 -48.26 -17.53
CA LEU D 173 59.66 -46.82 -17.46
C LEU D 173 61.11 -46.51 -17.08
N LEU D 174 61.69 -47.28 -16.17
CA LEU D 174 63.05 -46.99 -15.73
C LEU D 174 64.10 -47.41 -16.76
N THR D 175 63.89 -48.54 -17.45
CA THR D 175 64.88 -48.97 -18.44
C THR D 175 64.88 -48.08 -19.66
N HIS D 176 63.74 -47.44 -19.96
CA HIS D 176 63.64 -46.55 -21.11
C HIS D 176 64.09 -45.12 -20.80
N LYS D 177 64.44 -44.84 -19.55
CA LYS D 177 64.90 -43.52 -19.12
C LYS D 177 63.86 -42.44 -19.44
N LYS D 178 62.71 -42.57 -18.79
CA LYS D 178 61.60 -41.64 -18.96
C LYS D 178 61.16 -41.10 -17.60
N ARG D 179 60.43 -39.99 -17.64
CA ARG D 179 59.89 -39.37 -16.45
C ARG D 179 58.43 -39.02 -16.70
N LEU D 180 57.64 -39.03 -15.62
CA LEU D 180 56.20 -38.83 -15.75
C LEU D 180 55.83 -37.40 -16.13
N THR D 181 56.77 -36.47 -16.08
CA THR D 181 56.54 -35.09 -16.48
C THR D 181 57.04 -34.78 -17.89
N ASP D 182 57.37 -35.81 -18.67
CA ASP D 182 57.92 -35.59 -20.00
C ASP D 182 56.89 -34.93 -20.91
N GLU D 183 57.38 -34.13 -21.86
CA GLU D 183 56.50 -33.44 -22.79
C GLU D 183 55.73 -34.44 -23.66
N GLU D 184 56.42 -35.49 -24.14
CA GLU D 184 55.79 -36.52 -24.95
C GLU D 184 55.00 -37.52 -24.12
N PHE D 185 54.78 -37.23 -22.83
CA PHE D 185 54.08 -38.16 -21.95
C PHE D 185 52.83 -37.56 -21.31
N ARG D 186 52.69 -36.23 -21.30
CA ARG D 186 51.48 -35.56 -20.83
C ARG D 186 50.73 -34.97 -22.01
N GLU D 187 49.52 -34.49 -21.73
CA GLU D 187 48.68 -33.97 -22.80
C GLU D 187 49.31 -32.73 -23.42
N PRO D 188 49.49 -32.70 -24.74
CA PRO D 188 50.07 -31.51 -25.37
C PRO D 188 49.22 -30.26 -25.21
N SER D 189 47.89 -30.42 -25.13
CA SER D 189 47.01 -29.26 -25.01
C SER D 189 47.01 -28.70 -23.60
N THR D 190 46.67 -29.53 -22.61
CA THR D 190 46.53 -29.06 -21.24
C THR D 190 47.87 -29.04 -20.51
N GLY D 191 48.69 -30.08 -20.72
CA GLY D 191 49.87 -30.28 -19.92
C GLY D 191 49.62 -31.03 -18.63
N LYS D 192 48.37 -31.42 -18.38
CA LYS D 192 48.02 -32.11 -17.15
C LYS D 192 48.63 -33.51 -17.12
N THR D 193 49.04 -33.94 -15.92
CA THR D 193 49.61 -35.26 -15.72
C THR D 193 48.54 -36.21 -15.19
N CYS D 194 48.96 -37.43 -14.85
CA CYS D 194 48.03 -38.49 -14.49
C CYS D 194 47.44 -38.26 -13.09
N LEU D 195 48.21 -37.67 -12.18
CA LEU D 195 47.71 -37.45 -10.83
C LEU D 195 46.49 -36.53 -10.79
N PRO D 196 46.47 -35.38 -11.48
CA PRO D 196 45.20 -34.62 -11.54
C PRO D 196 44.07 -35.39 -12.18
N LYS D 197 44.37 -36.27 -13.16
CA LYS D 197 43.32 -37.12 -13.71
C LYS D 197 42.73 -38.03 -12.64
N ALA D 198 43.57 -38.61 -11.79
CA ALA D 198 43.07 -39.42 -10.69
C ALA D 198 42.25 -38.57 -9.71
N LEU D 199 42.70 -37.36 -9.43
CA LEU D 199 42.01 -36.51 -8.46
C LEU D 199 40.65 -36.05 -8.96
N LEU D 200 40.57 -35.64 -10.24
CA LEU D 200 39.28 -35.24 -10.80
C LEU D 200 38.32 -36.41 -10.88
N ASN D 201 38.81 -37.60 -11.21
CA ASN D 201 37.99 -38.80 -11.29
C ASN D 201 37.80 -39.47 -9.95
N LEU D 202 37.98 -38.73 -8.85
CA LEU D 202 37.79 -39.29 -7.52
C LEU D 202 36.39 -39.83 -7.34
N SER D 203 36.29 -41.01 -6.73
CA SER D 203 35.01 -41.65 -6.48
C SER D 203 34.97 -42.17 -5.06
N ASN D 204 33.83 -42.01 -4.40
CA ASN D 204 33.57 -42.47 -3.04
C ASN D 204 34.49 -41.83 -2.01
N GLY D 205 35.26 -40.81 -2.38
CA GLY D 205 36.11 -40.10 -1.47
C GLY D 205 37.54 -40.61 -1.38
N ARG D 206 37.80 -41.83 -1.84
CA ARG D 206 39.13 -42.41 -1.76
C ARG D 206 39.42 -43.21 -3.02
N ASN D 207 40.71 -43.24 -3.38
CA ASN D 207 41.18 -44.04 -4.51
C ASN D 207 42.60 -44.49 -4.21
N ASP D 208 42.83 -45.79 -4.24
CA ASP D 208 44.13 -46.36 -3.88
C ASP D 208 45.19 -46.18 -4.96
N THR D 209 44.82 -45.67 -6.13
CA THR D 209 45.81 -45.49 -7.20
C THR D 209 46.80 -44.39 -6.88
N ILE D 210 46.36 -43.36 -6.15
CA ILE D 210 47.24 -42.22 -5.86
C ILE D 210 48.43 -42.60 -5.00
N PRO D 211 48.29 -43.38 -3.91
CA PRO D 211 49.50 -43.80 -3.17
C PRO D 211 50.50 -44.54 -4.03
N VAL D 212 50.03 -45.45 -4.88
CA VAL D 212 50.94 -46.18 -5.77
C VAL D 212 51.58 -45.22 -6.77
N LEU D 213 50.81 -44.24 -7.26
CA LEU D 213 51.35 -43.29 -8.22
C LEU D 213 52.45 -42.44 -7.59
N LEU D 214 52.24 -41.98 -6.35
CA LEU D 214 53.28 -41.19 -5.70
C LEU D 214 54.48 -42.06 -5.32
N ASP D 215 54.26 -43.33 -5.01
CA ASP D 215 55.39 -44.25 -4.82
C ASP D 215 56.20 -44.37 -6.10
N ILE D 216 55.53 -44.52 -7.24
CA ILE D 216 56.23 -44.58 -8.52
C ILE D 216 57.01 -43.29 -8.75
N ALA D 217 56.39 -42.15 -8.42
CA ALA D 217 57.07 -40.87 -8.59
C ALA D 217 58.34 -40.79 -7.75
N GLU D 218 58.28 -41.28 -6.51
CA GLU D 218 59.48 -41.22 -5.67
C GLU D 218 60.56 -42.20 -6.13
N ARG D 219 60.18 -43.35 -6.67
CA ARG D 219 61.20 -44.24 -7.25
C ARG D 219 61.83 -43.61 -8.49
N THR D 220 61.04 -42.90 -9.29
CA THR D 220 61.58 -42.31 -10.52
C THR D 220 62.44 -41.08 -10.26
N GLY D 221 62.54 -40.61 -9.03
CA GLY D 221 63.30 -39.41 -8.73
C GLY D 221 62.70 -38.16 -9.34
N ASN D 222 61.37 -38.04 -9.29
CA ASN D 222 60.67 -36.89 -9.85
C ASN D 222 59.69 -36.26 -8.87
N MET D 223 59.78 -36.59 -7.58
CA MET D 223 58.74 -36.23 -6.63
C MET D 223 58.57 -34.72 -6.51
N ARG D 224 59.69 -33.98 -6.48
CA ARG D 224 59.60 -32.53 -6.37
C ARG D 224 58.85 -31.94 -7.56
N GLU D 225 59.11 -32.44 -8.77
CA GLU D 225 58.45 -31.96 -9.96
C GLU D 225 57.17 -32.72 -10.28
N PHE D 226 56.97 -33.91 -9.70
CA PHE D 226 55.77 -34.69 -10.00
C PHE D 226 54.51 -33.98 -9.52
N ILE D 227 54.45 -33.63 -8.24
CA ILE D 227 53.28 -32.92 -7.71
C ILE D 227 53.57 -31.44 -7.93
N ASN D 228 53.40 -31.02 -9.18
CA ASN D 228 53.49 -29.64 -9.65
C ASN D 228 53.05 -29.67 -11.10
N SER D 229 52.10 -28.81 -11.47
CA SER D 229 51.50 -28.87 -12.80
C SER D 229 51.06 -27.48 -13.24
N PRO D 230 51.99 -26.66 -13.71
CA PRO D 230 51.61 -25.38 -14.30
C PRO D 230 50.94 -25.58 -15.65
N PHE D 231 49.65 -25.88 -15.64
CA PHE D 231 48.89 -26.07 -16.88
C PHE D 231 49.13 -24.91 -17.83
N ARG D 232 49.68 -25.21 -19.00
CA ARG D 232 49.91 -24.20 -20.02
C ARG D 232 48.66 -23.86 -20.81
N ASP D 233 47.49 -24.27 -20.33
CA ASP D 233 46.22 -23.82 -20.91
C ASP D 233 46.04 -22.33 -20.66
N ILE D 234 45.26 -21.69 -21.52
CA ILE D 234 44.97 -20.27 -21.38
C ILE D 234 43.88 -20.07 -20.33
N TYR D 235 43.42 -21.17 -19.73
CA TYR D 235 42.34 -21.13 -18.75
C TYR D 235 42.75 -21.64 -17.37
N TYR D 236 43.88 -22.32 -17.24
CA TYR D 236 44.26 -22.94 -15.98
C TYR D 236 45.75 -22.69 -15.69
N ARG D 237 46.18 -21.44 -15.87
CA ARG D 237 47.60 -21.09 -15.76
C ARG D 237 48.02 -21.16 -14.30
N GLY D 238 48.29 -22.38 -13.83
CA GLY D 238 48.86 -22.56 -12.51
C GLY D 238 48.13 -23.53 -11.60
N GLN D 239 46.99 -24.05 -12.06
CA GLN D 239 46.23 -25.00 -11.24
C GLN D 239 47.04 -26.25 -10.96
N THR D 240 47.24 -26.56 -9.69
CA THR D 240 48.10 -27.66 -9.28
C THR D 240 47.27 -28.77 -8.63
N ALA D 241 47.96 -29.84 -8.23
CA ALA D 241 47.29 -30.98 -7.62
C ALA D 241 46.67 -30.63 -6.28
N LEU D 242 47.32 -29.73 -5.52
CA LEU D 242 46.74 -29.31 -4.24
C LEU D 242 45.45 -28.52 -4.45
N HIS D 243 45.39 -27.72 -5.51
CA HIS D 243 44.16 -27.02 -5.83
C HIS D 243 43.01 -27.99 -6.06
N ILE D 244 43.28 -29.09 -6.78
CA ILE D 244 42.24 -30.10 -6.98
C ILE D 244 41.90 -30.78 -5.65
N ALA D 245 42.92 -31.13 -4.86
CA ALA D 245 42.68 -31.86 -3.63
C ALA D 245 41.80 -31.07 -2.67
N ILE D 246 42.08 -29.77 -2.52
CA ILE D 246 41.21 -28.92 -1.72
C ILE D 246 39.86 -28.74 -2.41
N GLU D 247 39.87 -28.66 -3.74
CA GLU D 247 38.65 -28.45 -4.50
C GLU D 247 37.69 -29.64 -4.41
N ARG D 248 38.19 -30.82 -4.09
CA ARG D 248 37.33 -32.00 -3.95
C ARG D 248 36.99 -32.30 -2.49
N ARG D 249 37.32 -31.40 -1.56
CA ARG D 249 36.88 -31.48 -0.17
C ARG D 249 37.32 -32.77 0.50
N CYS D 250 38.53 -33.24 0.21
CA CYS D 250 39.06 -34.47 0.80
C CYS D 250 40.16 -34.11 1.79
N LYS D 251 39.98 -34.49 3.05
CA LYS D 251 41.00 -34.24 4.06
C LYS D 251 42.17 -35.20 3.92
N HIS D 252 41.90 -36.45 3.59
CA HIS D 252 42.96 -37.45 3.49
C HIS D 252 43.97 -37.07 2.43
N TYR D 253 43.50 -36.68 1.25
CA TYR D 253 44.42 -36.31 0.17
C TYR D 253 45.10 -34.97 0.42
N VAL D 254 44.39 -34.00 1.00
CA VAL D 254 45.06 -32.72 1.28
C VAL D 254 46.14 -32.92 2.32
N GLU D 255 46.00 -33.93 3.19
CA GLU D 255 47.10 -34.31 4.07
C GLU D 255 48.20 -35.04 3.31
N LEU D 256 47.81 -35.99 2.45
CA LEU D 256 48.79 -36.88 1.83
C LEU D 256 49.71 -36.14 0.88
N LEU D 257 49.15 -35.28 0.01
CA LEU D 257 49.97 -34.58 -0.96
C LEU D 257 50.97 -33.64 -0.30
N VAL D 258 50.56 -32.96 0.78
CA VAL D 258 51.52 -32.11 1.48
C VAL D 258 52.42 -32.90 2.41
N ALA D 259 52.12 -34.19 2.63
CA ALA D 259 52.98 -35.01 3.46
C ALA D 259 54.35 -35.21 2.82
N GLN D 260 54.44 -35.09 1.51
CA GLN D 260 55.73 -35.11 0.84
C GLN D 260 56.31 -33.72 0.61
N GLY D 261 55.57 -32.66 0.96
CA GLY D 261 56.07 -31.31 0.85
C GLY D 261 56.32 -30.87 -0.59
N ALA D 262 55.27 -30.74 -1.38
CA ALA D 262 55.42 -30.30 -2.77
C ALA D 262 55.29 -28.77 -2.89
N ASP D 263 54.14 -28.23 -2.53
CA ASP D 263 53.91 -26.79 -2.60
C ASP D 263 52.59 -26.42 -1.92
N VAL D 264 52.56 -25.28 -1.24
CA VAL D 264 51.33 -24.75 -0.66
C VAL D 264 51.18 -23.29 -1.09
N HIS D 265 51.84 -22.93 -2.20
CA HIS D 265 51.81 -21.56 -2.67
C HIS D 265 51.63 -21.46 -4.18
N ALA D 266 50.97 -22.43 -4.80
CA ALA D 266 50.76 -22.39 -6.23
C ALA D 266 49.79 -21.28 -6.61
N GLN D 267 50.12 -20.52 -7.65
CA GLN D 267 49.30 -19.41 -8.11
C GLN D 267 48.37 -19.89 -9.22
N ALA D 268 47.06 -19.80 -8.99
CA ALA D 268 46.06 -20.19 -9.99
C ALA D 268 45.70 -18.95 -10.81
N ARG D 269 46.55 -18.64 -11.78
CA ARG D 269 46.43 -17.42 -12.57
C ARG D 269 45.60 -17.63 -13.85
N GLY D 270 44.97 -18.79 -14.00
CA GLY D 270 44.23 -19.05 -15.21
C GLY D 270 43.00 -18.18 -15.35
N ARG D 271 42.49 -18.10 -16.58
CA ARG D 271 41.32 -17.28 -16.86
C ARG D 271 40.06 -17.82 -16.21
N PHE D 272 40.04 -19.10 -15.84
CA PHE D 272 38.91 -19.64 -15.11
C PHE D 272 38.91 -19.19 -13.65
N PHE D 273 40.08 -19.07 -13.04
CA PHE D 273 40.21 -18.59 -11.66
C PHE D 273 40.50 -17.09 -11.64
N GLN D 274 39.58 -16.33 -12.22
CA GLN D 274 39.64 -14.88 -12.26
C GLN D 274 38.30 -14.31 -11.85
N PRO D 275 38.27 -13.07 -11.35
CA PRO D 275 37.00 -12.47 -10.93
C PRO D 275 36.02 -12.38 -12.09
N LYS D 276 34.73 -12.50 -11.75
CA LYS D 276 33.68 -12.50 -12.76
C LYS D 276 33.66 -11.20 -13.57
N ASP D 277 34.15 -10.10 -12.99
CA ASP D 277 34.21 -8.85 -13.73
C ASP D 277 35.22 -8.92 -14.87
N GLU D 278 36.35 -9.59 -14.66
CA GLU D 278 37.41 -9.68 -15.65
C GLU D 278 37.26 -10.86 -16.59
N GLY D 279 36.10 -11.51 -16.60
CA GLY D 279 35.87 -12.63 -17.48
C GLY D 279 36.29 -13.96 -16.90
N GLY D 280 35.78 -14.27 -15.71
CA GLY D 280 36.08 -15.54 -15.07
C GLY D 280 34.84 -16.23 -14.54
N TYR D 281 35.03 -17.25 -13.70
CA TYR D 281 33.93 -18.00 -13.12
C TYR D 281 33.98 -18.04 -11.60
N PHE D 282 35.16 -18.08 -11.01
CA PHE D 282 35.29 -18.18 -9.55
C PHE D 282 36.65 -17.63 -9.14
N TYR D 283 36.64 -16.60 -8.30
CA TYR D 283 37.85 -16.00 -7.78
C TYR D 283 37.93 -16.24 -6.27
N PHE D 284 39.07 -16.75 -5.81
CA PHE D 284 39.26 -17.08 -4.41
C PHE D 284 40.64 -16.65 -3.93
N GLY D 285 41.25 -15.68 -4.59
CA GLY D 285 42.66 -15.48 -4.44
C GLY D 285 43.43 -16.49 -5.28
N GLU D 286 44.71 -16.63 -4.99
CA GLU D 286 45.54 -17.56 -5.75
C GLU D 286 46.43 -18.40 -4.85
N LEU D 287 45.90 -18.85 -3.72
CA LEU D 287 46.64 -19.69 -2.79
C LEU D 287 45.81 -20.91 -2.40
N PRO D 288 46.47 -22.05 -2.14
CA PRO D 288 45.74 -23.20 -1.59
C PRO D 288 45.07 -22.88 -0.26
N LEU D 289 45.73 -22.11 0.59
CA LEU D 289 45.10 -21.67 1.84
C LEU D 289 43.89 -20.79 1.56
N SER D 290 44.01 -19.90 0.59
CA SER D 290 42.87 -19.08 0.19
C SER D 290 41.76 -19.94 -0.39
N LEU D 291 42.12 -20.99 -1.14
CA LEU D 291 41.11 -21.90 -1.68
C LEU D 291 40.35 -22.61 -0.56
N ALA D 292 41.07 -23.06 0.47
CA ALA D 292 40.40 -23.69 1.60
C ALA D 292 39.52 -22.69 2.35
N ALA D 293 40.01 -21.46 2.52
CA ALA D 293 39.26 -20.47 3.28
C ALA D 293 38.01 -20.02 2.54
N CYS D 294 38.07 -19.94 1.21
CA CYS D 294 36.96 -19.39 0.45
C CYS D 294 35.86 -20.40 0.15
N THR D 295 36.02 -21.66 0.53
CA THR D 295 35.03 -22.69 0.25
C THR D 295 34.62 -23.45 1.51
N ASN D 296 34.68 -22.79 2.67
CA ASN D 296 34.23 -23.34 3.94
C ASN D 296 34.97 -24.65 4.26
N GLN D 297 36.28 -24.51 4.46
CA GLN D 297 37.14 -25.63 4.84
C GLN D 297 37.93 -25.25 6.08
N PRO D 298 37.27 -25.22 7.25
CA PRO D 298 38.00 -24.84 8.47
C PRO D 298 39.07 -25.83 8.86
N HIS D 299 38.77 -27.13 8.77
CA HIS D 299 39.77 -28.14 9.11
C HIS D 299 40.96 -28.10 8.16
N ILE D 300 40.71 -27.86 6.87
CA ILE D 300 41.80 -27.77 5.91
C ILE D 300 42.69 -26.58 6.21
N VAL D 301 42.09 -25.43 6.55
CA VAL D 301 42.86 -24.26 6.91
C VAL D 301 43.69 -24.52 8.17
N ASN D 302 43.07 -25.14 9.18
CA ASN D 302 43.79 -25.44 10.41
C ASN D 302 44.96 -26.37 10.16
N TYR D 303 44.76 -27.39 9.31
CA TYR D 303 45.85 -28.28 8.96
C TYR D 303 46.95 -27.55 8.21
N LEU D 304 46.58 -26.69 7.26
CA LEU D 304 47.58 -25.96 6.49
C LEU D 304 48.36 -24.97 7.34
N THR D 305 47.77 -24.49 8.44
CA THR D 305 48.50 -23.55 9.31
C THR D 305 49.50 -24.28 10.20
N GLU D 306 49.03 -25.19 11.04
CA GLU D 306 49.91 -25.92 11.96
C GLU D 306 50.19 -27.32 11.43
N ASN D 307 51.10 -27.38 10.46
CA ASN D 307 51.58 -28.65 9.94
C ASN D 307 53.11 -28.68 9.93
N PRO D 308 53.71 -29.78 10.40
CA PRO D 308 55.18 -29.82 10.46
C PRO D 308 55.86 -29.71 9.11
N HIS D 309 55.25 -30.24 8.06
CA HIS D 309 55.90 -30.32 6.75
C HIS D 309 56.20 -28.94 6.18
N LYS D 310 55.15 -28.17 5.89
CA LYS D 310 55.31 -26.84 5.33
C LYS D 310 53.99 -26.09 5.47
N LYS D 311 54.05 -24.88 6.00
CA LYS D 311 52.86 -24.08 6.26
C LYS D 311 52.85 -22.85 5.38
N ALA D 312 51.65 -22.46 4.93
CA ALA D 312 51.48 -21.29 4.08
C ALA D 312 51.20 -20.07 4.95
N ASP D 313 52.08 -19.07 4.85
CA ASP D 313 51.91 -17.86 5.64
C ASP D 313 50.68 -17.09 5.17
N MET D 314 49.89 -16.62 6.14
CA MET D 314 48.67 -15.88 5.81
C MET D 314 48.95 -14.55 5.15
N ARG D 315 50.16 -14.00 5.30
CA ARG D 315 50.50 -12.74 4.67
C ARG D 315 50.85 -12.88 3.19
N ARG D 316 50.93 -14.10 2.67
CA ARG D 316 51.29 -14.29 1.28
C ARG D 316 50.25 -13.65 0.37
N GLN D 317 50.72 -13.03 -0.71
CA GLN D 317 49.87 -12.28 -1.61
C GLN D 317 49.84 -12.94 -2.99
N ASP D 318 48.69 -12.82 -3.64
CA ASP D 318 48.50 -13.38 -4.98
C ASP D 318 49.14 -12.46 -6.02
N SER D 319 48.85 -12.71 -7.30
CA SER D 319 49.37 -11.87 -8.37
C SER D 319 48.89 -10.43 -8.27
N ARG D 320 47.71 -10.19 -7.69
CA ARG D 320 47.19 -8.85 -7.50
C ARG D 320 47.53 -8.27 -6.14
N GLY D 321 48.27 -9.00 -5.31
CA GLY D 321 48.59 -8.56 -3.97
C GLY D 321 47.53 -8.88 -2.94
N ASN D 322 46.39 -9.42 -3.35
CA ASN D 322 45.32 -9.74 -2.42
C ASN D 322 45.71 -10.90 -1.52
N THR D 323 45.42 -10.77 -0.22
CA THR D 323 45.70 -11.83 0.74
C THR D 323 44.44 -12.68 0.94
N VAL D 324 44.48 -13.58 1.91
CA VAL D 324 43.34 -14.47 2.15
C VAL D 324 42.13 -13.69 2.64
N LEU D 325 42.35 -12.63 3.44
CA LEU D 325 41.23 -11.81 3.87
C LEU D 325 40.60 -11.07 2.70
N HIS D 326 41.42 -10.60 1.76
CA HIS D 326 40.88 -9.95 0.56
C HIS D 326 40.02 -10.92 -0.24
N ALA D 327 40.48 -12.17 -0.38
CA ALA D 327 39.68 -13.17 -1.10
C ALA D 327 38.38 -13.47 -0.37
N LEU D 328 38.45 -13.61 0.96
CA LEU D 328 37.23 -13.86 1.73
C LEU D 328 36.23 -12.74 1.56
N VAL D 329 36.72 -11.50 1.50
CA VAL D 329 35.85 -10.37 1.17
C VAL D 329 35.28 -10.52 -0.22
N ALA D 330 36.13 -10.87 -1.20
CA ALA D 330 35.72 -10.90 -2.60
C ALA D 330 34.68 -11.99 -2.88
N ILE D 331 34.65 -13.06 -2.11
CA ILE D 331 33.72 -14.14 -2.41
C ILE D 331 32.33 -13.88 -1.84
N ALA D 332 32.21 -13.06 -0.79
CA ALA D 332 30.99 -12.98 0.02
C ALA D 332 29.98 -12.07 -0.66
N ASP D 333 28.87 -12.65 -1.10
CA ASP D 333 27.71 -11.87 -1.50
C ASP D 333 26.78 -11.67 -0.31
N ASN D 334 25.95 -10.63 -0.39
CA ASN D 334 25.12 -10.26 0.74
C ASN D 334 23.95 -11.22 0.94
N THR D 335 24.24 -12.41 1.44
CA THR D 335 23.22 -13.39 1.80
C THR D 335 23.56 -13.97 3.18
N ARG D 336 22.52 -14.38 3.90
CA ARG D 336 22.69 -14.78 5.29
C ARG D 336 23.59 -16.01 5.42
N GLU D 337 23.27 -17.07 4.68
CA GLU D 337 24.03 -18.31 4.82
C GLU D 337 25.48 -18.13 4.40
N ASN D 338 25.73 -17.29 3.40
CA ASN D 338 27.10 -17.01 2.99
C ASN D 338 27.83 -16.19 4.05
N THR D 339 27.29 -15.01 4.35
CA THR D 339 27.96 -14.08 5.26
C THR D 339 28.19 -14.69 6.63
N LYS D 340 27.35 -15.63 7.05
CA LYS D 340 27.56 -16.29 8.34
C LYS D 340 28.94 -16.91 8.41
N PHE D 341 29.21 -17.91 7.56
CA PHE D 341 30.51 -18.57 7.63
C PHE D 341 31.62 -17.67 7.11
N VAL D 342 31.32 -16.71 6.23
CA VAL D 342 32.36 -15.77 5.81
C VAL D 342 32.90 -14.99 7.01
N THR D 343 32.00 -14.41 7.82
CA THR D 343 32.44 -13.68 8.99
C THR D 343 33.07 -14.60 10.03
N LYS D 344 32.50 -15.79 10.21
CA LYS D 344 33.07 -16.75 11.16
C LYS D 344 34.52 -17.05 10.82
N MET D 345 34.79 -17.42 9.56
CA MET D 345 36.14 -17.77 9.16
C MET D 345 37.04 -16.55 9.03
N TYR D 346 36.47 -15.37 8.76
CA TYR D 346 37.25 -14.15 8.78
C TYR D 346 37.81 -13.89 10.18
N ASP D 347 36.95 -13.97 11.19
CA ASP D 347 37.40 -13.81 12.56
C ASP D 347 38.36 -14.92 12.97
N LEU D 348 38.10 -16.15 12.52
CA LEU D 348 39.00 -17.26 12.83
C LEU D 348 40.39 -17.00 12.29
N LEU D 349 40.50 -16.61 11.02
CA LEU D 349 41.79 -16.34 10.42
C LEU D 349 42.47 -15.14 11.07
N LEU D 350 41.71 -14.10 11.37
CA LEU D 350 42.30 -12.93 12.01
C LEU D 350 42.87 -13.29 13.38
N LEU D 351 42.12 -14.05 14.17
CA LEU D 351 42.60 -14.46 15.48
C LEU D 351 43.82 -15.37 15.37
N LYS D 352 43.80 -16.30 14.41
CA LYS D 352 44.93 -17.23 14.26
C LYS D 352 46.19 -16.51 13.79
N CYS D 353 46.05 -15.51 12.91
CA CYS D 353 47.20 -14.72 12.49
C CYS D 353 47.64 -13.71 13.54
N ALA D 354 46.76 -13.36 14.48
CA ALA D 354 47.17 -12.52 15.60
C ALA D 354 47.93 -13.33 16.65
N ARG D 355 47.52 -14.58 16.87
CA ARG D 355 48.22 -15.43 17.83
C ARG D 355 49.68 -15.63 17.43
N LEU D 356 49.90 -16.22 16.27
CA LEU D 356 51.26 -16.35 15.74
C LEU D 356 51.74 -15.00 15.22
N PHE D 357 53.06 -14.84 15.14
CA PHE D 357 53.70 -13.67 14.55
C PHE D 357 53.15 -12.38 15.18
N PRO D 358 53.50 -12.08 16.42
CA PRO D 358 52.88 -10.94 17.12
C PRO D 358 53.32 -9.60 16.57
N ASP D 359 52.66 -9.16 15.50
CA ASP D 359 52.95 -7.88 14.85
C ASP D 359 51.63 -7.31 14.36
N SER D 360 51.71 -6.37 13.41
CA SER D 360 50.51 -5.76 12.86
C SER D 360 49.59 -6.81 12.26
N ASN D 361 48.29 -6.64 12.48
CA ASN D 361 47.31 -7.62 12.06
C ASN D 361 47.28 -7.74 10.54
N LEU D 362 46.87 -8.92 10.07
CA LEU D 362 46.79 -9.18 8.63
C LEU D 362 45.76 -8.28 7.94
N GLU D 363 44.81 -7.74 8.68
CA GLU D 363 43.82 -6.86 8.07
C GLU D 363 44.42 -5.54 7.57
N ALA D 364 45.64 -5.21 7.98
CA ALA D 364 46.27 -3.96 7.62
C ALA D 364 47.15 -4.05 6.36
N VAL D 365 47.30 -5.23 5.77
CA VAL D 365 48.13 -5.37 4.59
C VAL D 365 47.35 -4.85 3.38
N LEU D 366 48.07 -4.29 2.42
CA LEU D 366 47.46 -3.69 1.24
C LEU D 366 47.94 -4.40 -0.02
N ASN D 367 47.03 -4.54 -0.99
CA ASN D 367 47.34 -5.15 -2.28
C ASN D 367 48.02 -4.12 -3.17
N ASN D 368 48.11 -4.42 -4.47
CA ASN D 368 48.82 -3.56 -5.40
C ASN D 368 48.25 -2.15 -5.47
N ASP D 369 46.93 -2.00 -5.33
CA ASP D 369 46.30 -0.68 -5.37
C ASP D 369 45.99 -0.15 -3.97
N GLY D 370 46.49 -0.81 -2.93
CA GLY D 370 46.41 -0.30 -1.58
C GLY D 370 45.11 -0.53 -0.84
N LEU D 371 44.17 -1.28 -1.42
CA LEU D 371 42.86 -1.45 -0.79
C LEU D 371 42.94 -2.43 0.37
N SER D 372 42.57 -1.96 1.56
CA SER D 372 42.43 -2.82 2.72
C SER D 372 41.20 -3.71 2.55
N PRO D 373 41.15 -4.86 3.26
CA PRO D 373 39.95 -5.70 3.17
C PRO D 373 38.66 -4.97 3.48
N LEU D 374 38.67 -4.10 4.50
CA LEU D 374 37.52 -3.25 4.76
C LEU D 374 37.27 -2.30 3.59
N MET D 375 38.34 -1.73 3.04
CA MET D 375 38.21 -0.79 1.93
C MET D 375 37.58 -1.46 0.72
N MET D 376 38.07 -2.66 0.38
CA MET D 376 37.50 -3.38 -0.76
C MET D 376 36.09 -3.87 -0.47
N ALA D 377 35.82 -4.23 0.79
CA ALA D 377 34.47 -4.62 1.17
C ALA D 377 33.47 -3.50 0.93
N ALA D 378 33.86 -2.27 1.29
CA ALA D 378 32.99 -1.13 1.01
C ALA D 378 32.93 -0.84 -0.49
N LYS D 379 34.06 -0.96 -1.19
CA LYS D 379 34.09 -0.62 -2.61
C LYS D 379 33.22 -1.56 -3.44
N THR D 380 33.20 -2.85 -3.13
CA THR D 380 32.50 -3.82 -3.94
C THR D 380 31.01 -3.89 -3.60
N GLY D 381 30.59 -3.30 -2.49
CA GLY D 381 29.18 -3.31 -2.12
C GLY D 381 28.74 -4.58 -1.43
N LYS D 382 29.29 -4.84 -0.25
CA LYS D 382 29.01 -6.06 0.53
C LYS D 382 28.68 -5.63 1.96
N ILE D 383 27.39 -5.59 2.28
CA ILE D 383 26.96 -4.99 3.55
C ILE D 383 27.36 -5.87 4.73
N GLY D 384 27.26 -7.20 4.58
CA GLY D 384 27.44 -8.07 5.74
C GLY D 384 28.85 -8.04 6.29
N ILE D 385 29.84 -8.25 5.41
CA ILE D 385 31.23 -8.28 5.87
C ILE D 385 31.66 -6.91 6.38
N PHE D 386 31.24 -5.84 5.71
CA PHE D 386 31.55 -4.49 6.14
C PHE D 386 31.00 -4.21 7.53
N GLN D 387 29.72 -4.52 7.74
CA GLN D 387 29.09 -4.31 9.03
C GLN D 387 29.77 -5.13 10.12
N HIS D 388 30.13 -6.38 9.80
CA HIS D 388 30.79 -7.21 10.80
C HIS D 388 32.20 -6.71 11.13
N ILE D 389 32.91 -6.17 10.14
CA ILE D 389 34.23 -5.61 10.40
C ILE D 389 34.12 -4.39 11.31
N ILE D 390 33.09 -3.55 11.10
CA ILE D 390 32.94 -2.38 11.96
C ILE D 390 32.72 -2.79 13.41
N ARG D 391 31.78 -3.71 13.66
CA ARG D 391 31.47 -4.13 15.02
C ARG D 391 32.20 -5.43 15.37
N ARG D 392 33.52 -5.31 15.49
CA ARG D 392 34.37 -6.43 15.86
C ARG D 392 34.82 -6.26 17.31
N GLU D 393 34.52 -7.24 18.14
CA GLU D 393 34.93 -7.25 19.54
C GLU D 393 35.55 -8.59 19.87
N VAL D 394 36.74 -8.56 20.49
CA VAL D 394 37.42 -9.77 20.94
C VAL D 394 37.74 -9.61 22.42
N THR D 395 37.30 -10.57 23.22
CA THR D 395 37.46 -10.49 24.67
C THR D 395 38.78 -11.10 25.14
N ASP D 396 39.53 -11.76 24.27
CA ASP D 396 40.79 -12.36 24.67
C ASP D 396 41.81 -11.29 25.03
N GLU D 397 42.53 -11.52 26.13
CA GLU D 397 43.47 -10.51 26.62
C GLU D 397 44.62 -10.29 25.64
N ASP D 398 45.13 -11.36 25.04
CA ASP D 398 46.25 -11.23 24.12
C ASP D 398 45.84 -10.48 22.86
N THR D 399 44.69 -10.83 22.27
CA THR D 399 44.22 -10.21 21.04
C THR D 399 43.14 -9.19 21.35
N ARG D 400 43.58 -8.00 21.77
CA ARG D 400 42.68 -6.89 22.01
C ARG D 400 42.76 -5.81 20.94
N HIS D 401 43.91 -5.67 20.28
CA HIS D 401 44.07 -4.64 19.26
C HIS D 401 43.26 -4.91 18.00
N LEU D 402 42.72 -6.12 17.83
CA LEU D 402 41.90 -6.43 16.68
C LEU D 402 40.50 -5.87 16.77
N SER D 403 40.06 -5.47 17.96
CA SER D 403 38.70 -4.97 18.14
C SER D 403 38.60 -3.52 17.68
N ARG D 404 37.41 -3.16 17.18
CA ARG D 404 37.15 -1.81 16.73
C ARG D 404 35.95 -1.18 17.42
N LYS D 405 35.30 -1.89 18.33
CA LYS D 405 34.19 -1.35 19.13
C LYS D 405 34.45 -1.70 20.58
N PHE D 406 34.58 -0.68 21.42
CA PHE D 406 34.94 -0.86 22.82
C PHE D 406 33.75 -0.59 23.73
N LYS D 407 34.00 -0.67 25.03
CA LYS D 407 32.97 -0.62 26.07
C LYS D 407 33.37 0.38 27.15
N ASP D 408 33.65 1.61 26.71
CA ASP D 408 34.23 2.65 27.56
C ASP D 408 33.64 2.69 28.98
N TRP D 409 32.32 2.85 29.09
CA TRP D 409 31.70 2.84 30.42
C TRP D 409 30.24 2.42 30.29
N ALA D 410 29.85 1.42 31.06
CA ALA D 410 28.44 1.05 31.22
C ALA D 410 27.96 1.61 32.54
N TYR D 411 27.19 2.71 32.48
CA TYR D 411 26.85 3.50 33.66
C TYR D 411 25.34 3.74 33.64
N GLY D 412 24.62 2.96 34.44
CA GLY D 412 23.17 3.04 34.47
C GLY D 412 22.57 2.45 33.21
N PRO D 413 21.28 2.69 32.97
CA PRO D 413 20.66 2.19 31.74
C PRO D 413 20.92 3.12 30.56
N VAL D 414 22.16 3.59 30.44
CA VAL D 414 22.66 4.24 29.22
C VAL D 414 24.03 3.64 28.94
N TYR D 415 24.19 3.06 27.75
CA TYR D 415 25.37 2.26 27.44
C TYR D 415 26.14 2.95 26.32
N SER D 416 27.36 3.39 26.63
CA SER D 416 28.20 4.03 25.66
C SER D 416 29.03 2.98 24.90
N SER D 417 29.57 3.41 23.76
CA SER D 417 30.43 2.56 22.96
C SER D 417 31.54 3.41 22.37
N LEU D 418 32.64 2.77 22.02
CA LEU D 418 33.82 3.47 21.52
C LEU D 418 34.26 2.81 20.20
N TYR D 419 33.65 3.24 19.11
CA TYR D 419 34.00 2.73 17.80
C TYR D 419 35.35 3.29 17.34
N ASP D 420 36.12 2.46 16.66
CA ASP D 420 37.40 2.89 16.12
C ASP D 420 37.17 3.76 14.89
N LEU D 421 38.16 4.60 14.59
CA LEU D 421 38.05 5.53 13.48
C LEU D 421 39.35 5.60 12.67
N SER D 422 40.21 4.58 12.78
CA SER D 422 41.49 4.63 12.09
C SER D 422 41.32 4.64 10.58
N SER D 423 40.40 3.83 10.07
CA SER D 423 40.17 3.74 8.62
C SER D 423 38.83 4.30 8.18
N LEU D 424 38.05 4.88 9.08
CA LEU D 424 36.75 5.43 8.69
C LEU D 424 36.85 6.92 8.37
N ASP D 425 37.75 7.64 9.03
CA ASP D 425 37.95 9.06 8.78
C ASP D 425 39.43 9.38 8.98
N THR D 426 40.06 9.87 7.92
CA THR D 426 41.46 10.29 7.96
C THR D 426 41.57 11.70 7.41
N CYS D 427 42.54 12.47 7.92
CA CYS D 427 42.71 13.86 7.53
C CYS D 427 43.70 13.96 6.37
N GLY D 428 43.33 13.31 5.27
CA GLY D 428 44.09 13.43 4.04
C GLY D 428 45.16 12.38 3.78
N GLU D 429 46.05 12.17 4.75
CA GLU D 429 47.20 11.28 4.52
C GLU D 429 46.87 9.80 4.71
N GLU D 430 45.81 9.34 4.06
CA GLU D 430 45.37 7.94 4.07
C GLU D 430 44.12 7.84 3.21
N ALA D 431 43.81 6.63 2.77
CA ALA D 431 42.53 6.36 2.14
C ALA D 431 41.49 6.07 3.21
N SER D 432 40.29 6.61 3.02
CA SER D 432 39.22 6.49 3.99
C SER D 432 38.05 5.72 3.38
N VAL D 433 37.40 4.91 4.20
CA VAL D 433 36.31 4.07 3.70
C VAL D 433 35.11 4.92 3.32
N LEU D 434 34.92 6.07 3.98
CA LEU D 434 33.73 6.88 3.74
C LEU D 434 33.75 7.49 2.34
N GLU D 435 34.91 7.96 1.87
CA GLU D 435 34.97 8.59 0.55
C GLU D 435 34.70 7.57 -0.55
N ILE D 436 35.18 6.34 -0.38
CA ILE D 436 34.85 5.28 -1.33
C ILE D 436 33.38 4.91 -1.24
N LEU D 437 32.86 4.83 -0.02
CA LEU D 437 31.45 4.45 0.16
C LEU D 437 30.51 5.46 -0.49
N VAL D 438 30.91 6.73 -0.51
CA VAL D 438 30.05 7.75 -1.12
C VAL D 438 30.33 7.92 -2.61
N TYR D 439 31.59 7.85 -3.03
CA TYR D 439 31.97 8.15 -4.42
C TYR D 439 32.01 6.90 -5.30
N ASN D 440 32.87 5.93 -4.94
CA ASN D 440 33.14 4.76 -5.77
C ASN D 440 32.65 3.51 -5.04
N SER D 441 31.40 3.14 -5.26
CA SER D 441 30.84 1.95 -4.65
C SER D 441 29.70 1.44 -5.51
N LYS D 442 29.28 0.21 -5.22
CA LYS D 442 28.19 -0.43 -5.95
C LYS D 442 26.89 0.26 -5.56
N ILE D 443 26.29 0.99 -6.51
CA ILE D 443 25.19 1.89 -6.21
C ILE D 443 23.93 1.17 -5.73
N GLU D 444 23.80 -0.13 -6.01
CA GLU D 444 22.57 -0.84 -5.68
C GLU D 444 22.29 -0.85 -4.18
N ASN D 445 23.34 -1.01 -3.36
CA ASN D 445 23.19 -1.04 -1.92
C ASN D 445 24.12 -0.03 -1.25
N ARG D 446 24.30 1.13 -1.87
CA ARG D 446 25.12 2.17 -1.28
C ARG D 446 24.45 2.82 -0.07
N HIS D 447 23.13 2.77 0.01
CA HIS D 447 22.41 3.46 1.08
C HIS D 447 22.44 2.67 2.38
N GLU D 448 22.19 1.36 2.31
CA GLU D 448 22.16 0.53 3.52
C GLU D 448 23.52 0.45 4.20
N MET D 449 24.61 0.62 3.44
CA MET D 449 25.93 0.58 4.05
C MET D 449 26.19 1.81 4.90
N LEU D 450 25.61 2.95 4.53
CA LEU D 450 25.76 4.19 5.28
C LEU D 450 25.01 4.20 6.60
N ALA D 451 24.07 3.28 6.80
CA ALA D 451 23.20 3.28 7.97
C ALA D 451 23.74 2.43 9.11
N VAL D 452 25.06 2.26 9.18
CA VAL D 452 25.68 1.54 10.27
C VAL D 452 25.92 2.50 11.43
N GLU D 453 26.22 1.95 12.60
CA GLU D 453 26.27 2.74 13.84
C GLU D 453 27.27 3.88 13.80
N PRO D 454 28.53 3.72 13.35
CA PRO D 454 29.44 4.86 13.37
C PRO D 454 29.23 5.84 12.24
N ILE D 455 28.93 5.34 11.03
CA ILE D 455 28.97 6.18 9.84
C ILE D 455 27.91 7.27 9.90
N ASN D 456 26.67 6.91 10.26
CA ASN D 456 25.60 7.89 10.30
C ASN D 456 25.88 8.97 11.35
N GLU D 457 26.28 8.54 12.55
CA GLU D 457 26.61 9.50 13.60
C GLU D 457 27.92 10.23 13.31
N LEU D 458 28.86 9.60 12.60
CA LEU D 458 30.03 10.34 12.15
C LEU D 458 29.65 11.47 11.21
N LEU D 459 28.75 11.21 10.27
CA LEU D 459 28.27 12.25 9.37
C LEU D 459 27.53 13.33 10.13
N ARG D 460 26.70 12.93 11.10
CA ARG D 460 25.99 13.92 11.91
C ARG D 460 26.94 14.80 12.70
N ASP D 461 28.00 14.20 13.27
CA ASP D 461 28.98 14.97 14.02
C ASP D 461 29.77 15.91 13.11
N LYS D 462 30.15 15.44 11.91
CA LYS D 462 30.81 16.31 10.95
C LYS D 462 29.92 17.48 10.58
N TRP D 463 28.63 17.20 10.35
CA TRP D 463 27.66 18.26 10.08
C TRP D 463 27.68 19.29 11.21
N ARG D 464 27.34 18.86 12.42
CA ARG D 464 27.25 19.77 13.57
C ARG D 464 28.54 20.55 13.77
N LYS D 465 29.69 19.91 13.54
CA LYS D 465 30.97 20.59 13.76
C LYS D 465 31.20 21.68 12.73
N PHE D 466 31.28 21.32 11.45
CA PHE D 466 31.61 22.30 10.42
C PHE D 466 30.72 22.25 9.19
N GLY D 467 30.00 21.16 8.95
CA GLY D 467 29.28 21.01 7.71
C GLY D 467 28.15 21.99 7.57
N ALA D 468 27.36 22.16 8.64
CA ALA D 468 26.25 23.10 8.60
C ALA D 468 26.74 24.53 8.40
N VAL D 469 27.80 24.92 9.13
CA VAL D 469 28.31 26.28 9.02
C VAL D 469 28.84 26.53 7.60
N SER D 470 29.62 25.60 7.07
CA SER D 470 30.19 25.79 5.75
C SER D 470 29.11 25.77 4.67
N PHE D 471 28.10 24.92 4.83
CA PHE D 471 27.01 24.85 3.86
C PHE D 471 26.20 26.15 3.87
N TYR D 472 25.93 26.70 5.06
CA TYR D 472 25.21 27.97 5.13
C TYR D 472 26.04 29.10 4.55
N ILE D 473 27.35 29.12 4.81
CA ILE D 473 28.20 30.14 4.20
C ILE D 473 28.18 30.01 2.68
N ASN D 474 28.27 28.78 2.17
CA ASN D 474 28.24 28.56 0.73
C ASN D 474 26.92 29.03 0.12
N VAL D 475 25.79 28.71 0.76
CA VAL D 475 24.51 29.05 0.17
C VAL D 475 24.29 30.57 0.21
N VAL D 476 24.69 31.22 1.30
CA VAL D 476 24.50 32.68 1.36
C VAL D 476 25.44 33.36 0.36
N SER D 477 26.66 32.87 0.20
CA SER D 477 27.56 33.43 -0.79
C SER D 477 27.03 33.25 -2.21
N TYR D 478 26.49 32.06 -2.50
CA TYR D 478 25.92 31.80 -3.81
C TYR D 478 24.72 32.70 -4.09
N LEU D 479 23.85 32.85 -3.09
CA LEU D 479 22.68 33.71 -3.25
C LEU D 479 23.08 35.16 -3.45
N CYS D 480 24.08 35.64 -2.71
CA CYS D 480 24.57 37.00 -2.92
C CYS D 480 25.18 37.17 -4.30
N ALA D 481 25.95 36.17 -4.75
CA ALA D 481 26.54 36.24 -6.07
C ALA D 481 25.48 36.33 -7.16
N MET D 482 24.42 35.53 -7.04
CA MET D 482 23.39 35.58 -8.08
C MET D 482 22.45 36.78 -7.91
N VAL D 483 22.37 37.35 -6.71
CA VAL D 483 21.69 38.64 -6.58
C VAL D 483 22.48 39.72 -7.32
N ILE D 484 23.80 39.72 -7.16
CA ILE D 484 24.64 40.64 -7.91
C ILE D 484 24.49 40.40 -9.41
N PHE D 485 24.42 39.13 -9.81
CA PHE D 485 24.21 38.77 -11.21
C PHE D 485 22.88 39.32 -11.73
N THR D 486 21.81 39.19 -10.94
CA THR D 486 20.51 39.71 -11.35
C THR D 486 20.55 41.23 -11.49
N LEU D 487 21.18 41.91 -10.53
CA LEU D 487 21.30 43.36 -10.62
C LEU D 487 22.10 43.78 -11.85
N THR D 488 23.18 43.06 -12.15
CA THR D 488 23.96 43.35 -13.35
C THR D 488 23.14 43.13 -14.61
N ALA D 489 22.40 42.02 -14.68
CA ALA D 489 21.61 41.73 -15.86
C ALA D 489 20.52 42.77 -16.08
N TYR D 490 19.83 43.17 -15.01
CA TYR D 490 18.77 44.16 -15.16
C TYR D 490 19.31 45.54 -15.49
N TYR D 491 20.43 45.94 -14.88
CA TYR D 491 21.01 47.26 -15.10
C TYR D 491 21.98 47.30 -16.26
N GLN D 492 22.15 46.20 -16.97
CA GLN D 492 23.01 46.18 -18.14
C GLN D 492 22.39 47.01 -19.26
N PRO D 493 23.12 47.98 -19.82
CA PRO D 493 22.59 48.73 -20.98
C PRO D 493 22.46 47.83 -22.19
N LEU D 494 21.54 48.16 -23.11
CA LEU D 494 21.25 47.29 -24.24
C LEU D 494 21.36 47.97 -25.60
N GLU D 495 21.72 49.24 -25.66
CA GLU D 495 21.68 50.01 -26.90
C GLU D 495 22.91 49.72 -27.75
N GLY D 496 22.68 49.48 -29.04
CA GLY D 496 23.74 49.35 -30.03
C GLY D 496 24.75 48.28 -29.69
N THR D 497 26.02 48.66 -29.78
CA THR D 497 27.16 47.81 -29.48
C THR D 497 27.18 47.51 -27.99
N PRO D 498 27.88 46.46 -27.55
CA PRO D 498 27.96 46.17 -26.11
C PRO D 498 28.48 47.36 -25.34
N PRO D 499 27.95 47.63 -24.16
CA PRO D 499 28.26 48.88 -23.45
C PRO D 499 29.69 48.92 -22.91
N TYR D 500 30.67 48.97 -23.80
CA TYR D 500 32.06 49.17 -23.37
C TYR D 500 32.28 50.48 -22.62
N PRO D 501 31.75 51.63 -23.05
CA PRO D 501 32.10 52.89 -22.38
C PRO D 501 31.48 53.06 -21.00
N TYR D 502 32.13 52.53 -19.95
CA TYR D 502 31.57 52.68 -18.62
C TYR D 502 31.77 54.10 -18.08
N ARG D 503 33.01 54.46 -17.75
CA ARG D 503 33.37 55.75 -17.18
C ARG D 503 32.32 56.36 -16.26
N THR D 504 31.84 55.57 -15.29
CA THR D 504 30.85 56.05 -14.33
C THR D 504 30.91 55.16 -13.10
N THR D 505 30.70 55.77 -11.92
CA THR D 505 30.74 55.00 -10.68
C THR D 505 29.65 53.94 -10.65
N VAL D 506 28.46 54.27 -11.15
CA VAL D 506 27.40 53.26 -11.30
C VAL D 506 27.83 52.20 -12.32
N ASP D 507 28.38 52.64 -13.45
CA ASP D 507 28.89 51.69 -14.43
C ASP D 507 30.09 50.92 -13.90
N TYR D 508 30.88 51.53 -13.01
CA TYR D 508 31.99 50.79 -12.39
C TYR D 508 31.46 49.73 -11.44
N LEU D 509 30.39 50.02 -10.70
CA LEU D 509 29.76 49.00 -9.88
C LEU D 509 29.19 47.87 -10.74
N ARG D 510 28.61 48.22 -11.88
CA ARG D 510 28.11 47.21 -12.82
C ARG D 510 29.25 46.35 -13.35
N LEU D 511 30.39 46.97 -13.65
CA LEU D 511 31.57 46.23 -14.09
C LEU D 511 32.07 45.31 -12.99
N ALA D 512 32.04 45.77 -11.74
CA ALA D 512 32.43 44.92 -10.61
C ALA D 512 31.51 43.71 -10.51
N GLY D 513 30.21 43.92 -10.65
CA GLY D 513 29.28 42.80 -10.67
C GLY D 513 29.56 41.84 -11.81
N GLU D 514 29.83 42.38 -13.00
CA GLU D 514 30.12 41.53 -14.15
C GLU D 514 31.37 40.70 -13.94
N VAL D 515 32.43 41.31 -13.39
CA VAL D 515 33.67 40.57 -13.19
C VAL D 515 33.51 39.56 -12.07
N ILE D 516 32.68 39.84 -11.07
CA ILE D 516 32.37 38.83 -10.06
C ILE D 516 31.65 37.65 -10.70
N THR D 517 30.70 37.92 -11.59
CA THR D 517 30.00 36.85 -12.28
C THR D 517 30.97 36.01 -13.12
N LEU D 518 31.88 36.67 -13.84
CA LEU D 518 32.85 35.94 -14.64
C LEU D 518 33.79 35.13 -13.76
N PHE D 519 34.17 35.67 -12.60
CA PHE D 519 35.00 34.91 -11.66
C PHE D 519 34.28 33.67 -11.18
N THR D 520 33.00 33.79 -10.84
CA THR D 520 32.23 32.62 -10.44
C THR D 520 32.16 31.59 -11.56
N GLY D 521 31.92 32.06 -12.79
CA GLY D 521 31.84 31.14 -13.91
C GLY D 521 33.14 30.40 -14.17
N VAL D 522 34.25 31.13 -14.18
CA VAL D 522 35.54 30.49 -14.42
C VAL D 522 35.93 29.58 -13.26
N LEU D 523 35.55 29.94 -12.03
CA LEU D 523 35.80 29.08 -10.89
C LEU D 523 35.03 27.76 -11.02
N PHE D 524 33.76 27.84 -11.42
CA PHE D 524 32.99 26.61 -11.63
C PHE D 524 33.59 25.78 -12.75
N PHE D 525 33.99 26.42 -13.85
CA PHE D 525 34.58 25.70 -14.97
C PHE D 525 35.88 25.01 -14.55
N PHE D 526 36.74 25.70 -13.80
CA PHE D 526 38.01 25.13 -13.40
C PHE D 526 37.82 24.01 -12.38
N THR D 527 36.85 24.15 -11.47
CA THR D 527 36.57 23.07 -10.53
C THR D 527 36.01 21.85 -11.24
N ASN D 528 35.21 22.05 -12.29
CA ASN D 528 34.68 20.92 -13.03
C ASN D 528 35.77 20.23 -13.84
N ILE D 529 36.65 21.01 -14.49
CA ILE D 529 37.71 20.41 -15.30
C ILE D 529 38.75 19.72 -14.42
N LYS D 530 39.09 20.33 -13.29
CA LYS D 530 40.12 19.77 -12.42
C LYS D 530 39.73 18.40 -11.89
N ASP D 531 38.43 18.12 -11.79
CA ASP D 531 37.99 16.81 -11.34
C ASP D 531 38.46 15.70 -12.29
N LEU D 532 38.65 16.03 -13.57
CA LEU D 532 39.13 15.03 -14.53
C LEU D 532 40.49 14.48 -14.11
N PHE D 533 41.33 15.32 -13.50
CA PHE D 533 42.59 14.90 -12.93
C PHE D 533 42.44 14.37 -11.51
N MET D 534 41.23 13.98 -11.12
CA MET D 534 40.92 13.54 -9.77
C MET D 534 39.79 12.50 -9.90
N LYS D 535 39.09 12.23 -8.80
CA LYS D 535 37.97 11.31 -8.83
C LYS D 535 36.87 11.87 -9.73
N LYS D 536 36.70 11.27 -10.91
CA LYS D 536 35.68 11.69 -11.86
C LYS D 536 35.44 10.54 -12.83
N CYS D 537 34.79 10.86 -13.95
CA CYS D 537 34.46 9.95 -15.05
C CYS D 537 33.56 8.79 -14.62
N PRO D 538 32.43 9.03 -13.94
CA PRO D 538 31.41 7.97 -13.83
C PRO D 538 30.42 8.07 -14.96
N GLY D 539 29.37 7.24 -14.94
CA GLY D 539 28.28 7.41 -15.88
C GLY D 539 27.39 8.58 -15.51
N VAL D 540 27.98 9.77 -15.43
CA VAL D 540 27.26 10.96 -14.92
C VAL D 540 26.64 11.65 -16.13
N ASN D 541 25.44 11.22 -16.48
CA ASN D 541 24.60 11.92 -17.44
C ASN D 541 23.18 12.15 -16.96
N SER D 542 22.65 11.29 -16.08
CA SER D 542 21.36 11.53 -15.44
C SER D 542 21.39 11.11 -13.98
N LEU D 543 22.57 10.87 -13.40
CA LEU D 543 22.66 10.39 -12.04
C LEU D 543 22.19 11.45 -11.04
N PHE D 544 21.51 11.01 -9.99
CA PHE D 544 21.04 11.90 -8.93
C PHE D 544 21.99 11.93 -7.73
N ILE D 545 23.28 11.71 -7.96
CA ILE D 545 24.27 11.62 -6.89
C ILE D 545 25.25 12.77 -7.04
N ASP D 546 24.72 13.93 -7.46
CA ASP D 546 25.45 15.17 -7.79
C ASP D 546 26.19 15.04 -9.11
N GLY D 547 25.98 13.95 -9.86
CA GLY D 547 26.58 13.82 -11.17
C GLY D 547 25.85 14.56 -12.26
N SER D 548 24.65 15.05 -11.98
CA SER D 548 23.89 15.85 -12.95
C SER D 548 23.92 17.33 -12.58
N PHE D 549 23.91 17.64 -11.29
CA PHE D 549 24.08 19.03 -10.89
C PHE D 549 25.46 19.56 -11.27
N GLN D 550 26.49 18.70 -11.26
CA GLN D 550 27.79 19.12 -11.77
C GLN D 550 27.71 19.40 -13.27
N LEU D 551 26.91 18.63 -14.00
CA LEU D 551 26.71 18.89 -15.43
C LEU D 551 26.03 20.24 -15.65
N LEU D 552 25.01 20.54 -14.82
CA LEU D 552 24.36 21.85 -14.94
C LEU D 552 25.31 22.98 -14.56
N TYR D 553 26.15 22.79 -13.56
CA TYR D 553 27.17 23.79 -13.24
C TYR D 553 28.15 23.97 -14.39
N PHE D 554 28.54 22.87 -15.04
CA PHE D 554 29.40 22.96 -16.21
C PHE D 554 28.74 23.76 -17.32
N ILE D 555 27.45 23.50 -17.57
CA ILE D 555 26.72 24.23 -18.59
C ILE D 555 26.66 25.71 -18.26
N TYR D 556 26.34 26.04 -17.01
CA TYR D 556 26.29 27.43 -16.58
C TYR D 556 27.64 28.12 -16.76
N SER D 557 28.72 27.43 -16.36
CA SER D 557 30.05 28.04 -16.46
C SER D 557 30.44 28.26 -17.90
N VAL D 558 30.30 27.25 -18.76
CA VAL D 558 30.71 27.39 -20.15
C VAL D 558 29.86 28.43 -20.86
N LEU D 559 28.58 28.51 -20.51
CA LEU D 559 27.72 29.48 -21.18
C LEU D 559 27.96 30.90 -20.69
N VAL D 560 28.32 31.08 -19.41
CA VAL D 560 28.76 32.40 -18.96
C VAL D 560 30.06 32.79 -19.65
N ILE D 561 30.97 31.84 -19.83
CA ILE D 561 32.22 32.14 -20.52
C ILE D 561 31.96 32.56 -21.97
N VAL D 562 31.07 31.84 -22.66
CA VAL D 562 30.77 32.21 -24.04
C VAL D 562 30.00 33.53 -24.09
N SER D 563 29.20 33.83 -23.07
CA SER D 563 28.55 35.13 -23.00
C SER D 563 29.57 36.24 -22.88
N ALA D 564 30.58 36.04 -22.02
CA ALA D 564 31.66 37.02 -21.90
C ALA D 564 32.41 37.16 -23.22
N ALA D 565 32.65 36.05 -23.90
CA ALA D 565 33.36 36.10 -25.18
C ALA D 565 32.56 36.89 -26.21
N LEU D 566 31.25 36.67 -26.28
CA LEU D 566 30.42 37.43 -27.23
C LEU D 566 30.32 38.90 -26.83
N TYR D 567 30.34 39.19 -25.52
CA TYR D 567 30.35 40.58 -25.08
C TYR D 567 31.65 41.28 -25.44
N LEU D 568 32.78 40.59 -25.37
CA LEU D 568 34.07 41.17 -25.77
C LEU D 568 34.28 41.18 -27.27
N ALA D 569 33.52 40.36 -28.02
CA ALA D 569 33.64 40.30 -29.47
C ALA D 569 32.62 41.18 -30.19
N GLY D 570 31.79 41.91 -29.45
CA GLY D 570 30.80 42.77 -30.05
C GLY D 570 29.47 42.12 -30.40
N ILE D 571 29.33 40.82 -30.14
CA ILE D 571 28.07 40.14 -30.44
C ILE D 571 27.01 40.57 -29.44
N GLU D 572 25.85 40.99 -29.95
CA GLU D 572 24.79 41.53 -29.10
C GLU D 572 24.04 40.45 -28.34
N ALA D 573 24.08 39.19 -28.81
CA ALA D 573 23.38 38.08 -28.16
C ALA D 573 23.99 37.69 -26.83
N TYR D 574 24.99 38.43 -26.36
CA TYR D 574 25.56 38.15 -25.04
C TYR D 574 24.51 38.35 -23.96
N LEU D 575 23.63 39.34 -24.10
CA LEU D 575 22.53 39.52 -23.16
C LEU D 575 21.59 38.33 -23.19
N ALA D 576 21.26 37.84 -24.39
CA ALA D 576 20.34 36.72 -24.50
C ALA D 576 20.89 35.47 -23.83
N VAL D 577 22.17 35.19 -24.04
CA VAL D 577 22.74 34.01 -23.38
C VAL D 577 22.92 34.26 -21.89
N MET D 578 23.22 35.50 -21.49
CA MET D 578 23.45 35.80 -20.09
C MET D 578 22.18 35.63 -19.27
N VAL D 579 21.03 36.04 -19.80
CA VAL D 579 19.77 35.86 -19.07
C VAL D 579 19.47 34.37 -18.90
N PHE D 580 19.73 33.57 -19.94
CA PHE D 580 19.54 32.13 -19.83
C PHE D 580 20.46 31.54 -18.78
N ALA D 581 21.71 32.00 -18.74
CA ALA D 581 22.65 31.55 -17.72
C ALA D 581 22.16 31.90 -16.33
N LEU D 582 21.60 33.11 -16.18
CA LEU D 582 21.07 33.54 -14.90
C LEU D 582 19.91 32.65 -14.46
N VAL D 583 19.03 32.31 -15.39
CA VAL D 583 17.90 31.44 -15.06
C VAL D 583 18.39 30.06 -14.65
N LEU D 584 19.34 29.50 -15.40
CA LEU D 584 19.90 28.20 -15.02
C LEU D 584 20.60 28.26 -13.67
N GLY D 585 21.25 29.38 -13.35
CA GLY D 585 21.86 29.52 -12.04
C GLY D 585 20.82 29.56 -10.93
N TRP D 586 19.73 30.28 -11.15
CA TRP D 586 18.68 30.35 -10.13
C TRP D 586 18.02 29.00 -9.92
N MET D 587 17.89 28.20 -10.98
CA MET D 587 17.38 26.84 -10.81
C MET D 587 18.42 25.94 -10.16
N ASN D 588 19.71 26.15 -10.46
CA ASN D 588 20.78 25.40 -9.81
C ASN D 588 20.86 25.69 -8.33
N ALA D 589 20.38 26.87 -7.91
CA ALA D 589 20.31 27.18 -6.48
C ALA D 589 19.58 26.11 -5.68
N LEU D 590 18.79 25.25 -6.34
CA LEU D 590 18.15 24.13 -5.67
C LEU D 590 19.16 23.09 -5.19
N TYR D 591 20.41 23.19 -5.63
CA TYR D 591 21.46 22.30 -5.12
C TYR D 591 21.53 22.36 -3.60
N PHE D 592 21.36 23.55 -3.04
CA PHE D 592 21.47 23.74 -1.59
C PHE D 592 20.22 23.37 -0.83
N THR D 593 19.34 22.55 -1.41
CA THR D 593 18.20 21.99 -0.69
C THR D 593 18.53 20.64 -0.04
N ARG D 594 19.79 20.21 -0.12
CA ARG D 594 20.20 18.92 0.46
C ARG D 594 20.42 19.00 1.96
N GLY D 595 20.40 20.20 2.55
CA GLY D 595 20.56 20.38 3.97
C GLY D 595 19.29 20.25 4.78
N LEU D 596 18.19 19.84 4.15
CA LEU D 596 16.92 19.68 4.84
C LEU D 596 16.27 18.39 4.36
N LYS D 597 15.42 17.81 5.21
CA LYS D 597 14.73 16.59 4.86
C LYS D 597 13.55 16.87 3.94
N TYR D 602 6.64 21.52 4.33
CA TYR D 602 7.82 22.37 4.14
C TYR D 602 8.98 21.56 3.56
N SER D 603 9.87 21.10 4.45
CA SER D 603 11.00 20.30 4.00
C SER D 603 10.54 19.02 3.32
N ILE D 604 9.45 18.43 3.81
CA ILE D 604 8.95 17.19 3.22
C ILE D 604 8.51 17.41 1.77
N MET D 605 7.74 18.46 1.50
CA MET D 605 7.26 18.67 0.14
C MET D 605 8.35 19.25 -0.76
N ILE D 606 9.35 19.92 -0.17
CA ILE D 606 10.52 20.32 -0.96
C ILE D 606 11.30 19.09 -1.42
N GLN D 607 11.50 18.12 -0.52
CA GLN D 607 12.22 16.91 -0.89
C GLN D 607 11.42 16.02 -1.82
N LYS D 608 10.10 15.95 -1.66
CA LYS D 608 9.28 15.06 -2.47
C LYS D 608 9.38 15.38 -3.95
N ILE D 609 9.40 16.66 -4.31
CA ILE D 609 9.56 17.07 -5.70
C ILE D 609 11.03 16.99 -6.08
N LEU D 610 11.32 16.34 -7.20
CA LEU D 610 12.67 16.22 -7.72
C LEU D 610 12.85 17.14 -8.92
N PHE D 611 13.93 17.92 -8.90
CA PHE D 611 14.20 18.84 -9.99
C PHE D 611 14.49 18.11 -11.29
N LYS D 612 15.11 16.94 -11.22
CA LYS D 612 15.48 16.21 -12.43
C LYS D 612 14.25 15.77 -13.22
N ASP D 613 13.22 15.31 -12.52
CA ASP D 613 11.96 14.98 -13.20
C ASP D 613 11.35 16.21 -13.85
N LEU D 614 11.39 17.35 -13.15
CA LEU D 614 10.86 18.59 -13.71
C LEU D 614 11.70 19.09 -14.88
N PHE D 615 13.03 19.03 -14.76
CA PHE D 615 13.88 19.49 -15.86
C PHE D 615 13.78 18.58 -17.08
N ARG D 616 13.66 17.26 -16.86
CA ARG D 616 13.50 16.34 -17.99
C ARG D 616 12.22 16.64 -18.75
N PHE D 617 11.10 16.80 -18.03
CA PHE D 617 9.84 17.12 -18.70
C PHE D 617 9.91 18.48 -19.39
N LEU D 618 10.57 19.45 -18.75
CA LEU D 618 10.72 20.77 -19.36
C LEU D 618 11.49 20.69 -20.67
N LEU D 619 12.61 19.95 -20.68
CA LEU D 619 13.43 19.86 -21.88
C LEU D 619 12.74 19.05 -22.96
N VAL D 620 11.94 18.06 -22.58
CA VAL D 620 11.13 17.35 -23.55
C VAL D 620 10.08 18.27 -24.16
N TYR D 621 9.38 19.05 -23.32
CA TYR D 621 8.31 19.91 -23.80
C TYR D 621 8.84 20.99 -24.74
N LEU D 622 9.97 21.60 -24.39
CA LEU D 622 10.51 22.66 -25.25
C LEU D 622 10.92 22.11 -26.62
N LEU D 623 11.63 20.97 -26.64
CA LEU D 623 12.01 20.38 -27.92
C LEU D 623 10.78 19.95 -28.71
N PHE D 624 9.77 19.39 -28.03
CA PHE D 624 8.53 19.02 -28.72
C PHE D 624 7.88 20.23 -29.37
N MET D 625 7.78 21.34 -28.63
CA MET D 625 7.16 22.55 -29.17
C MET D 625 7.95 23.08 -30.36
N ILE D 626 9.27 23.15 -30.25
CA ILE D 626 10.07 23.68 -31.34
C ILE D 626 9.99 22.79 -32.57
N GLY D 627 10.11 21.47 -32.38
CA GLY D 627 10.04 20.56 -33.51
C GLY D 627 8.68 20.54 -34.18
N TYR D 628 7.61 20.66 -33.39
CA TYR D 628 6.28 20.69 -33.96
C TYR D 628 6.01 22.01 -34.68
N ALA D 629 6.50 23.12 -34.15
CA ALA D 629 6.38 24.40 -34.85
C ALA D 629 7.15 24.39 -36.16
N SER D 630 8.32 23.74 -36.18
CA SER D 630 9.09 23.64 -37.41
C SER D 630 8.31 22.88 -38.48
N ALA D 631 7.60 21.82 -38.08
CA ALA D 631 6.77 21.09 -39.04
C ALA D 631 5.60 21.93 -39.54
N LEU D 632 4.90 22.62 -38.64
CA LEU D 632 3.72 23.39 -39.03
C LEU D 632 4.08 24.58 -39.91
N VAL D 633 5.19 25.26 -39.62
CA VAL D 633 5.56 26.43 -40.40
C VAL D 633 5.93 26.06 -41.83
N SER D 634 6.21 24.78 -42.09
CA SER D 634 6.49 24.35 -43.45
C SER D 634 5.26 24.49 -44.34
N LEU D 635 4.08 24.20 -43.80
CA LEU D 635 2.86 24.23 -44.61
C LEU D 635 2.52 25.62 -45.12
N LEU D 636 2.95 26.67 -44.43
CA LEU D 636 2.61 28.03 -44.83
C LEU D 636 3.18 28.34 -46.20
N ASN D 637 2.34 28.88 -47.08
CA ASN D 637 2.78 29.23 -48.42
C ASN D 637 3.68 30.45 -48.38
N PRO D 638 4.74 30.48 -49.19
CA PRO D 638 5.66 31.63 -49.17
C PRO D 638 5.04 32.85 -49.86
N CYS D 639 5.86 33.88 -49.99
CA CYS D 639 5.45 35.11 -50.65
C CYS D 639 5.26 34.89 -52.15
N VAL D 654 3.86 41.91 -49.52
CA VAL D 654 3.98 40.53 -49.06
C VAL D 654 4.27 40.48 -47.55
N PRO D 655 3.30 40.03 -46.76
CA PRO D 655 3.53 39.93 -45.31
C PRO D 655 4.46 38.79 -44.96
N THR D 656 4.89 38.73 -43.69
CA THR D 656 5.79 37.67 -43.26
C THR D 656 5.18 36.71 -42.23
N TYR D 657 4.75 37.18 -41.07
CA TYR D 657 4.14 36.31 -40.08
C TYR D 657 2.67 36.03 -40.38
N PRO D 658 1.83 37.05 -40.67
CA PRO D 658 0.42 36.76 -40.94
C PRO D 658 0.15 36.47 -42.41
N SER D 659 -0.65 35.42 -42.66
CA SER D 659 -1.17 35.11 -44.00
C SER D 659 -0.05 34.88 -45.01
N CYS D 660 1.13 34.50 -44.54
CA CYS D 660 2.27 34.23 -45.41
C CYS D 660 3.38 33.60 -44.59
N ARG D 661 4.49 33.30 -45.28
CA ARG D 661 5.67 32.74 -44.66
C ARG D 661 6.91 33.47 -45.15
N ASP D 662 7.92 33.54 -44.28
CA ASP D 662 9.20 34.16 -44.62
C ASP D 662 10.29 33.42 -43.88
N SER D 663 11.53 33.64 -44.30
CA SER D 663 12.67 33.01 -43.65
C SER D 663 12.80 33.38 -42.18
N GLU D 664 12.20 34.49 -41.76
CA GLU D 664 12.26 34.93 -40.36
C GLU D 664 11.00 34.58 -39.58
N THR D 665 9.94 34.10 -40.25
CA THR D 665 8.64 33.94 -39.61
C THR D 665 8.63 32.89 -38.50
N PHE D 666 9.66 32.05 -38.40
CA PHE D 666 9.66 31.03 -37.35
C PHE D 666 9.85 31.66 -35.98
N SER D 667 10.57 32.79 -35.90
CA SER D 667 10.78 33.43 -34.62
C SER D 667 9.48 33.96 -34.03
N THR D 668 8.53 34.36 -34.88
CA THR D 668 7.25 34.89 -34.42
C THR D 668 6.13 33.87 -34.42
N PHE D 669 6.23 32.82 -35.23
CA PHE D 669 5.17 31.82 -35.28
C PHE D 669 5.09 31.02 -33.99
N LEU D 670 6.22 30.72 -33.38
CA LEU D 670 6.21 29.97 -32.12
C LEU D 670 5.44 30.71 -31.03
N LEU D 671 5.42 32.06 -31.10
CA LEU D 671 4.62 32.83 -30.17
C LEU D 671 3.14 32.51 -30.31
N ASP D 672 2.66 32.33 -31.55
CA ASP D 672 1.26 31.99 -31.75
C ASP D 672 0.91 30.66 -31.12
N LEU D 673 1.77 29.65 -31.28
CA LEU D 673 1.53 28.36 -30.66
C LEU D 673 1.56 28.46 -29.14
N PHE D 674 2.52 29.22 -28.59
CA PHE D 674 2.60 29.37 -27.14
C PHE D 674 1.36 30.06 -26.58
N LYS D 675 0.86 31.08 -27.27
CA LYS D 675 -0.38 31.72 -26.85
C LYS D 675 -1.60 30.80 -27.02
N LEU D 676 -1.60 29.95 -28.05
CA LEU D 676 -2.77 29.12 -28.32
C LEU D 676 -2.85 27.95 -27.34
N THR D 677 -1.71 27.41 -26.92
CA THR D 677 -1.75 26.33 -25.93
C THR D 677 -2.15 26.85 -24.57
N ILE D 678 -1.86 28.11 -24.27
CA ILE D 678 -2.36 28.73 -23.05
C ILE D 678 -3.88 28.90 -23.11
N GLY D 679 -4.39 29.42 -24.22
CA GLY D 679 -5.80 29.69 -24.37
C GLY D 679 -6.07 31.08 -24.91
N MET D 680 -5.00 31.81 -25.22
CA MET D 680 -5.10 33.18 -25.71
C MET D 680 -4.75 33.29 -27.20
N GLY D 681 -4.66 32.15 -27.89
CA GLY D 681 -4.22 32.15 -29.28
C GLY D 681 -5.34 32.53 -30.23
N ASP D 682 -4.94 32.84 -31.46
CA ASP D 682 -5.88 33.21 -32.52
C ASP D 682 -5.77 32.24 -33.68
N LEU D 683 -6.91 31.98 -34.32
CA LEU D 683 -6.98 31.09 -35.47
C LEU D 683 -6.64 31.80 -36.78
N GLU D 684 -5.96 32.95 -36.72
CA GLU D 684 -5.59 33.67 -37.92
C GLU D 684 -4.64 32.89 -38.81
N MET D 685 -3.69 32.17 -38.23
CA MET D 685 -2.74 31.40 -39.03
C MET D 685 -3.38 30.23 -39.75
N LEU D 686 -4.61 29.85 -39.36
CA LEU D 686 -5.30 28.78 -40.07
C LEU D 686 -5.57 29.18 -41.52
N SER D 687 -5.99 30.43 -41.74
CA SER D 687 -6.18 30.91 -43.10
C SER D 687 -4.85 31.24 -43.79
N SER D 688 -3.75 31.31 -43.03
CA SER D 688 -2.47 31.61 -43.62
C SER D 688 -2.00 30.48 -44.53
N THR D 689 -2.13 29.24 -44.07
CA THR D 689 -1.68 28.10 -44.86
C THR D 689 -2.60 27.89 -46.06
N LYS D 690 -2.03 27.31 -47.12
CA LYS D 690 -2.81 27.00 -48.31
C LYS D 690 -3.56 25.67 -48.17
N TYR D 691 -3.26 24.89 -47.14
CA TYR D 691 -3.84 23.57 -47.00
C TYR D 691 -4.40 23.39 -45.60
N PRO D 692 -5.51 24.08 -45.27
CA PRO D 692 -6.01 24.01 -43.88
C PRO D 692 -6.56 22.65 -43.48
N VAL D 693 -6.89 21.79 -44.45
CA VAL D 693 -7.53 20.52 -44.12
C VAL D 693 -6.61 19.65 -43.26
N VAL D 694 -5.30 19.68 -43.51
CA VAL D 694 -4.36 18.89 -42.72
C VAL D 694 -3.80 19.77 -41.61
N PHE D 695 -3.81 21.08 -41.83
CA PHE D 695 -3.29 22.00 -40.81
C PHE D 695 -4.14 21.95 -39.55
N ILE D 696 -5.46 21.90 -39.69
CA ILE D 696 -6.34 21.80 -38.52
C ILE D 696 -6.09 20.49 -37.77
N ILE D 697 -5.94 19.39 -38.50
CA ILE D 697 -5.68 18.10 -37.86
C ILE D 697 -4.36 18.15 -37.10
N LEU D 698 -3.32 18.72 -37.72
CA LEU D 698 -2.04 18.84 -37.04
C LEU D 698 -2.12 19.71 -35.80
N LEU D 699 -2.84 20.83 -35.87
CA LEU D 699 -2.99 21.68 -34.69
C LEU D 699 -3.74 20.97 -33.57
N VAL D 700 -4.79 20.24 -33.92
CA VAL D 700 -5.53 19.48 -32.90
C VAL D 700 -4.65 18.42 -32.27
N THR D 701 -3.87 17.70 -33.08
CA THR D 701 -2.95 16.70 -32.52
C THR D 701 -1.92 17.35 -31.61
N TYR D 702 -1.40 18.52 -32.02
CA TYR D 702 -0.44 19.23 -31.17
C TYR D 702 -1.05 19.60 -29.83
N ILE D 703 -2.28 20.12 -29.83
CA ILE D 703 -2.93 20.47 -28.58
C ILE D 703 -3.21 19.23 -27.73
N ILE D 704 -3.65 18.14 -28.34
CA ILE D 704 -3.93 16.92 -27.59
C ILE D 704 -2.66 16.40 -26.93
N LEU D 705 -1.55 16.35 -27.69
CA LEU D 705 -0.29 15.88 -27.12
C LEU D 705 0.24 16.83 -26.06
N THR D 706 0.05 18.14 -26.23
CA THR D 706 0.48 19.08 -25.20
C THR D 706 -0.29 18.85 -23.90
N PHE D 707 -1.61 18.68 -24.00
CA PHE D 707 -2.41 18.37 -22.83
C PHE D 707 -2.01 17.04 -22.20
N VAL D 708 -1.73 16.04 -23.03
CA VAL D 708 -1.31 14.73 -22.50
C VAL D 708 0.00 14.88 -21.73
N LEU D 709 0.96 15.62 -22.29
CA LEU D 709 2.24 15.81 -21.61
C LEU D 709 2.07 16.54 -20.29
N LEU D 710 1.31 17.66 -20.30
CA LEU D 710 1.12 18.43 -19.08
C LEU D 710 0.41 17.60 -18.01
N LEU D 711 -0.65 16.89 -18.37
CA LEU D 711 -1.38 16.11 -17.37
C LEU D 711 -0.56 14.90 -16.91
N ASN D 712 0.21 14.29 -17.80
CA ASN D 712 1.07 13.18 -17.37
C ASN D 712 2.09 13.66 -16.35
N MET D 713 2.68 14.83 -16.59
CA MET D 713 3.54 15.44 -15.58
C MET D 713 2.77 15.72 -14.29
N LEU D 714 1.49 16.09 -14.41
CA LEU D 714 0.70 16.38 -13.23
C LEU D 714 0.47 15.14 -12.37
N ILE D 715 0.07 14.03 -13.01
CA ILE D 715 -0.03 12.76 -12.26
C ILE D 715 1.33 12.32 -11.74
N ALA D 716 2.41 12.58 -12.48
CA ALA D 716 3.73 12.28 -11.94
C ALA D 716 3.97 13.01 -10.62
N LEU D 717 3.67 14.30 -10.58
CA LEU D 717 3.81 15.07 -9.35
C LEU D 717 2.88 14.54 -8.25
N MET D 718 1.63 14.23 -8.60
CA MET D 718 0.68 13.75 -7.60
C MET D 718 1.15 12.46 -6.98
N GLY D 719 1.57 11.50 -7.80
CA GLY D 719 2.04 10.23 -7.28
C GLY D 719 3.33 10.36 -6.49
N GLU D 720 4.21 11.28 -6.91
CA GLU D 720 5.46 11.45 -6.19
C GLU D 720 5.28 12.17 -4.87
N THR D 721 4.25 13.02 -4.74
CA THR D 721 4.05 13.79 -3.52
C THR D 721 2.98 13.22 -2.59
N VAL D 722 2.14 12.29 -3.06
CA VAL D 722 1.10 11.75 -2.19
C VAL D 722 1.69 10.86 -1.11
N GLY D 723 2.74 10.10 -1.43
CA GLY D 723 3.33 9.19 -0.48
C GLY D 723 4.03 9.86 0.69
N GLN D 724 4.55 11.07 0.50
CA GLN D 724 5.24 11.77 1.56
C GLN D 724 6.65 11.27 1.77
N VAL D 725 6.80 10.07 2.32
CA VAL D 725 8.09 9.43 2.54
C VAL D 725 8.05 8.08 1.84
N SER D 726 8.90 7.90 0.83
CA SER D 726 8.99 6.65 0.10
C SER D 726 10.19 5.84 0.60
N LYS D 727 10.24 4.58 0.21
CA LYS D 727 11.33 3.69 0.60
C LYS D 727 12.66 4.19 0.05
N GLU D 728 12.67 4.58 -1.23
CA GLU D 728 13.89 5.09 -1.84
C GLU D 728 14.02 6.60 -1.70
N SER D 729 12.90 7.33 -1.73
CA SER D 729 12.96 8.78 -1.60
C SER D 729 13.22 9.18 -0.15
N LYS D 730 14.49 9.11 0.25
CA LYS D 730 14.97 9.32 1.61
C LYS D 730 16.40 8.78 1.71
N HIS D 731 16.60 7.57 1.21
CA HIS D 731 17.95 7.06 1.04
C HIS D 731 18.73 7.93 0.06
N ILE D 732 18.06 8.35 -1.01
CA ILE D 732 18.68 9.28 -1.97
C ILE D 732 19.05 10.59 -1.27
N TRP D 733 18.15 11.14 -0.46
CA TRP D 733 18.44 12.38 0.26
C TRP D 733 19.64 12.21 1.19
N LYS D 734 19.69 11.10 1.92
CA LYS D 734 20.85 10.82 2.77
C LYS D 734 22.12 10.75 1.94
N LEU D 735 22.03 10.16 0.74
CA LEU D 735 23.20 10.06 -0.13
C LEU D 735 23.69 11.45 -0.54
N GLN D 736 22.77 12.33 -0.95
CA GLN D 736 23.20 13.68 -1.31
C GLN D 736 23.76 14.42 -0.09
N TRP D 737 23.16 14.22 1.08
CA TRP D 737 23.65 14.91 2.27
C TRP D 737 25.07 14.48 2.60
N ALA D 738 25.34 13.17 2.54
CA ALA D 738 26.69 12.66 2.77
C ALA D 738 27.66 13.16 1.71
N THR D 739 27.24 13.19 0.44
CA THR D 739 28.10 13.69 -0.62
C THR D 739 28.46 15.15 -0.39
N THR D 740 27.49 15.97 0.01
CA THR D 740 27.75 17.37 0.29
C THR D 740 28.72 17.52 1.45
N ILE D 741 28.52 16.74 2.52
CA ILE D 741 29.41 16.83 3.68
C ILE D 741 30.83 16.48 3.28
N LEU D 742 31.01 15.39 2.53
CA LEU D 742 32.35 14.99 2.14
C LEU D 742 32.99 15.96 1.16
N ASP D 743 32.19 16.54 0.25
CA ASP D 743 32.73 17.54 -0.66
C ASP D 743 33.19 18.78 0.08
N ILE D 744 32.43 19.19 1.10
CA ILE D 744 32.86 20.30 1.94
C ILE D 744 34.15 19.95 2.67
N GLU D 745 34.23 18.74 3.21
CA GLU D 745 35.42 18.33 3.95
C GLU D 745 36.66 18.30 3.06
N ARG D 746 36.51 17.80 1.83
CA ARG D 746 37.66 17.67 0.94
C ARG D 746 38.23 19.01 0.49
N SER D 747 37.46 20.10 0.64
CA SER D 747 37.93 21.42 0.24
C SER D 747 38.80 22.08 1.31
N PHE D 748 38.96 21.47 2.48
CA PHE D 748 39.73 22.04 3.55
C PHE D 748 41.17 21.53 3.53
N PRO D 749 42.12 22.32 4.02
CA PRO D 749 43.51 21.86 4.09
C PRO D 749 43.67 20.73 5.11
N VAL D 750 44.86 20.12 5.09
CA VAL D 750 45.13 18.98 5.97
C VAL D 750 45.07 19.40 7.42
N PHE D 751 45.71 20.51 7.77
CA PHE D 751 45.72 20.95 9.16
C PHE D 751 44.34 21.39 9.62
N LEU D 752 43.57 22.02 8.73
CA LEU D 752 42.21 22.41 9.08
C LEU D 752 41.34 21.20 9.35
N ARG D 753 41.50 20.14 8.54
CA ARG D 753 40.78 18.90 8.79
C ARG D 753 41.24 18.26 10.10
N LYS D 754 42.54 18.36 10.41
CA LYS D 754 43.04 17.87 11.69
C LYS D 754 42.38 18.61 12.85
N ALA D 755 42.22 19.92 12.72
CA ALA D 755 41.52 20.68 13.75
C ALA D 755 40.08 20.25 13.88
N PHE D 756 39.41 19.96 12.76
CA PHE D 756 38.03 19.52 12.74
C PHE D 756 37.90 18.00 12.70
N ARG D 757 38.95 17.28 13.07
CA ARG D 757 38.90 15.82 13.09
C ARG D 757 37.85 15.34 14.07
N SER D 758 36.83 14.67 13.56
CA SER D 758 35.73 14.19 14.39
C SER D 758 36.21 13.11 15.35
N GLY D 759 35.55 13.02 16.50
CA GLY D 759 35.92 12.08 17.53
C GLY D 759 36.93 12.69 18.50
N GLU D 760 37.17 11.95 19.58
CA GLU D 760 38.09 12.35 20.62
C GLU D 760 39.21 11.34 20.75
N MET D 761 40.41 11.82 21.05
CA MET D 761 41.54 10.94 21.29
C MET D 761 41.35 10.17 22.59
N VAL D 762 41.67 8.89 22.58
CA VAL D 762 41.48 8.03 23.74
C VAL D 762 42.44 6.85 23.65
N THR D 763 42.92 6.41 24.80
CA THR D 763 43.76 5.22 24.90
C THR D 763 42.86 4.03 25.19
N VAL D 764 42.51 3.27 24.15
CA VAL D 764 41.54 2.20 24.31
C VAL D 764 42.10 1.06 25.16
N GLY D 765 43.39 0.78 25.02
CA GLY D 765 43.97 -0.32 25.77
C GLY D 765 45.48 -0.34 25.62
N LYS D 766 46.07 -1.43 26.11
CA LYS D 766 47.51 -1.64 26.08
C LYS D 766 47.87 -2.65 24.99
N SER D 767 49.16 -2.67 24.66
CA SER D 767 49.68 -3.56 23.63
C SER D 767 51.03 -4.10 24.10
N SER D 768 51.77 -4.70 23.18
CA SER D 768 53.08 -5.26 23.53
C SER D 768 54.03 -4.15 23.96
N ASP D 769 54.92 -4.50 24.89
CA ASP D 769 55.91 -3.56 25.45
C ASP D 769 55.24 -2.38 26.14
N GLY D 770 54.01 -2.57 26.61
CA GLY D 770 53.30 -1.52 27.33
C GLY D 770 52.96 -0.30 26.52
N THR D 771 53.06 -0.37 25.19
CA THR D 771 52.77 0.79 24.36
C THR D 771 51.26 1.06 24.36
N PRO D 772 50.83 2.27 24.70
CA PRO D 772 49.39 2.57 24.66
C PRO D 772 48.85 2.54 23.25
N ASP D 773 47.59 2.15 23.13
CA ASP D 773 46.90 2.08 21.84
C ASP D 773 46.30 3.44 21.53
N ARG D 774 46.96 4.19 20.65
CA ARG D 774 46.53 5.54 20.30
C ARG D 774 45.68 5.45 19.04
N ARG D 775 44.36 5.39 19.23
CA ARG D 775 43.41 5.33 18.13
C ARG D 775 42.35 6.41 18.33
N TRP D 776 42.12 7.20 17.28
CA TRP D 776 40.99 8.11 17.28
C TRP D 776 39.68 7.33 17.29
N CYS D 777 38.76 7.73 18.16
CA CYS D 777 37.54 6.97 18.38
C CYS D 777 36.35 7.91 18.45
N PHE D 778 35.17 7.34 18.18
CA PHE D 778 33.92 8.09 18.15
C PHE D 778 32.94 7.42 19.11
N ARG D 779 32.42 8.18 20.06
CA ARG D 779 31.47 7.66 21.04
C ARG D 779 30.06 7.69 20.48
N VAL D 780 29.33 6.59 20.67
CA VAL D 780 27.93 6.48 20.29
C VAL D 780 27.21 5.84 21.47
N ASP D 781 26.53 6.66 22.27
CA ASP D 781 25.84 6.16 23.46
C ASP D 781 24.45 5.61 23.10
N GLU D 782 24.02 4.61 23.85
CA GLU D 782 22.75 3.95 23.62
C GLU D 782 22.07 3.68 24.96
N VAL D 783 20.75 3.60 24.93
CA VAL D 783 19.94 3.29 26.10
C VAL D 783 19.15 2.03 25.81
N ASN D 784 19.09 1.12 26.79
CA ASN D 784 18.38 -0.15 26.61
C ASN D 784 18.03 -0.71 27.98
N TRP D 785 16.74 -0.76 28.29
CA TRP D 785 16.26 -1.38 29.52
C TRP D 785 15.89 -2.85 29.30
N SER D 786 16.81 -3.63 28.73
CA SER D 786 16.49 -5.01 28.44
C SER D 786 17.50 -6.00 29.01
N HIS D 787 18.79 -5.69 28.96
CA HIS D 787 19.84 -6.58 29.44
C HIS D 787 20.55 -5.89 30.61
N TRP D 788 20.72 -6.61 31.70
CA TRP D 788 21.33 -6.06 32.90
C TRP D 788 22.63 -6.78 33.23
#